data_6K4P
#
_entry.id   6K4P
#
_cell.length_a   177.785
_cell.length_b   69.667
_cell.length_c   189.016
_cell.angle_alpha   90.00
_cell.angle_beta   109.52
_cell.angle_gamma   90.00
#
_symmetry.space_group_name_H-M   'C 1 2 1'
#
loop_
_entity.id
_entity.type
_entity.pdbx_description
1 polymer sgRNA
2 polymer 'DNA (28-MER)'
3 polymer 'non-targeted DNA'
4 polymer 'CRISPR-associated endonuclease Cas9/Csn1'
5 non-polymer 'PHOSPHATE ION'
6 water water
#
loop_
_entity_poly.entity_id
_entity_poly.type
_entity_poly.pdbx_seq_one_letter_code
_entity_poly.pdbx_strand_id
1 'polyribonucleotide'
;GGAUAACUCAAUUUGUAAAAAAGUUUUAGAGCUAGAAAUAGCAAGUUAAAAUAAGGCUAGUCCGUUAUCAACUUGAAAAA
GUGC
;
A
2 'polydeoxyribonucleotide'
;(DC)(DA)(DA)(DT)(DA)(DC)(DC)(DA)(DT)(DT)(DT)(DT)(DT)(DT)(DA)(DC)(DA)(DA)(DA)(DT)
(DT)(DG)(DA)(DG)(DT)(DT)(DA)(DT)
;
C
3 'polydeoxyribonucleotide' (DA)(DA)(DA)(DA)(DT)(DG)(DG)(DT)(DA)(DT)(DT)(DG) D
4 'polypeptide(L)'
;MDKKYSIGLAIGTNSVGWAVITDEYKVPSKKFKVLGNTDRHSIKKNLIGALLFDSGETAEATRLKRTARRRYTRRKNRIL
YLQEIFSNEMAKVDDSFFHRLEESFLVEEDKKHERHPIFGNIVDEVAYHEKYPTIYHLRKKLVDSTDKADLRLIYLALAH
MIKFRGHFLIEGDLNPDNSDVDKLFIQLVQTYNQLFEENPINASGVDAKAILSARLSKSRRLENLIAQLPGEKKNGLFGN
LIALSLGLTPNFKSNFDLAEDTKLQLSKDTYDDDLDNLLAQIGDQYADLFLAAKNLSDAILLSDILRVNTEITKAPLSAS
MIKLYDEHHQDLTLLKALVRQQLPEKYKEIFFDQSKNGYAGYIDGGASQEEFYKFIKPILEKMDGTEELLVKLNREDLLR
KQRTFDNGIIPHQIHLGELHAILRRQEDFYPFLKDNREKIEKILTFRIPYYVGPLARGNSRFAWMTRKSEETITPWNFEK
VVDKGASAQSFIERMTNFDKNLPNEKVLPKHSLLYEYFTVYNELTKVKYVTEGMRKPAFLSGDQKKAIVDLLFKTNRKVT
VKQLKEDYFKKIEEFDSVEISGVEDRFNASLGTYHDLLKIIKDKDFLDNEENEDILEDIVLTLTLFEDREMIEERLKTYA
HLFDDKVMKQLKRRRYTGWGRLSRKLINGIRDKQSGKTILDFLKSDGFANRNFIQLIHDDSLTFKEDIQKAQVSGQGDSL
HEHIANLAGSPAIKKGILQTVKVVDELVKVMGRHKPENIVIEMARENQTTQKGQKNSRERMKRIEEGIKELGSQILKEHP
VENTQLQNEKLYLYYLQNGRDMYVDQELDINRLSDYDVDAIVPQSFLKDDSIDNKVLTRSDKNRGKSDNVPSEEVVKKMK
NYWRQLLNAKLITQRKFDNLTKAERGGLSELDKAGFIKRQLVETRQITKHVAQILDSRMNTKYDENDKLIREVKVITLKS
KLVSDFRKDFQFYKVREINNYHHAHDAYLNAVVGTALIKKYPKLESEFVYGDYKVYDVRKMIAKSEQEIGKATAKYFFYS
NIMNFFKTEITLANGEIRKRPLIETNGETGEIVWDKGRDFATVRKVLSMPQVNIVKKTEVQTGGFSKESILPKRNSDKLI
ARKKDWDPKKYGGFDSPTVAYSVLVVAKVEKGKSKKLKSVKELLGITIMERSSFEKNPIDFLEAKGYKEVKKDLIIKLPK
YSLFELENGRKRMLASAGVLQKGNELALPSKYVNFLYLASHYEKLKGSPEDNEQKQLFVEQHKHYLDEIIEQISEFSKRV
ILADANLDKVLSAYNKHRDKPIREQAENIIHLFTLTNLGAPAAFKYFDTTIDRKRYTSTKEVLDATLIHQSITGLYETRI
DLSQLGGD
;
B
#
loop_
_chem_comp.id
_chem_comp.type
_chem_comp.name
_chem_comp.formula
A RNA linking ADENOSINE-5'-MONOPHOSPHATE 'C10 H14 N5 O7 P'
C RNA linking CYTIDINE-5'-MONOPHOSPHATE 'C9 H14 N3 O8 P'
DA DNA linking 2'-DEOXYADENOSINE-5'-MONOPHOSPHATE 'C10 H14 N5 O6 P'
DC DNA linking 2'-DEOXYCYTIDINE-5'-MONOPHOSPHATE 'C9 H14 N3 O7 P'
DG DNA linking 2'-DEOXYGUANOSINE-5'-MONOPHOSPHATE 'C10 H14 N5 O7 P'
DT DNA linking THYMIDINE-5'-MONOPHOSPHATE 'C10 H15 N2 O8 P'
G RNA linking GUANOSINE-5'-MONOPHOSPHATE 'C10 H14 N5 O8 P'
PO4 non-polymer 'PHOSPHATE ION' 'O4 P -3'
U RNA linking URIDINE-5'-MONOPHOSPHATE 'C9 H13 N2 O9 P'
#
# COMPACT_ATOMS: atom_id res chain seq x y z
N LYS D 3 -8.14 29.41 38.31
CA LYS D 3 -9.10 28.47 37.68
C LYS D 3 -8.59 28.11 36.28
N LYS D 4 -8.39 29.13 35.42
CA LYS D 4 -8.21 29.03 33.94
C LYS D 4 -6.94 28.22 33.59
N TYR D 5 -7.06 27.31 32.64
CA TYR D 5 -5.89 26.60 32.04
C TYR D 5 -6.13 26.22 30.57
N SER D 6 -5.06 25.89 29.87
CA SER D 6 -5.07 25.40 28.47
C SER D 6 -4.38 24.04 28.36
N ILE D 7 -4.66 23.30 27.29
CA ILE D 7 -4.03 21.99 26.98
C ILE D 7 -3.33 22.10 25.64
N GLY D 8 -2.11 21.57 25.55
CA GLY D 8 -1.36 21.34 24.31
C GLY D 8 -1.24 19.85 24.04
N LEU D 9 -1.41 19.44 22.78
CA LEU D 9 -1.27 18.03 22.33
C LEU D 9 -0.35 17.98 21.12
N ALA D 10 0.47 16.95 21.05
CA ALA D 10 1.32 16.66 19.87
C ALA D 10 1.06 15.21 19.48
N ILE D 11 0.30 15.03 18.39
CA ILE D 11 -0.28 13.73 17.94
C ILE D 11 0.68 13.10 16.93
N GLY D 12 1.24 11.95 17.26
CA GLY D 12 2.17 11.19 16.39
C GLY D 12 1.60 9.82 16.16
N THR D 13 2.36 8.92 15.55
CA THR D 13 1.90 7.53 15.34
C THR D 13 2.29 6.62 16.52
N ASN D 14 3.23 7.04 17.35
CA ASN D 14 3.79 6.20 18.44
C ASN D 14 3.75 6.95 19.77
N SER D 15 3.10 8.12 19.77
CA SER D 15 3.09 9.05 20.93
C SER D 15 2.01 10.13 20.80
N VAL D 16 1.43 10.48 21.94
CA VAL D 16 0.74 11.76 22.18
C VAL D 16 1.54 12.46 23.28
N GLY D 17 2.16 13.59 22.96
CA GLY D 17 2.62 14.57 23.97
C GLY D 17 1.44 15.40 24.45
N TRP D 18 1.37 15.64 25.75
CA TRP D 18 0.35 16.51 26.39
C TRP D 18 1.04 17.38 27.45
N ALA D 19 0.55 18.62 27.62
CA ALA D 19 1.00 19.59 28.63
C ALA D 19 -0.19 20.43 29.06
N VAL D 20 -0.29 20.78 30.36
CA VAL D 20 -1.30 21.73 30.92
C VAL D 20 -0.60 23.06 31.28
N ILE D 21 -1.06 24.19 30.73
CA ILE D 21 -0.51 25.53 31.04
C ILE D 21 -1.62 26.44 31.55
N THR D 22 -1.21 27.44 32.34
CA THR D 22 -2.05 28.46 33.01
C THR D 22 -1.70 29.80 32.40
N ASP D 23 -2.27 30.87 32.93
CA ASP D 23 -2.15 32.25 32.40
C ASP D 23 -0.70 32.51 31.98
N GLU D 24 0.25 32.39 32.93
CA GLU D 24 1.65 32.87 32.80
C GLU D 24 2.51 31.89 31.97
N TYR D 25 1.87 30.95 31.26
CA TYR D 25 2.52 29.93 30.40
C TYR D 25 3.28 28.91 31.26
N LYS D 26 2.91 28.82 32.54
CA LYS D 26 3.53 27.90 33.52
C LYS D 26 2.75 26.58 33.45
N VAL D 27 3.42 25.43 33.53
CA VAL D 27 2.72 24.12 33.64
C VAL D 27 2.65 23.79 35.12
N PRO D 28 1.44 23.73 35.70
CA PRO D 28 1.32 23.50 37.13
C PRO D 28 1.84 22.12 37.55
N SER D 29 1.91 21.92 38.86
CA SER D 29 2.29 20.67 39.55
C SER D 29 1.18 20.34 40.55
N LYS D 30 0.84 19.08 40.81
CA LYS D 30 -0.14 18.77 41.88
C LYS D 30 0.26 17.51 42.62
N LYS D 31 -0.42 17.23 43.73
CA LYS D 31 -0.32 15.98 44.52
C LYS D 31 -1.46 15.02 44.18
N PHE D 32 -1.12 13.83 43.73
CA PHE D 32 -2.11 12.80 43.39
C PHE D 32 -1.96 11.65 44.38
N LYS D 33 -3.08 11.05 44.74
CA LYS D 33 -3.12 9.78 45.48
C LYS D 33 -2.26 8.75 44.74
N VAL D 34 -1.77 7.79 45.53
CA VAL D 34 -0.99 6.62 45.11
C VAL D 34 -1.60 5.42 45.84
N LEU D 35 -2.23 4.52 45.10
CA LEU D 35 -3.11 3.45 45.64
C LEU D 35 -2.30 2.18 45.87
N GLY D 36 -2.96 1.09 46.25
CA GLY D 36 -2.30 -0.20 46.48
C GLY D 36 -1.66 -0.25 47.86
N ASN D 37 -0.58 -1.04 48.00
CA ASN D 37 -0.10 -1.50 49.33
C ASN D 37 1.26 -0.91 49.71
N THR D 38 1.93 -0.04 48.93
CA THR D 38 3.21 0.61 49.37
C THR D 38 2.97 1.51 50.58
N ASP D 39 4.06 2.01 51.16
CA ASP D 39 4.05 2.98 52.30
C ASP D 39 4.04 4.41 51.76
N ARG D 40 3.95 4.60 50.44
CA ARG D 40 3.69 5.92 49.81
C ARG D 40 2.19 6.07 49.51
N HIS D 41 1.56 7.09 50.07
CA HIS D 41 0.10 7.35 49.89
C HIS D 41 -0.14 8.46 48.88
N SER D 42 0.90 9.19 48.46
CA SER D 42 0.74 10.37 47.55
C SER D 42 2.06 10.72 46.87
N ILE D 43 2.02 11.63 45.90
CA ILE D 43 3.21 12.05 45.13
C ILE D 43 2.87 13.29 44.32
N LYS D 44 3.92 14.05 44.07
CA LYS D 44 3.99 15.29 43.27
C LYS D 44 4.15 14.93 41.80
N LYS D 45 3.42 15.60 40.92
CA LYS D 45 3.50 15.43 39.46
C LYS D 45 3.39 16.80 38.77
N ASN D 46 4.43 17.18 38.03
CA ASN D 46 4.37 18.19 36.94
C ASN D 46 3.32 17.70 35.94
N LEU D 47 2.42 18.57 35.43
CA LEU D 47 1.34 18.20 34.48
C LEU D 47 1.83 18.40 33.04
N ILE D 48 2.91 17.70 32.68
CA ILE D 48 3.45 17.56 31.31
C ILE D 48 3.83 16.08 31.14
N GLY D 49 3.52 15.47 30.00
CA GLY D 49 3.84 14.05 29.79
C GLY D 49 3.75 13.63 28.34
N ALA D 50 3.96 12.35 28.10
CA ALA D 50 3.59 11.68 26.83
C ALA D 50 3.11 10.24 27.11
N LEU D 51 2.18 9.76 26.30
CA LEU D 51 1.87 8.33 26.02
C LEU D 51 2.70 7.87 24.82
N LEU D 52 3.46 6.78 24.99
CA LEU D 52 4.19 6.02 23.95
C LEU D 52 3.39 4.74 23.65
N PHE D 53 3.32 4.32 22.37
CA PHE D 53 2.68 3.05 21.94
C PHE D 53 3.34 2.48 20.69
N ASP D 54 3.39 1.15 20.61
CA ASP D 54 3.66 0.45 19.33
C ASP D 54 2.55 0.90 18.37
N SER D 55 2.92 1.21 17.12
CA SER D 55 1.97 1.59 16.04
C SER D 55 0.86 0.55 15.90
N GLY D 56 -0.39 0.99 15.82
CA GLY D 56 -1.48 0.18 15.24
C GLY D 56 -1.19 -0.12 13.78
N GLU D 57 -1.77 -1.19 13.21
CA GLU D 57 -1.39 -1.76 11.88
C GLU D 57 -2.58 -1.83 10.90
N THR D 58 -2.26 -1.88 9.61
CA THR D 58 -3.22 -2.05 8.50
C THR D 58 -3.81 -3.46 8.62
N ALA D 59 -5.00 -3.71 8.05
CA ALA D 59 -5.71 -5.01 8.12
C ALA D 59 -5.21 -5.98 7.04
N GLU D 60 -4.30 -5.52 6.19
CA GLU D 60 -3.89 -6.18 4.93
C GLU D 60 -3.30 -7.57 5.23
N ALA D 61 -2.21 -7.63 6.02
CA ALA D 61 -1.58 -8.92 6.42
C ALA D 61 -2.68 -9.90 6.82
N THR D 62 -3.52 -9.45 7.73
CA THR D 62 -4.62 -10.26 8.28
C THR D 62 -5.52 -10.73 7.14
N ARG D 63 -5.75 -9.89 6.14
CA ARG D 63 -6.64 -10.17 4.96
C ARG D 63 -5.99 -11.22 4.06
N LEU D 64 -4.72 -11.02 3.76
CA LEU D 64 -3.96 -11.87 2.83
C LEU D 64 -3.93 -13.28 3.40
N LYS D 65 -3.74 -13.43 4.72
CA LYS D 65 -3.70 -14.75 5.38
C LYS D 65 -5.09 -15.38 5.36
N ARG D 66 -6.11 -14.63 5.76
CA ARG D 66 -7.54 -15.03 5.62
C ARG D 66 -7.80 -15.53 4.19
N THR D 67 -7.38 -14.81 3.15
CA THR D 67 -7.82 -15.16 1.78
C THR D 67 -7.16 -16.49 1.38
N ALA D 68 -5.92 -16.77 1.85
CA ALA D 68 -5.13 -17.99 1.55
C ALA D 68 -5.75 -19.21 2.26
N ARG D 69 -6.15 -18.98 3.51
CA ARG D 69 -6.88 -19.92 4.39
C ARG D 69 -8.01 -20.48 3.55
N ARG D 70 -8.74 -19.61 2.88
CA ARG D 70 -9.96 -20.02 2.14
C ARG D 70 -9.53 -20.81 0.90
N ARG D 71 -8.46 -20.37 0.24
CA ARG D 71 -7.81 -21.08 -0.88
C ARG D 71 -7.49 -22.50 -0.42
N TYR D 72 -6.81 -22.63 0.70
CA TYR D 72 -6.47 -23.97 1.24
C TYR D 72 -7.80 -24.71 1.43
N THR D 73 -8.79 -24.22 2.17
CA THR D 73 -9.89 -25.16 2.52
C THR D 73 -10.62 -25.55 1.23
N ARG D 74 -10.55 -24.74 0.18
CA ARG D 74 -11.27 -25.02 -1.10
C ARG D 74 -10.52 -26.09 -1.90
N ARG D 75 -9.20 -25.94 -2.12
CA ARG D 75 -8.37 -26.93 -2.83
C ARG D 75 -8.64 -28.29 -2.16
N LYS D 76 -8.42 -28.43 -0.84
CA LYS D 76 -8.75 -29.69 -0.10
C LYS D 76 -10.09 -30.24 -0.64
N ASN D 77 -11.11 -29.41 -0.75
CA ASN D 77 -12.45 -29.84 -1.23
C ASN D 77 -12.43 -30.19 -2.72
N ARG D 78 -11.52 -29.67 -3.50
CA ARG D 78 -11.47 -30.12 -4.92
C ARG D 78 -11.17 -31.63 -4.92
N ILE D 79 -10.08 -31.99 -4.26
CA ILE D 79 -9.55 -33.38 -4.18
C ILE D 79 -10.60 -34.28 -3.53
N LEU D 80 -11.26 -33.77 -2.48
CA LEU D 80 -12.38 -34.48 -1.82
C LEU D 80 -13.50 -34.69 -2.85
N TYR D 81 -13.84 -33.71 -3.70
CA TYR D 81 -14.91 -33.88 -4.71
C TYR D 81 -14.54 -35.03 -5.64
N LEU D 82 -13.27 -35.10 -6.00
CA LEU D 82 -12.72 -36.11 -6.94
C LEU D 82 -12.71 -37.49 -6.26
N GLN D 83 -12.20 -37.62 -5.05
CA GLN D 83 -12.12 -38.93 -4.35
C GLN D 83 -13.54 -39.50 -4.23
N GLU D 84 -14.53 -38.66 -3.92
CA GLU D 84 -15.95 -39.09 -3.77
C GLU D 84 -16.47 -39.70 -5.11
N ILE D 85 -16.12 -39.12 -6.24
CA ILE D 85 -16.50 -39.69 -7.57
C ILE D 85 -15.82 -41.05 -7.73
N PHE D 86 -14.54 -41.15 -7.38
CA PHE D 86 -13.72 -42.39 -7.51
C PHE D 86 -14.12 -43.43 -6.46
N SER D 87 -14.62 -42.99 -5.29
CA SER D 87 -14.83 -43.84 -4.08
C SER D 87 -15.26 -45.26 -4.44
N ASN D 88 -16.43 -45.43 -5.05
CA ASN D 88 -17.11 -46.75 -5.21
C ASN D 88 -16.31 -47.66 -6.16
N GLU D 89 -15.76 -47.15 -7.24
CA GLU D 89 -14.96 -47.99 -8.16
C GLU D 89 -13.53 -48.18 -7.63
N MET D 90 -12.90 -47.20 -6.97
CA MET D 90 -11.54 -47.39 -6.40
C MET D 90 -11.58 -48.49 -5.34
N ALA D 91 -12.69 -48.62 -4.61
CA ALA D 91 -12.90 -49.62 -3.51
C ALA D 91 -12.71 -51.06 -4.04
N LYS D 92 -13.13 -51.28 -5.29
CA LYS D 92 -13.10 -52.59 -5.99
C LYS D 92 -11.69 -52.90 -6.47
N VAL D 93 -10.86 -51.89 -6.73
CA VAL D 93 -9.49 -52.10 -7.27
C VAL D 93 -8.54 -52.24 -6.09
N ASP D 94 -8.75 -51.46 -5.05
CA ASP D 94 -7.78 -51.30 -3.95
C ASP D 94 -8.43 -50.40 -2.92
N ASP D 95 -8.89 -51.00 -1.82
CA ASP D 95 -9.90 -50.41 -0.90
C ASP D 95 -9.23 -49.64 0.25
N SER D 96 -7.97 -49.25 0.09
CA SER D 96 -7.25 -48.42 1.09
C SER D 96 -6.36 -47.40 0.39
N PHE D 97 -6.37 -47.36 -0.93
CA PHE D 97 -5.57 -46.38 -1.71
C PHE D 97 -5.75 -44.98 -1.11
N PHE D 98 -6.98 -44.46 -1.00
CA PHE D 98 -7.16 -43.07 -0.52
C PHE D 98 -6.82 -43.01 0.97
N HIS D 99 -6.93 -44.12 1.71
CA HIS D 99 -6.60 -44.08 3.17
C HIS D 99 -5.12 -43.75 3.33
N ARG D 100 -4.27 -44.17 2.37
CA ARG D 100 -2.81 -44.22 2.60
C ARG D 100 -2.13 -43.17 1.75
N LEU D 101 -2.90 -42.45 0.93
CA LEU D 101 -2.57 -41.04 0.55
C LEU D 101 -2.86 -40.15 1.75
N GLU D 102 -4.03 -40.26 2.36
CA GLU D 102 -4.36 -39.40 3.53
C GLU D 102 -3.28 -39.52 4.59
N GLU D 103 -2.70 -40.71 4.78
CA GLU D 103 -1.71 -40.88 5.88
C GLU D 103 -0.25 -40.94 5.41
N SER D 104 0.08 -40.38 4.24
CA SER D 104 1.43 -40.52 3.63
C SER D 104 2.48 -39.84 4.52
N PHE D 105 2.09 -38.77 5.19
CA PHE D 105 2.99 -37.89 5.99
C PHE D 105 3.48 -38.58 7.26
N LEU D 106 2.77 -39.60 7.74
CA LEU D 106 3.05 -40.22 9.04
C LEU D 106 4.26 -41.18 8.90
N VAL D 107 5.14 -41.21 9.89
CA VAL D 107 6.28 -42.17 9.99
C VAL D 107 5.72 -43.59 9.96
N GLU D 108 6.55 -44.60 9.66
CA GLU D 108 6.04 -45.95 9.33
C GLU D 108 5.30 -46.55 10.51
N GLU D 109 5.71 -46.23 11.74
CA GLU D 109 5.14 -46.81 12.99
C GLU D 109 3.87 -46.06 13.41
N ASP D 110 3.46 -45.00 12.72
CA ASP D 110 2.15 -44.37 13.03
C ASP D 110 1.17 -44.67 11.89
N LYS D 111 1.52 -45.57 10.98
CA LYS D 111 0.68 -45.86 9.78
C LYS D 111 -0.26 -47.05 10.03
N LYS D 112 -1.50 -46.97 9.51
CA LYS D 112 -2.44 -48.10 9.61
C LYS D 112 -2.12 -49.07 8.48
N HIS D 113 -1.62 -48.56 7.36
CA HIS D 113 -1.42 -49.36 6.13
C HIS D 113 0.02 -49.28 5.67
N GLU D 114 0.35 -50.15 4.72
CA GLU D 114 1.68 -50.34 4.10
C GLU D 114 2.24 -48.96 3.71
N ARG D 115 3.56 -48.82 3.80
CA ARG D 115 4.23 -47.50 3.76
C ARG D 115 4.28 -47.05 2.32
N HIS D 116 4.07 -47.96 1.36
CA HIS D 116 4.15 -47.61 -0.08
C HIS D 116 2.79 -47.13 -0.54
N PRO D 117 2.64 -45.80 -0.77
CA PRO D 117 1.35 -45.14 -0.94
C PRO D 117 0.48 -45.60 -2.12
N ILE D 118 1.04 -45.72 -3.33
CA ILE D 118 0.28 -45.93 -4.60
C ILE D 118 -0.24 -47.37 -4.67
N PHE D 119 0.67 -48.36 -4.60
CA PHE D 119 0.37 -49.80 -4.78
C PHE D 119 0.44 -50.62 -3.47
N GLY D 120 0.78 -50.02 -2.32
CA GLY D 120 0.72 -50.72 -1.03
C GLY D 120 1.64 -51.92 -0.94
N ASN D 121 2.74 -51.92 -1.72
CA ASN D 121 3.88 -52.88 -1.61
C ASN D 121 5.06 -52.40 -2.44
N ILE D 122 6.26 -52.86 -2.10
CA ILE D 122 7.53 -52.22 -2.52
C ILE D 122 7.82 -52.57 -3.99
N VAL D 123 7.55 -53.79 -4.43
CA VAL D 123 8.07 -54.25 -5.76
C VAL D 123 7.50 -53.32 -6.82
N ASP D 124 6.16 -53.27 -6.84
CA ASP D 124 5.28 -52.51 -7.75
C ASP D 124 5.51 -51.00 -7.62
N GLU D 125 5.93 -50.49 -6.47
CA GLU D 125 6.13 -49.03 -6.24
C GLU D 125 7.47 -48.61 -6.83
N VAL D 126 8.48 -49.43 -6.66
CA VAL D 126 9.84 -49.21 -7.24
C VAL D 126 9.68 -49.19 -8.75
N ALA D 127 8.93 -50.15 -9.28
CA ALA D 127 8.71 -50.30 -10.73
C ALA D 127 8.08 -49.00 -11.20
N TYR D 128 7.01 -48.53 -10.56
CA TYR D 128 6.29 -47.30 -10.97
C TYR D 128 7.26 -46.14 -11.15
N HIS D 129 8.19 -45.97 -10.22
CA HIS D 129 9.02 -44.75 -10.13
C HIS D 129 10.08 -44.77 -11.24
N GLU D 130 10.68 -45.92 -11.56
CA GLU D 130 11.70 -46.04 -12.64
C GLU D 130 11.01 -45.91 -14.01
N LYS D 131 9.74 -46.30 -14.09
CA LYS D 131 8.92 -46.19 -15.33
C LYS D 131 8.40 -44.79 -15.49
N TYR D 132 8.19 -44.06 -14.40
CA TYR D 132 7.61 -42.71 -14.41
C TYR D 132 8.33 -41.81 -13.40
N PRO D 133 9.63 -41.47 -13.60
CA PRO D 133 10.37 -40.55 -12.70
C PRO D 133 9.67 -39.27 -12.22
N THR D 134 8.77 -38.74 -13.05
CA THR D 134 7.97 -37.51 -12.77
C THR D 134 6.50 -37.79 -13.11
N ILE D 135 5.59 -37.13 -12.40
CA ILE D 135 4.13 -37.25 -12.61
C ILE D 135 3.83 -36.90 -14.07
N TYR D 136 4.72 -36.13 -14.69
CA TYR D 136 4.54 -35.61 -16.07
C TYR D 136 4.71 -36.77 -17.05
N HIS D 137 5.68 -37.66 -16.80
CA HIS D 137 5.81 -38.92 -17.60
C HIS D 137 4.45 -39.63 -17.62
N LEU D 138 3.75 -39.67 -16.47
CA LEU D 138 2.45 -40.43 -16.37
C LEU D 138 1.30 -39.65 -17.01
N ARG D 139 1.25 -38.33 -16.84
CA ARG D 139 0.16 -37.53 -17.44
C ARG D 139 0.20 -37.77 -18.95
N LYS D 140 1.36 -37.48 -19.56
CA LYS D 140 1.59 -37.70 -21.02
C LYS D 140 1.11 -39.10 -21.43
N LYS D 141 1.67 -40.15 -20.83
CA LYS D 141 1.31 -41.56 -21.13
C LYS D 141 -0.21 -41.66 -21.12
N LEU D 142 -0.86 -41.20 -20.07
CA LEU D 142 -2.32 -41.41 -19.93
C LEU D 142 -3.14 -40.60 -20.94
N VAL D 143 -2.66 -39.50 -21.55
CA VAL D 143 -3.43 -38.78 -22.63
C VAL D 143 -3.13 -39.40 -24.02
N ASP D 144 -1.89 -39.87 -24.23
CA ASP D 144 -1.42 -40.45 -25.52
C ASP D 144 -1.77 -41.95 -25.61
N SER D 145 -1.42 -42.81 -24.66
CA SER D 145 -1.78 -44.25 -24.78
C SER D 145 -3.31 -44.44 -24.84
N THR D 146 -3.73 -45.49 -25.58
CA THR D 146 -5.10 -45.99 -25.82
C THR D 146 -5.44 -47.18 -24.92
N ASP D 147 -4.46 -47.67 -24.14
CA ASP D 147 -4.57 -48.90 -23.33
C ASP D 147 -5.35 -48.55 -22.07
N LYS D 148 -6.22 -49.45 -21.60
CA LYS D 148 -6.87 -49.31 -20.27
C LYS D 148 -5.80 -49.10 -19.19
N ALA D 149 -6.04 -48.21 -18.23
CA ALA D 149 -5.01 -47.74 -17.27
C ALA D 149 -5.47 -48.10 -15.87
N ASP D 150 -4.54 -48.16 -14.92
CA ASP D 150 -4.89 -48.43 -13.51
C ASP D 150 -5.70 -47.23 -12.98
N LEU D 151 -6.85 -47.47 -12.40
CA LEU D 151 -7.69 -46.39 -11.85
C LEU D 151 -6.88 -45.53 -10.87
N ARG D 152 -5.94 -46.11 -10.15
CA ARG D 152 -5.10 -45.35 -9.19
C ARG D 152 -4.21 -44.41 -9.99
N LEU D 153 -3.69 -44.87 -11.13
CA LEU D 153 -2.76 -44.03 -11.91
C LEU D 153 -3.56 -42.93 -12.61
N ILE D 154 -4.77 -43.25 -13.07
CA ILE D 154 -5.77 -42.24 -13.50
C ILE D 154 -5.97 -41.23 -12.35
N TYR D 155 -6.38 -41.66 -11.16
CA TYR D 155 -6.70 -40.73 -10.05
C TYR D 155 -5.52 -39.79 -9.82
N LEU D 156 -4.29 -40.29 -9.87
CA LEU D 156 -3.10 -39.47 -9.52
C LEU D 156 -2.88 -38.37 -10.57
N ALA D 157 -2.94 -38.69 -11.87
CA ALA D 157 -2.84 -37.68 -12.94
C ALA D 157 -3.97 -36.65 -12.82
N LEU D 158 -5.22 -37.05 -12.57
CA LEU D 158 -6.35 -36.10 -12.48
C LEU D 158 -6.15 -35.19 -11.26
N ALA D 159 -5.90 -35.74 -10.08
CA ALA D 159 -5.75 -34.95 -8.84
C ALA D 159 -4.63 -33.93 -8.99
N HIS D 160 -3.52 -34.25 -9.65
CA HIS D 160 -2.35 -33.34 -9.73
C HIS D 160 -2.61 -32.24 -10.76
N MET D 161 -3.45 -32.52 -11.74
CA MET D 161 -3.96 -31.48 -12.67
C MET D 161 -4.97 -30.65 -11.88
N ILE D 162 -5.89 -31.29 -11.16
CA ILE D 162 -6.93 -30.58 -10.36
C ILE D 162 -6.30 -29.90 -9.17
N LYS D 163 -5.17 -30.39 -8.64
CA LYS D 163 -4.59 -29.83 -7.40
C LYS D 163 -3.77 -28.58 -7.70
N PHE D 164 -2.94 -28.64 -8.74
CA PHE D 164 -2.07 -27.53 -9.18
C PHE D 164 -2.47 -27.19 -10.62
N ARG D 165 -3.45 -26.27 -10.73
CA ARG D 165 -4.36 -26.24 -11.88
C ARG D 165 -4.15 -25.00 -12.70
N GLY D 166 -3.14 -24.18 -12.36
CA GLY D 166 -2.72 -22.96 -13.09
C GLY D 166 -3.74 -21.83 -12.97
N HIS D 167 -3.58 -20.76 -13.75
CA HIS D 167 -4.24 -19.44 -13.47
C HIS D 167 -5.52 -19.22 -14.28
N PHE D 168 -6.31 -18.26 -13.84
CA PHE D 168 -7.65 -17.99 -14.38
C PHE D 168 -7.65 -16.64 -15.10
N LEU D 169 -6.51 -16.25 -15.68
CA LEU D 169 -6.31 -14.91 -16.26
C LEU D 169 -6.69 -14.84 -17.74
N ILE D 170 -6.73 -15.94 -18.51
CA ILE D 170 -7.26 -15.88 -19.91
C ILE D 170 -8.73 -16.32 -19.85
N GLU D 171 -9.60 -15.65 -20.61
CA GLU D 171 -11.05 -15.94 -20.71
C GLU D 171 -11.24 -16.98 -21.84
N GLY D 172 -12.09 -17.98 -21.59
CA GLY D 172 -12.57 -18.92 -22.63
C GLY D 172 -11.49 -19.84 -23.17
N ASP D 173 -11.82 -20.57 -24.24
CA ASP D 173 -11.22 -21.86 -24.62
C ASP D 173 -9.87 -21.61 -25.32
N LEU D 174 -9.07 -22.66 -25.48
CA LEU D 174 -7.64 -22.58 -25.86
C LEU D 174 -7.20 -23.87 -26.61
N ASN D 175 -6.71 -23.77 -27.86
CA ASN D 175 -6.03 -24.88 -28.59
C ASN D 175 -4.54 -24.56 -28.73
N PRO D 176 -3.61 -25.50 -28.40
CA PRO D 176 -2.22 -25.40 -28.86
C PRO D 176 -2.12 -25.56 -30.39
N ASP D 177 -1.79 -24.45 -31.07
CA ASP D 177 -1.38 -24.39 -32.50
C ASP D 177 0.02 -23.75 -32.55
N ASN D 178 1.08 -24.55 -32.38
CA ASN D 178 2.48 -24.17 -32.71
C ASN D 178 2.95 -25.08 -33.86
N SER D 179 1.99 -25.62 -34.60
CA SER D 179 2.16 -26.45 -35.82
C SER D 179 2.76 -25.61 -36.97
N ASP D 180 2.54 -24.29 -36.96
CA ASP D 180 2.92 -23.35 -38.06
C ASP D 180 3.37 -21.98 -37.55
N VAL D 181 4.23 -21.89 -36.52
CA VAL D 181 4.94 -20.61 -36.19
C VAL D 181 5.87 -20.24 -37.37
N ASP D 182 6.24 -21.22 -38.21
CA ASP D 182 7.01 -21.03 -39.47
C ASP D 182 6.09 -20.40 -40.51
N LYS D 183 4.85 -20.90 -40.64
CA LYS D 183 3.89 -20.63 -41.75
C LYS D 183 2.78 -19.63 -41.33
N LEU D 184 2.50 -19.47 -40.03
CA LEU D 184 1.55 -18.45 -39.50
C LEU D 184 2.17 -17.05 -39.68
N PHE D 185 3.47 -16.93 -39.38
CA PHE D 185 4.34 -15.76 -39.69
C PHE D 185 4.34 -15.51 -41.21
N ILE D 186 4.48 -16.56 -42.02
CA ILE D 186 4.68 -16.45 -43.51
C ILE D 186 3.36 -16.07 -44.20
N GLN D 187 2.23 -16.06 -43.48
CA GLN D 187 0.92 -15.48 -43.95
C GLN D 187 0.99 -13.95 -43.77
N LEU D 188 1.59 -13.48 -42.67
CA LEU D 188 1.75 -12.05 -42.27
C LEU D 188 2.57 -11.28 -43.31
N VAL D 189 3.63 -11.88 -43.85
CA VAL D 189 4.59 -11.19 -44.75
C VAL D 189 4.00 -11.00 -46.15
N GLN D 190 3.27 -11.97 -46.70
CA GLN D 190 2.59 -11.83 -48.03
C GLN D 190 1.39 -10.86 -47.88
N THR D 191 0.75 -10.86 -46.70
CA THR D 191 -0.43 -10.03 -46.34
C THR D 191 -0.02 -8.56 -46.21
N TYR D 192 1.12 -8.30 -45.54
CA TYR D 192 1.78 -6.97 -45.50
C TYR D 192 2.50 -6.71 -46.84
N ASN D 193 3.02 -7.73 -47.54
CA ASN D 193 3.76 -7.56 -48.83
C ASN D 193 2.79 -7.36 -50.00
N GLN D 194 1.47 -7.43 -49.75
CA GLN D 194 0.42 -7.10 -50.77
C GLN D 194 0.15 -5.59 -50.77
N LEU D 195 0.10 -4.95 -49.58
CA LEU D 195 -0.21 -3.50 -49.36
C LEU D 195 1.06 -2.63 -49.58
N PHE D 196 2.18 -2.96 -48.91
CA PHE D 196 3.51 -2.27 -49.04
C PHE D 196 4.33 -2.92 -50.19
N GLU D 197 3.77 -2.94 -51.41
CA GLU D 197 4.38 -3.53 -52.64
C GLU D 197 5.64 -2.74 -53.04
N GLU D 198 5.78 -1.50 -52.56
CA GLU D 198 6.95 -0.58 -52.79
C GLU D 198 8.22 -1.12 -52.12
N ASN D 199 8.12 -1.54 -50.85
CA ASN D 199 9.25 -1.90 -49.94
C ASN D 199 9.10 -3.35 -49.50
N PRO D 200 9.16 -4.36 -50.40
CA PRO D 200 8.65 -5.70 -50.08
C PRO D 200 9.65 -6.37 -49.13
N ILE D 201 9.21 -6.81 -47.95
CA ILE D 201 10.08 -7.46 -46.93
C ILE D 201 10.66 -8.75 -47.54
N ASN D 202 11.99 -8.87 -47.56
CA ASN D 202 12.68 -10.10 -48.00
C ASN D 202 12.51 -11.16 -46.90
N ALA D 203 11.34 -11.80 -46.89
CA ALA D 203 11.04 -13.03 -46.12
C ALA D 203 11.43 -14.21 -46.99
N SER D 204 12.47 -14.95 -46.58
CA SER D 204 12.82 -16.28 -47.12
C SER D 204 12.32 -17.34 -46.12
N GLY D 205 11.47 -16.92 -45.18
CA GLY D 205 11.11 -17.68 -43.96
C GLY D 205 12.31 -18.41 -43.39
N VAL D 206 13.29 -17.68 -42.83
CA VAL D 206 14.64 -18.24 -42.51
C VAL D 206 14.59 -18.94 -41.14
N ASP D 207 13.82 -18.44 -40.17
CA ASP D 207 13.61 -19.13 -38.87
C ASP D 207 12.56 -18.37 -38.04
N ALA D 208 11.38 -18.13 -38.61
CA ALA D 208 10.20 -17.61 -37.89
C ALA D 208 9.93 -18.48 -36.66
N LYS D 209 9.97 -19.81 -36.86
CA LYS D 209 9.77 -20.84 -35.82
C LYS D 209 10.71 -20.51 -34.66
N ALA D 210 12.01 -20.53 -34.92
CA ALA D 210 13.09 -20.46 -33.90
C ALA D 210 13.12 -19.10 -33.19
N ILE D 211 13.35 -17.97 -33.90
CA ILE D 211 13.87 -16.70 -33.32
C ILE D 211 12.86 -16.06 -32.35
N LEU D 212 11.57 -15.97 -32.71
CA LEU D 212 10.46 -15.50 -31.83
C LEU D 212 10.48 -16.29 -30.52
N SER D 213 10.61 -17.62 -30.68
CA SER D 213 10.33 -18.70 -29.69
C SER D 213 11.65 -19.33 -29.22
N ALA D 214 12.63 -18.51 -28.82
CA ALA D 214 13.99 -18.93 -28.41
C ALA D 214 14.13 -18.86 -26.88
N ARG D 215 15.25 -19.40 -26.37
CA ARG D 215 15.61 -19.51 -24.92
C ARG D 215 15.40 -18.16 -24.22
N LEU D 216 15.89 -17.06 -24.84
CA LEU D 216 15.84 -15.68 -24.28
C LEU D 216 14.42 -15.10 -24.47
N SER D 217 14.25 -13.79 -24.24
CA SER D 217 12.95 -13.11 -23.95
C SER D 217 12.05 -13.00 -25.20
N LYS D 218 10.87 -12.40 -25.02
CA LYS D 218 9.99 -11.91 -26.11
C LYS D 218 10.58 -10.61 -26.69
N SER D 219 10.66 -9.54 -25.88
CA SER D 219 11.13 -8.19 -26.30
C SER D 219 12.43 -8.29 -27.10
N ARG D 220 13.42 -9.02 -26.59
CA ARG D 220 14.74 -9.24 -27.27
C ARG D 220 14.55 -9.87 -28.66
N ARG D 221 13.73 -10.93 -28.75
CA ARG D 221 13.54 -11.83 -29.94
C ARG D 221 12.96 -11.05 -31.15
N LEU D 222 12.36 -9.87 -30.93
CA LEU D 222 11.90 -8.95 -32.01
C LEU D 222 13.13 -8.37 -32.70
N GLU D 223 14.12 -7.94 -31.91
CA GLU D 223 15.43 -7.43 -32.39
C GLU D 223 16.01 -8.48 -33.34
N ASN D 224 15.87 -9.76 -32.99
CA ASN D 224 16.56 -10.93 -33.62
C ASN D 224 15.82 -11.42 -34.87
N LEU D 225 14.56 -11.01 -35.05
CA LEU D 225 13.79 -11.20 -36.32
C LEU D 225 14.08 -10.01 -37.25
N ILE D 226 13.98 -8.77 -36.75
CA ILE D 226 14.21 -7.55 -37.58
C ILE D 226 15.71 -7.42 -37.91
N ALA D 227 16.56 -8.26 -37.30
CA ALA D 227 17.98 -8.47 -37.68
C ALA D 227 18.05 -9.30 -38.98
N GLN D 228 17.25 -10.38 -39.08
CA GLN D 228 17.26 -11.32 -40.25
C GLN D 228 16.24 -10.86 -41.31
N LEU D 229 15.70 -9.63 -41.17
CA LEU D 229 14.96 -8.90 -42.23
C LEU D 229 15.71 -7.60 -42.51
N PRO D 230 16.33 -7.47 -43.71
CA PRO D 230 17.08 -6.27 -44.07
C PRO D 230 16.23 -5.09 -44.59
N GLY D 231 16.44 -3.90 -44.02
CA GLY D 231 15.85 -2.63 -44.49
C GLY D 231 14.56 -2.32 -43.77
N GLU D 232 14.61 -2.37 -42.43
CA GLU D 232 13.42 -2.40 -41.55
C GLU D 232 13.76 -1.86 -40.17
N LYS D 233 13.24 -0.68 -39.81
CA LYS D 233 13.24 -0.19 -38.41
C LYS D 233 12.42 -1.19 -37.58
N LYS D 234 12.97 -1.64 -36.44
CA LYS D 234 12.27 -2.48 -35.43
C LYS D 234 11.19 -1.67 -34.69
N ASN D 235 11.33 -0.34 -34.58
CA ASN D 235 10.28 0.63 -34.16
C ASN D 235 9.65 1.20 -35.43
N GLY D 236 9.21 0.30 -36.34
CA GLY D 236 8.63 0.56 -37.67
C GLY D 236 7.58 -0.49 -38.06
N LEU D 237 6.69 -0.18 -39.01
CA LEU D 237 5.37 -0.86 -39.20
C LEU D 237 5.47 -2.39 -39.09
N PHE D 238 6.44 -3.05 -39.73
CA PHE D 238 6.54 -4.54 -39.66
C PHE D 238 7.07 -4.96 -38.28
N GLY D 239 7.87 -4.14 -37.62
CA GLY D 239 8.37 -4.40 -36.25
C GLY D 239 7.31 -4.09 -35.20
N ASN D 240 6.42 -3.15 -35.51
CA ASN D 240 5.25 -2.80 -34.66
C ASN D 240 4.26 -3.98 -34.63
N LEU D 241 3.90 -4.54 -35.80
CA LEU D 241 2.95 -5.68 -35.90
C LEU D 241 3.50 -6.85 -35.08
N ILE D 242 4.80 -7.17 -35.27
CA ILE D 242 5.48 -8.33 -34.61
C ILE D 242 5.60 -8.06 -33.10
N ALA D 243 5.88 -6.82 -32.69
CA ALA D 243 5.87 -6.42 -31.26
C ALA D 243 4.59 -6.96 -30.62
N LEU D 244 3.45 -6.54 -31.18
CA LEU D 244 2.09 -6.92 -30.74
C LEU D 244 1.95 -8.46 -30.73
N SER D 245 2.36 -9.13 -31.81
CA SER D 245 2.27 -10.61 -32.04
C SER D 245 2.86 -11.35 -30.83
N LEU D 246 3.80 -10.70 -30.15
CA LEU D 246 4.49 -11.19 -28.94
C LEU D 246 3.71 -10.75 -27.69
N GLY D 247 3.47 -9.45 -27.51
CA GLY D 247 2.76 -8.93 -26.32
C GLY D 247 3.14 -7.48 -25.98
N LEU D 248 4.33 -7.04 -26.39
CA LEU D 248 4.80 -5.63 -26.25
C LEU D 248 3.81 -4.68 -26.96
N THR D 249 3.67 -3.43 -26.46
CA THR D 249 2.79 -2.35 -27.01
C THR D 249 3.68 -1.26 -27.66
N PRO D 250 3.50 -0.94 -28.96
CA PRO D 250 4.20 0.17 -29.61
C PRO D 250 3.39 1.46 -29.81
N ASN D 251 4.04 2.63 -29.80
CA ASN D 251 3.42 3.99 -29.81
C ASN D 251 2.71 4.23 -31.16
N PHE D 252 3.02 3.43 -32.20
CA PHE D 252 2.21 3.16 -33.43
C PHE D 252 1.73 4.43 -34.15
N LYS D 253 2.09 5.60 -33.61
CA LYS D 253 1.55 6.94 -34.00
C LYS D 253 2.31 7.39 -35.25
N SER D 254 3.62 7.56 -35.08
CA SER D 254 4.68 7.69 -36.12
C SER D 254 4.21 7.06 -37.44
N ASN D 255 3.91 5.75 -37.42
CA ASN D 255 3.65 4.90 -38.63
C ASN D 255 2.66 5.58 -39.59
N PHE D 256 1.71 6.40 -39.09
CA PHE D 256 0.52 6.89 -39.85
C PHE D 256 0.26 8.42 -39.75
N ASP D 257 1.02 9.20 -38.95
CA ASP D 257 1.03 10.70 -38.92
C ASP D 257 -0.07 11.26 -38.00
N LEU D 258 -0.47 10.51 -36.97
CA LEU D 258 -1.76 10.68 -36.22
C LEU D 258 -1.60 11.72 -35.09
N ALA D 259 -2.64 11.85 -34.25
CA ALA D 259 -2.74 12.84 -33.15
C ALA D 259 -1.98 12.35 -31.92
N GLU D 260 -2.43 11.26 -31.28
CA GLU D 260 -1.89 10.77 -29.98
C GLU D 260 -1.14 9.45 -30.18
N ASP D 261 -0.21 9.12 -29.28
CA ASP D 261 0.45 7.78 -29.16
C ASP D 261 -0.65 6.71 -29.03
N THR D 262 -0.67 5.71 -29.92
CA THR D 262 -1.79 4.74 -30.12
C THR D 262 -1.29 3.28 -30.01
N LYS D 263 -1.20 2.74 -28.78
CA LYS D 263 -0.54 1.43 -28.50
C LYS D 263 -1.59 0.40 -28.07
N LEU D 264 -1.69 -0.73 -28.77
CA LEU D 264 -2.61 -1.87 -28.44
C LEU D 264 -1.81 -3.03 -27.81
N GLN D 265 -2.44 -3.87 -26.97
CA GLN D 265 -1.98 -5.26 -26.68
C GLN D 265 -3.10 -6.22 -27.09
N LEU D 266 -2.81 -7.19 -27.95
CA LEU D 266 -3.79 -8.14 -28.56
C LEU D 266 -4.30 -9.16 -27.52
N SER D 267 -3.83 -9.09 -26.25
CA SER D 267 -4.22 -9.97 -25.11
C SER D 267 -5.22 -9.27 -24.17
N LYS D 268 -5.39 -7.95 -24.31
CA LYS D 268 -6.37 -7.11 -23.56
C LYS D 268 -7.72 -7.20 -24.27
N ASP D 269 -8.82 -7.14 -23.51
CA ASP D 269 -10.23 -7.28 -24.00
C ASP D 269 -10.63 -5.96 -24.67
N THR D 270 -10.11 -4.87 -24.10
CA THR D 270 -10.01 -3.50 -24.68
C THR D 270 -9.66 -3.60 -26.19
N TYR D 271 -8.95 -4.63 -26.67
CA TYR D 271 -8.44 -4.76 -28.06
C TYR D 271 -9.60 -4.75 -29.07
N ASP D 272 -10.42 -5.80 -29.16
CA ASP D 272 -11.55 -5.92 -30.14
C ASP D 272 -11.95 -4.52 -30.63
N ASP D 273 -12.32 -3.63 -29.70
CA ASP D 273 -12.87 -2.26 -29.93
C ASP D 273 -11.76 -1.30 -30.39
N ASP D 274 -10.59 -1.34 -29.71
CA ASP D 274 -9.43 -0.40 -29.86
C ASP D 274 -8.83 -0.41 -31.27
N LEU D 275 -8.69 -1.58 -31.87
CA LEU D 275 -8.23 -1.75 -33.28
C LEU D 275 -9.09 -0.84 -34.17
N ASP D 276 -10.41 -0.90 -34.02
CA ASP D 276 -11.41 -0.17 -34.86
C ASP D 276 -11.22 1.34 -34.67
N ASN D 277 -10.75 1.80 -33.51
CA ASN D 277 -10.32 3.21 -33.29
C ASN D 277 -9.20 3.58 -34.27
N LEU D 278 -8.35 2.61 -34.65
CA LEU D 278 -7.20 2.83 -35.57
C LEU D 278 -7.58 2.51 -37.02
N LEU D 279 -8.41 1.49 -37.26
CA LEU D 279 -8.82 1.12 -38.65
C LEU D 279 -9.78 2.19 -39.20
N ALA D 280 -10.39 2.99 -38.32
CA ALA D 280 -11.23 4.16 -38.65
C ALA D 280 -10.39 5.26 -39.31
N GLN D 281 -9.06 5.23 -39.10
CA GLN D 281 -8.09 6.20 -39.65
C GLN D 281 -7.50 5.66 -40.95
N ILE D 282 -7.03 4.40 -40.96
CA ILE D 282 -6.10 3.85 -41.98
C ILE D 282 -6.86 3.01 -43.02
N GLY D 283 -8.09 2.60 -42.73
CA GLY D 283 -8.99 1.86 -43.65
C GLY D 283 -9.21 0.41 -43.21
N ASP D 284 -10.48 -0.03 -43.11
CA ASP D 284 -10.85 -1.46 -42.86
C ASP D 284 -10.27 -2.35 -43.97
N GLN D 285 -9.41 -1.81 -44.85
CA GLN D 285 -8.68 -2.50 -45.96
C GLN D 285 -7.25 -2.90 -45.52
N TYR D 286 -6.94 -2.76 -44.22
CA TYR D 286 -5.70 -3.23 -43.54
C TYR D 286 -6.04 -3.54 -42.08
N ALA D 287 -7.01 -4.44 -41.88
CA ALA D 287 -7.26 -5.20 -40.62
C ALA D 287 -6.88 -6.68 -40.85
N ASP D 288 -6.46 -7.03 -42.09
CA ASP D 288 -5.84 -8.34 -42.49
C ASP D 288 -4.34 -8.34 -42.19
N LEU D 289 -3.79 -7.19 -41.78
CA LEU D 289 -2.42 -7.04 -41.22
C LEU D 289 -2.50 -7.31 -39.72
N PHE D 290 -3.68 -7.12 -39.09
CA PHE D 290 -3.98 -7.45 -37.67
C PHE D 290 -4.81 -8.75 -37.53
N LEU D 291 -5.16 -9.37 -38.67
CA LEU D 291 -5.73 -10.76 -38.79
C LEU D 291 -4.58 -11.77 -38.79
N ALA D 292 -3.59 -11.60 -39.68
CA ALA D 292 -2.34 -12.41 -39.74
C ALA D 292 -1.46 -12.17 -38.50
N ALA D 293 -1.77 -11.13 -37.71
CA ALA D 293 -1.11 -10.75 -36.43
C ALA D 293 -1.53 -11.72 -35.31
N LYS D 294 -2.84 -11.90 -35.06
CA LYS D 294 -3.37 -12.90 -34.09
C LYS D 294 -2.92 -14.30 -34.52
N ASN D 295 -3.05 -14.60 -35.83
CA ASN D 295 -2.80 -15.92 -36.51
C ASN D 295 -1.40 -16.47 -36.14
N LEU D 296 -0.38 -15.61 -35.99
CA LEU D 296 0.93 -15.95 -35.36
C LEU D 296 0.90 -15.71 -33.83
N SER D 297 0.15 -14.70 -33.32
CA SER D 297 0.05 -14.34 -31.87
C SER D 297 -0.45 -15.50 -31.02
N ASP D 298 -1.30 -16.37 -31.61
CA ASP D 298 -1.81 -17.63 -30.99
C ASP D 298 -0.61 -18.51 -30.63
N ALA D 299 -0.03 -19.18 -31.63
CA ALA D 299 1.14 -20.09 -31.55
C ALA D 299 2.24 -19.56 -30.61
N ILE D 300 2.51 -18.24 -30.58
CA ILE D 300 3.64 -17.63 -29.82
C ILE D 300 3.24 -17.37 -28.35
N LEU D 301 1.93 -17.30 -28.05
CA LEU D 301 1.40 -16.93 -26.70
C LEU D 301 2.10 -17.79 -25.64
N LEU D 302 2.18 -19.09 -25.93
CA LEU D 302 2.48 -20.21 -24.98
C LEU D 302 3.89 -20.78 -25.24
N SER D 303 4.62 -20.25 -26.21
CA SER D 303 5.95 -20.74 -26.67
C SER D 303 7.06 -20.52 -25.64
N ASP D 304 6.78 -19.98 -24.45
CA ASP D 304 7.79 -19.83 -23.37
C ASP D 304 7.66 -21.03 -22.41
N ILE D 305 6.43 -21.53 -22.20
CA ILE D 305 6.16 -22.82 -21.50
C ILE D 305 6.36 -23.93 -22.53
N LEU D 306 5.28 -24.27 -23.24
CA LEU D 306 5.23 -25.41 -24.19
C LEU D 306 6.41 -25.28 -25.14
N ARG D 307 7.21 -26.32 -25.31
CA ARG D 307 8.47 -26.27 -26.06
C ARG D 307 8.62 -27.57 -26.85
N VAL D 308 7.50 -28.16 -27.27
CA VAL D 308 7.41 -29.45 -28.04
C VAL D 308 6.47 -29.23 -29.23
N ASN D 309 6.89 -29.58 -30.45
CA ASN D 309 5.98 -29.60 -31.63
C ASN D 309 4.75 -30.43 -31.25
N THR D 310 3.56 -29.83 -31.15
CA THR D 310 2.36 -30.48 -30.52
C THR D 310 1.93 -31.70 -31.35
N GLU D 311 1.78 -31.57 -32.68
CA GLU D 311 1.36 -32.68 -33.59
C GLU D 311 1.63 -34.07 -32.95
N ILE D 312 2.82 -34.32 -32.36
CA ILE D 312 3.27 -35.66 -31.86
C ILE D 312 2.76 -35.96 -30.43
N THR D 313 1.86 -35.15 -29.83
CA THR D 313 1.31 -35.33 -28.45
C THR D 313 0.07 -34.48 -28.25
N LYS D 314 -0.91 -34.92 -27.47
CA LYS D 314 -2.02 -34.02 -27.05
C LYS D 314 -1.68 -33.39 -25.70
N ALA D 315 -0.49 -33.69 -25.15
CA ALA D 315 -0.05 -33.29 -23.81
C ALA D 315 1.28 -32.57 -23.95
N PRO D 316 1.28 -31.42 -24.66
CA PRO D 316 2.49 -30.65 -24.89
C PRO D 316 3.03 -30.08 -23.58
N LEU D 317 2.19 -29.82 -22.57
CA LEU D 317 2.79 -29.35 -21.29
C LEU D 317 3.65 -30.47 -20.71
N SER D 318 3.05 -31.57 -20.26
CA SER D 318 3.77 -32.69 -19.59
C SER D 318 5.00 -33.06 -20.43
N ALA D 319 4.83 -33.11 -21.76
CA ALA D 319 5.91 -33.40 -22.73
C ALA D 319 7.11 -32.50 -22.44
N SER D 320 6.91 -31.19 -22.56
CA SER D 320 8.02 -30.21 -22.29
C SER D 320 8.65 -30.60 -20.96
N MET D 321 7.85 -30.62 -19.90
CA MET D 321 8.34 -31.03 -18.56
C MET D 321 9.28 -32.23 -18.71
N ILE D 322 8.84 -33.27 -19.39
CA ILE D 322 9.72 -34.47 -19.63
C ILE D 322 11.04 -34.04 -20.29
N LYS D 323 11.02 -33.09 -21.23
CA LYS D 323 12.26 -32.64 -21.89
C LYS D 323 13.16 -32.00 -20.83
N LEU D 324 12.59 -31.19 -19.96
CA LEU D 324 13.39 -30.49 -18.94
C LEU D 324 14.10 -31.55 -18.10
N TYR D 325 13.39 -32.64 -17.76
CA TYR D 325 13.90 -33.80 -16.99
C TYR D 325 15.01 -34.47 -17.81
N ASP D 326 14.70 -35.11 -18.95
CA ASP D 326 15.66 -35.77 -19.88
C ASP D 326 16.93 -34.90 -20.03
N GLU D 327 16.76 -33.60 -20.26
CA GLU D 327 17.91 -32.65 -20.39
C GLU D 327 18.69 -32.61 -19.08
N HIS D 328 18.00 -32.39 -17.96
CA HIS D 328 18.55 -32.45 -16.58
C HIS D 328 19.38 -33.74 -16.36
N HIS D 329 18.88 -34.91 -16.80
CA HIS D 329 19.58 -36.22 -16.69
C HIS D 329 20.85 -36.22 -17.52
N GLN D 330 20.78 -35.80 -18.79
CA GLN D 330 21.91 -35.89 -19.77
C GLN D 330 23.02 -34.91 -19.37
N ASP D 331 22.62 -33.69 -19.03
CA ASP D 331 23.51 -32.58 -18.61
C ASP D 331 24.19 -32.96 -17.30
N LEU D 332 23.46 -33.46 -16.31
CA LEU D 332 24.04 -33.88 -15.01
C LEU D 332 25.07 -34.99 -15.28
N THR D 333 24.72 -36.01 -16.06
CA THR D 333 25.65 -37.15 -16.27
C THR D 333 26.92 -36.64 -16.94
N LEU D 334 26.81 -35.63 -17.83
CA LEU D 334 28.00 -34.98 -18.42
C LEU D 334 28.81 -34.32 -17.29
N LEU D 335 28.23 -33.38 -16.56
CA LEU D 335 28.91 -32.67 -15.44
C LEU D 335 29.67 -33.69 -14.56
N LYS D 336 29.06 -34.85 -14.28
CA LYS D 336 29.62 -35.87 -13.35
C LYS D 336 30.82 -36.58 -14.00
N ALA D 337 30.86 -36.68 -15.33
CA ALA D 337 32.05 -37.13 -16.09
C ALA D 337 33.15 -36.07 -15.96
N LEU D 338 32.83 -34.83 -16.37
CA LEU D 338 33.82 -33.74 -16.52
C LEU D 338 34.50 -33.53 -15.17
N VAL D 339 33.70 -33.23 -14.15
CA VAL D 339 34.20 -32.89 -12.80
C VAL D 339 35.20 -33.97 -12.35
N ARG D 340 34.98 -35.22 -12.75
CA ARG D 340 35.80 -36.39 -12.30
C ARG D 340 37.03 -36.62 -13.19
N GLN D 341 37.07 -36.12 -14.43
CA GLN D 341 38.31 -36.16 -15.27
C GLN D 341 39.11 -34.86 -15.01
N GLN D 342 38.45 -33.73 -14.71
CA GLN D 342 39.06 -32.38 -14.71
C GLN D 342 39.25 -31.81 -13.30
N LEU D 343 38.33 -32.01 -12.35
CA LEU D 343 38.35 -31.34 -11.02
C LEU D 343 38.03 -32.32 -9.89
N PRO D 344 38.46 -33.60 -9.96
CA PRO D 344 38.12 -34.58 -8.93
C PRO D 344 38.07 -34.09 -7.48
N GLU D 345 38.96 -33.15 -7.10
CA GLU D 345 39.04 -32.66 -5.69
C GLU D 345 37.69 -32.06 -5.28
N LYS D 346 37.16 -31.15 -6.09
CA LYS D 346 35.87 -30.44 -5.84
C LYS D 346 34.72 -31.45 -5.77
N TYR D 347 34.67 -32.46 -6.67
CA TYR D 347 33.51 -33.37 -6.84
C TYR D 347 32.71 -33.49 -5.54
N LYS D 348 33.31 -34.09 -4.51
CA LYS D 348 32.65 -34.33 -3.19
C LYS D 348 31.76 -33.13 -2.85
N GLU D 349 32.37 -31.96 -2.72
CA GLU D 349 31.68 -30.72 -2.29
C GLU D 349 30.40 -30.60 -3.11
N ILE D 350 30.52 -30.70 -4.43
CA ILE D 350 29.46 -30.30 -5.40
C ILE D 350 28.31 -31.29 -5.42
N PHE D 351 28.53 -32.57 -5.12
CA PHE D 351 27.44 -33.57 -5.23
C PHE D 351 27.10 -34.19 -3.87
N PHE D 352 27.81 -33.85 -2.79
CA PHE D 352 27.56 -34.46 -1.45
C PHE D 352 27.22 -33.38 -0.43
N ASP D 353 27.91 -32.24 -0.45
CA ASP D 353 27.82 -31.28 0.68
C ASP D 353 26.67 -30.28 0.47
N GLN D 354 25.50 -30.60 1.03
CA GLN D 354 24.28 -29.75 1.04
C GLN D 354 24.59 -28.32 1.47
N SER D 355 25.46 -28.14 2.49
CA SER D 355 25.72 -26.83 3.14
C SER D 355 26.10 -25.83 2.05
N LYS D 356 26.94 -26.24 1.10
CA LYS D 356 27.38 -25.39 -0.04
C LYS D 356 26.34 -25.53 -1.16
N ASN D 357 26.26 -24.55 -2.07
CA ASN D 357 25.17 -24.39 -3.07
C ASN D 357 25.53 -25.08 -4.40
N GLY D 358 26.25 -26.20 -4.34
CA GLY D 358 26.40 -27.09 -5.50
C GLY D 358 25.12 -27.85 -5.77
N TYR D 359 25.21 -28.94 -6.54
CA TYR D 359 24.04 -29.81 -6.88
C TYR D 359 23.38 -30.32 -5.60
N ALA D 360 24.15 -30.80 -4.62
CA ALA D 360 23.57 -31.37 -3.39
C ALA D 360 22.74 -30.30 -2.71
N GLY D 361 23.27 -29.07 -2.67
CA GLY D 361 22.59 -27.88 -2.11
C GLY D 361 21.32 -27.52 -2.89
N TYR D 362 21.35 -27.65 -4.21
CA TYR D 362 20.20 -27.38 -5.12
C TYR D 362 19.10 -28.41 -4.90
N ILE D 363 19.45 -29.67 -4.67
CA ILE D 363 18.45 -30.78 -4.68
C ILE D 363 17.97 -31.06 -3.27
N ASP D 364 18.90 -31.32 -2.36
CA ASP D 364 18.58 -31.82 -1.00
C ASP D 364 18.91 -30.75 0.05
N GLY D 365 19.68 -29.70 -0.31
CA GLY D 365 19.87 -28.50 0.53
C GLY D 365 18.71 -27.52 0.37
N GLY D 366 18.92 -26.25 0.71
CA GLY D 366 17.87 -25.22 0.63
C GLY D 366 18.16 -24.20 -0.46
N ALA D 367 18.80 -24.59 -1.58
CA ALA D 367 19.49 -23.66 -2.52
C ALA D 367 18.70 -23.43 -3.82
N SER D 368 18.43 -22.17 -4.16
CA SER D 368 17.56 -21.72 -5.29
C SER D 368 18.12 -22.12 -6.67
N GLN D 369 17.27 -22.17 -7.70
CA GLN D 369 17.70 -22.32 -9.12
C GLN D 369 18.82 -21.31 -9.34
N GLU D 370 18.65 -20.14 -8.73
CA GLU D 370 19.55 -18.96 -8.88
C GLU D 370 20.84 -19.21 -8.07
N GLU D 371 20.71 -19.37 -6.75
CA GLU D 371 21.86 -19.58 -5.85
C GLU D 371 22.74 -20.68 -6.43
N PHE D 372 22.14 -21.69 -7.05
CA PHE D 372 22.86 -22.82 -7.69
C PHE D 372 23.75 -22.24 -8.80
N TYR D 373 23.10 -21.64 -9.80
CA TYR D 373 23.76 -21.16 -11.06
C TYR D 373 25.01 -20.36 -10.66
N LYS D 374 24.85 -19.43 -9.70
CA LYS D 374 25.92 -18.52 -9.20
C LYS D 374 27.11 -19.36 -8.74
N PHE D 375 26.91 -20.24 -7.76
CA PHE D 375 27.97 -21.15 -7.22
C PHE D 375 28.84 -21.64 -8.39
N ILE D 376 28.23 -22.25 -9.42
CA ILE D 376 28.94 -23.15 -10.37
C ILE D 376 29.25 -22.49 -11.72
N LYS D 377 28.90 -21.21 -11.92
CA LYS D 377 29.38 -20.43 -13.10
C LYS D 377 30.90 -20.35 -13.02
N PRO D 378 31.51 -19.85 -11.91
CA PRO D 378 32.95 -20.03 -11.66
C PRO D 378 33.52 -21.39 -12.07
N ILE D 379 32.83 -22.47 -11.70
CA ILE D 379 33.36 -23.85 -11.84
C ILE D 379 33.20 -24.31 -13.30
N LEU D 380 32.12 -23.92 -13.96
CA LEU D 380 31.74 -24.46 -15.29
C LEU D 380 32.72 -23.96 -16.36
N GLU D 381 33.32 -22.77 -16.14
CA GLU D 381 34.15 -21.99 -17.12
C GLU D 381 35.66 -22.16 -16.81
N LYS D 382 36.03 -22.52 -15.58
CA LYS D 382 37.35 -23.12 -15.26
C LYS D 382 37.36 -24.59 -15.74
N MET D 383 36.74 -24.90 -16.92
CA MET D 383 36.51 -26.27 -17.45
C MET D 383 36.24 -26.24 -18.97
N ASP D 384 37.11 -26.87 -19.75
CA ASP D 384 36.98 -26.89 -21.22
C ASP D 384 36.03 -28.01 -21.63
N GLY D 385 34.73 -27.84 -21.34
CA GLY D 385 33.74 -28.83 -21.82
C GLY D 385 32.36 -28.23 -21.73
N THR D 386 32.25 -27.20 -20.90
CA THR D 386 30.97 -26.56 -20.58
C THR D 386 30.59 -25.58 -21.71
N GLU D 387 31.16 -25.78 -22.89
CA GLU D 387 30.93 -24.87 -24.04
C GLU D 387 29.42 -24.71 -24.26
N GLU D 388 28.73 -25.80 -24.57
CA GLU D 388 27.25 -25.77 -24.81
C GLU D 388 26.47 -25.81 -23.47
N LEU D 389 27.15 -26.07 -22.34
CA LEU D 389 26.54 -26.26 -21.00
C LEU D 389 26.51 -24.96 -20.21
N LEU D 390 27.37 -24.01 -20.53
CA LEU D 390 27.36 -22.71 -19.84
C LEU D 390 26.35 -21.80 -20.52
N VAL D 391 26.17 -21.95 -21.84
CA VAL D 391 25.17 -21.16 -22.60
C VAL D 391 23.79 -21.51 -22.03
N LYS D 392 23.57 -22.78 -21.65
CA LYS D 392 22.30 -23.26 -21.05
C LYS D 392 22.06 -22.53 -19.72
N LEU D 393 23.10 -22.35 -18.90
CA LEU D 393 22.98 -21.68 -17.57
C LEU D 393 22.43 -20.26 -17.74
N ASN D 394 22.83 -19.56 -18.81
CA ASN D 394 22.57 -18.11 -18.99
C ASN D 394 21.13 -17.96 -19.50
N ARG D 395 20.71 -18.83 -20.44
CA ARG D 395 19.32 -18.92 -20.93
C ARG D 395 18.40 -19.36 -19.77
N GLU D 396 18.95 -19.79 -18.62
CA GLU D 396 18.19 -20.49 -17.54
C GLU D 396 17.53 -21.70 -18.17
N ASP D 397 18.33 -22.71 -18.51
CA ASP D 397 17.85 -23.96 -19.15
C ASP D 397 18.73 -25.13 -18.64
N LEU D 398 19.45 -24.96 -17.50
CA LEU D 398 20.60 -25.86 -17.15
C LEU D 398 20.11 -27.17 -16.47
N LEU D 399 19.85 -27.17 -15.17
CA LEU D 399 19.50 -28.42 -14.46
C LEU D 399 18.15 -28.18 -13.81
N ARG D 400 17.15 -28.03 -14.66
CA ARG D 400 15.84 -27.45 -14.26
C ARG D 400 15.04 -28.53 -13.54
N LYS D 401 14.29 -28.11 -12.54
CA LYS D 401 13.19 -28.90 -11.94
C LYS D 401 11.93 -28.59 -12.75
N GLN D 402 10.91 -29.41 -12.55
CA GLN D 402 9.60 -29.28 -13.23
C GLN D 402 8.70 -28.35 -12.41
N ARG D 403 8.80 -28.43 -11.07
CA ARG D 403 8.03 -27.56 -10.15
C ARG D 403 8.94 -26.43 -9.68
N THR D 404 8.62 -25.20 -10.08
CA THR D 404 9.53 -24.02 -9.99
C THR D 404 8.72 -22.72 -9.94
N PHE D 405 9.39 -21.64 -9.52
CA PHE D 405 8.82 -20.27 -9.41
C PHE D 405 8.14 -19.87 -10.73
N ASP D 406 8.62 -20.33 -11.88
CA ASP D 406 8.19 -19.77 -13.19
C ASP D 406 7.05 -20.59 -13.83
N ASN D 407 6.35 -21.45 -13.10
CA ASN D 407 5.10 -22.12 -13.58
C ASN D 407 3.88 -21.23 -13.32
N GLY D 408 4.11 -20.07 -12.71
CA GLY D 408 3.13 -18.97 -12.64
C GLY D 408 2.34 -18.82 -13.94
N ILE D 409 2.99 -18.97 -15.10
CA ILE D 409 2.44 -18.61 -16.43
C ILE D 409 1.47 -19.68 -16.96
N ILE D 410 1.61 -20.94 -16.55
CA ILE D 410 0.72 -22.02 -17.04
C ILE D 410 -0.73 -21.62 -16.77
N PRO D 411 -1.58 -21.46 -17.80
CA PRO D 411 -3.00 -21.18 -17.61
C PRO D 411 -3.79 -22.44 -17.33
N HIS D 412 -4.85 -22.37 -16.52
CA HIS D 412 -5.65 -23.57 -16.13
C HIS D 412 -6.14 -24.32 -17.37
N GLN D 413 -6.26 -23.67 -18.51
CA GLN D 413 -6.79 -24.33 -19.74
C GLN D 413 -5.82 -25.42 -20.23
N ILE D 414 -4.51 -25.22 -20.08
CA ILE D 414 -3.46 -26.22 -20.45
C ILE D 414 -3.67 -27.52 -19.66
N HIS D 415 -3.70 -27.42 -18.33
CA HIS D 415 -3.96 -28.54 -17.41
C HIS D 415 -5.30 -29.16 -17.82
N LEU D 416 -6.32 -28.34 -18.03
CA LEU D 416 -7.64 -28.87 -18.50
C LEU D 416 -7.49 -29.64 -19.81
N GLY D 417 -6.59 -29.25 -20.71
CA GLY D 417 -6.35 -29.98 -21.97
C GLY D 417 -6.00 -31.45 -21.74
N GLU D 418 -5.01 -31.69 -20.89
CA GLU D 418 -4.55 -33.04 -20.53
C GLU D 418 -5.63 -33.74 -19.70
N LEU D 419 -6.26 -33.04 -18.73
CA LEU D 419 -7.35 -33.63 -17.88
C LEU D 419 -8.46 -34.17 -18.78
N HIS D 420 -8.94 -33.33 -19.68
CA HIS D 420 -10.03 -33.73 -20.58
C HIS D 420 -9.54 -34.94 -21.40
N ALA D 421 -8.31 -34.90 -21.91
CA ALA D 421 -7.73 -35.96 -22.76
C ALA D 421 -7.79 -37.34 -22.07
N ILE D 422 -7.17 -37.43 -20.90
CA ILE D 422 -7.14 -38.65 -20.07
C ILE D 422 -8.57 -39.19 -19.91
N LEU D 423 -9.51 -38.33 -19.54
CA LEU D 423 -10.93 -38.75 -19.35
C LEU D 423 -11.50 -39.33 -20.66
N ARG D 424 -11.13 -38.79 -21.82
CA ARG D 424 -11.62 -39.29 -23.11
C ARG D 424 -11.09 -40.71 -23.36
N ARG D 425 -9.86 -40.94 -22.94
CA ARG D 425 -9.21 -42.27 -23.05
C ARG D 425 -9.97 -43.24 -22.15
N GLN D 426 -9.97 -43.03 -20.83
CA GLN D 426 -10.29 -44.12 -19.89
C GLN D 426 -11.81 -44.27 -19.69
N GLU D 427 -12.63 -43.34 -20.20
CA GLU D 427 -14.11 -43.51 -20.16
C GLU D 427 -14.47 -44.68 -21.08
N ASP D 428 -13.66 -44.92 -22.10
CA ASP D 428 -13.85 -46.02 -23.07
C ASP D 428 -13.92 -47.35 -22.31
N PHE D 429 -13.34 -47.39 -21.09
CA PHE D 429 -13.28 -48.59 -20.21
C PHE D 429 -13.93 -48.35 -18.85
N TYR D 430 -14.08 -47.11 -18.37
CA TYR D 430 -14.70 -46.92 -17.04
C TYR D 430 -16.02 -46.17 -17.17
N PRO D 431 -17.19 -46.85 -17.16
CA PRO D 431 -18.47 -46.16 -17.39
C PRO D 431 -18.64 -44.90 -16.51
N PHE D 432 -18.14 -44.94 -15.27
CA PHE D 432 -18.34 -43.85 -14.28
C PHE D 432 -17.55 -42.60 -14.71
N LEU D 433 -16.42 -42.75 -15.39
CA LEU D 433 -15.69 -41.60 -15.96
C LEU D 433 -16.50 -41.02 -17.12
N LYS D 434 -17.11 -41.85 -17.98
CA LYS D 434 -18.01 -41.34 -19.05
C LYS D 434 -19.09 -40.48 -18.38
N ASP D 435 -19.79 -41.09 -17.42
CA ASP D 435 -20.98 -40.52 -16.75
C ASP D 435 -20.66 -39.32 -15.87
N ASN D 436 -19.37 -39.06 -15.56
CA ASN D 436 -18.88 -37.97 -14.68
C ASN D 436 -17.74 -37.21 -15.35
N ARG D 437 -17.54 -37.31 -16.66
CA ARG D 437 -16.44 -36.56 -17.33
C ARG D 437 -16.64 -35.07 -17.04
N GLU D 438 -17.89 -34.62 -17.16
CA GLU D 438 -18.24 -33.18 -17.03
C GLU D 438 -18.10 -32.75 -15.57
N LYS D 439 -18.62 -33.53 -14.62
CA LYS D 439 -18.46 -33.26 -13.16
C LYS D 439 -16.99 -33.03 -12.86
N ILE D 440 -16.15 -34.01 -13.15
CA ILE D 440 -14.70 -33.96 -12.84
C ILE D 440 -14.07 -32.70 -13.46
N GLU D 441 -14.33 -32.40 -14.72
CA GLU D 441 -13.76 -31.21 -15.41
C GLU D 441 -14.18 -29.95 -14.66
N LYS D 442 -15.44 -29.89 -14.22
CA LYS D 442 -15.96 -28.72 -13.45
C LYS D 442 -15.18 -28.55 -12.15
N ILE D 443 -14.59 -29.60 -11.59
CA ILE D 443 -13.77 -29.43 -10.38
C ILE D 443 -12.55 -28.61 -10.79
N LEU D 444 -11.94 -28.90 -11.93
CA LEU D 444 -10.73 -28.17 -12.37
C LEU D 444 -11.10 -26.73 -12.72
N THR D 445 -12.30 -26.48 -13.23
CA THR D 445 -12.67 -25.24 -13.99
C THR D 445 -13.36 -24.20 -13.13
N PHE D 446 -14.30 -24.64 -12.30
CA PHE D 446 -15.13 -23.79 -11.44
C PHE D 446 -14.28 -22.97 -10.49
N ARG D 447 -14.72 -21.75 -10.24
CA ARG D 447 -14.00 -20.80 -9.36
C ARG D 447 -15.05 -19.80 -8.89
N ILE D 448 -15.20 -19.63 -7.59
CA ILE D 448 -16.21 -18.69 -7.06
C ILE D 448 -15.88 -17.30 -7.61
N PRO D 449 -16.88 -16.55 -8.10
CA PRO D 449 -16.63 -15.22 -8.65
C PRO D 449 -16.32 -14.16 -7.58
N TYR D 450 -15.34 -13.30 -7.85
CA TYR D 450 -14.92 -12.26 -6.87
C TYR D 450 -16.17 -11.49 -6.46
N TYR D 451 -17.20 -11.46 -7.30
CA TYR D 451 -18.40 -10.66 -7.02
C TYR D 451 -19.39 -11.47 -6.18
N VAL D 452 -18.98 -12.60 -5.57
CA VAL D 452 -19.84 -13.51 -4.76
C VAL D 452 -19.26 -13.71 -3.35
N GLY D 453 -17.94 -13.84 -3.28
CA GLY D 453 -17.18 -13.85 -2.02
C GLY D 453 -17.41 -15.13 -1.22
N PRO D 454 -17.08 -15.17 0.08
CA PRO D 454 -17.34 -16.38 0.87
C PRO D 454 -18.78 -16.84 0.63
N LEU D 455 -18.96 -18.15 0.56
CA LEU D 455 -20.24 -18.88 0.32
C LEU D 455 -20.76 -19.26 1.70
N ALA D 456 -20.91 -18.24 2.54
CA ALA D 456 -21.26 -18.36 3.97
C ALA D 456 -22.73 -18.69 4.14
N ARG D 457 -23.14 -18.79 5.40
CA ARG D 457 -24.56 -19.04 5.76
C ARG D 457 -24.80 -18.45 7.15
N GLY D 458 -24.75 -17.13 7.23
CA GLY D 458 -25.25 -16.38 8.40
C GLY D 458 -24.17 -16.07 9.40
N ASN D 459 -22.91 -16.43 9.12
CA ASN D 459 -21.80 -16.37 10.11
C ASN D 459 -20.51 -15.75 9.55
N SER D 460 -20.52 -15.07 8.42
CA SER D 460 -19.28 -14.40 7.97
C SER D 460 -19.52 -12.91 7.99
N ARG D 461 -18.84 -12.17 8.85
CA ARG D 461 -18.97 -10.69 8.76
C ARG D 461 -18.37 -10.23 7.43
N PHE D 462 -17.70 -11.07 6.64
CA PHE D 462 -17.21 -10.73 5.27
C PHE D 462 -18.27 -11.01 4.17
N ALA D 463 -19.28 -11.79 4.43
CA ALA D 463 -20.10 -12.35 3.34
C ALA D 463 -21.24 -11.38 2.96
N TRP D 464 -21.67 -11.42 1.68
CA TRP D 464 -22.85 -10.69 1.15
C TRP D 464 -23.73 -11.56 0.25
N MET D 465 -23.27 -12.77 -0.10
CA MET D 465 -23.94 -13.69 -1.06
C MET D 465 -25.40 -13.95 -0.60
N THR D 466 -26.31 -14.09 -1.57
CA THR D 466 -27.75 -14.50 -1.43
C THR D 466 -27.90 -15.93 -1.97
N ARG D 467 -28.74 -16.77 -1.38
CA ARG D 467 -29.07 -18.10 -1.96
C ARG D 467 -30.51 -18.09 -2.50
N LYS D 468 -30.69 -18.48 -3.76
CA LYS D 468 -32.02 -18.87 -4.32
C LYS D 468 -32.61 -20.03 -3.53
N SER D 469 -31.86 -20.64 -2.62
CA SER D 469 -32.26 -21.88 -1.93
C SER D 469 -31.32 -22.20 -0.77
N GLU D 470 -31.82 -22.59 0.39
CA GLU D 470 -30.94 -23.12 1.47
C GLU D 470 -30.64 -24.57 1.06
N GLU D 471 -29.36 -24.97 1.05
CA GLU D 471 -28.83 -26.28 0.55
C GLU D 471 -27.36 -26.07 0.16
N THR D 472 -26.55 -27.13 0.26
CA THR D 472 -25.08 -27.05 0.13
C THR D 472 -24.71 -26.69 -1.30
N ILE D 473 -23.71 -25.83 -1.42
CA ILE D 473 -23.22 -25.30 -2.73
C ILE D 473 -22.05 -26.18 -3.18
N THR D 474 -22.05 -26.58 -4.43
CA THR D 474 -21.02 -27.44 -5.04
C THR D 474 -20.69 -26.89 -6.41
N PRO D 475 -19.50 -27.16 -6.97
CA PRO D 475 -19.19 -26.62 -8.28
C PRO D 475 -20.36 -26.87 -9.26
N TRP D 476 -21.11 -27.96 -9.04
CA TRP D 476 -22.15 -28.42 -9.99
C TRP D 476 -23.52 -27.81 -9.70
N ASN D 477 -23.80 -27.21 -8.54
CA ASN D 477 -25.17 -26.72 -8.27
C ASN D 477 -25.15 -25.21 -8.00
N PHE D 478 -23.98 -24.56 -8.16
CA PHE D 478 -23.71 -23.13 -7.85
C PHE D 478 -24.64 -22.18 -8.62
N GLU D 479 -24.73 -22.31 -9.94
CA GLU D 479 -25.72 -21.58 -10.77
C GLU D 479 -27.10 -21.68 -10.13
N LYS D 480 -27.53 -22.88 -9.72
CA LYS D 480 -28.95 -23.17 -9.35
C LYS D 480 -29.20 -22.82 -7.87
N VAL D 481 -28.17 -22.55 -7.06
CA VAL D 481 -28.34 -22.36 -5.60
C VAL D 481 -27.89 -20.95 -5.19
N VAL D 482 -26.85 -20.42 -5.82
CA VAL D 482 -26.43 -19.01 -5.54
C VAL D 482 -27.29 -18.10 -6.44
N ASP D 483 -27.88 -17.03 -5.89
CA ASP D 483 -28.48 -15.92 -6.73
C ASP D 483 -27.36 -14.96 -7.20
N LYS D 484 -26.76 -15.23 -8.35
CA LYS D 484 -25.50 -14.57 -8.78
C LYS D 484 -25.73 -13.08 -8.97
N GLY D 485 -26.89 -12.68 -9.50
CA GLY D 485 -27.22 -11.26 -9.70
C GLY D 485 -27.38 -10.51 -8.39
N ALA D 486 -28.27 -11.00 -7.52
CA ALA D 486 -28.53 -10.39 -6.20
C ALA D 486 -27.16 -10.08 -5.57
N SER D 487 -26.26 -11.07 -5.61
CA SER D 487 -24.91 -11.06 -5.02
C SER D 487 -24.00 -10.10 -5.82
N ALA D 488 -23.86 -10.28 -7.13
CA ALA D 488 -23.11 -9.37 -8.03
C ALA D 488 -23.43 -7.91 -7.72
N GLN D 489 -24.72 -7.64 -7.40
CA GLN D 489 -25.27 -6.29 -7.12
C GLN D 489 -24.75 -5.82 -5.77
N SER D 490 -25.04 -6.58 -4.70
CA SER D 490 -24.64 -6.22 -3.32
C SER D 490 -23.12 -6.30 -3.19
N PHE D 491 -22.37 -7.04 -4.02
CA PHE D 491 -20.88 -6.87 -4.00
C PHE D 491 -20.58 -5.35 -4.12
N ILE D 492 -21.33 -4.67 -4.98
CA ILE D 492 -21.18 -3.20 -5.23
C ILE D 492 -22.00 -2.39 -4.24
N GLU D 493 -23.29 -2.68 -4.09
CA GLU D 493 -24.21 -1.72 -3.43
C GLU D 493 -23.75 -1.49 -1.99
N ARG D 494 -23.29 -2.54 -1.33
CA ARG D 494 -22.84 -2.45 0.09
C ARG D 494 -21.60 -1.56 0.22
N MET D 495 -20.97 -1.15 -0.88
CA MET D 495 -19.73 -0.34 -0.85
C MET D 495 -19.97 1.08 -1.37
N THR D 496 -21.12 1.36 -1.99
CA THR D 496 -21.39 2.65 -2.70
C THR D 496 -22.10 3.66 -1.79
N ASN D 497 -21.99 4.95 -2.11
CA ASN D 497 -22.51 6.05 -1.25
C ASN D 497 -24.02 6.19 -1.38
N PHE D 498 -24.61 6.80 -0.35
CA PHE D 498 -25.98 7.36 -0.37
C PHE D 498 -25.83 8.87 -0.63
N ASP D 499 -26.82 9.46 -1.29
CA ASP D 499 -26.88 10.93 -1.52
C ASP D 499 -26.84 11.60 -0.15
N LYS D 500 -25.70 12.23 0.20
CA LYS D 500 -25.54 13.10 1.41
C LYS D 500 -26.69 14.10 1.57
N ASN D 501 -27.45 14.40 0.52
CA ASN D 501 -28.58 15.37 0.54
C ASN D 501 -29.90 14.65 0.80
N LEU D 502 -30.19 13.56 0.07
CA LEU D 502 -31.37 12.65 0.28
C LEU D 502 -30.90 11.27 0.74
N PRO D 503 -30.44 11.12 2.00
CA PRO D 503 -29.61 9.98 2.41
C PRO D 503 -30.23 8.56 2.31
N ASN D 504 -31.52 8.44 2.02
CA ASN D 504 -32.22 7.16 1.75
C ASN D 504 -32.21 6.85 0.26
N GLU D 505 -31.41 7.60 -0.52
CA GLU D 505 -31.33 7.48 -2.00
C GLU D 505 -29.91 7.06 -2.35
N LYS D 506 -29.74 6.19 -3.34
CA LYS D 506 -28.39 5.70 -3.70
C LYS D 506 -27.92 6.60 -4.85
N VAL D 507 -26.65 6.98 -4.84
CA VAL D 507 -26.06 7.84 -5.91
C VAL D 507 -26.18 7.11 -7.24
N LEU D 508 -26.32 7.87 -8.34
CA LEU D 508 -26.39 7.35 -9.74
C LEU D 508 -25.01 6.89 -10.21
N PRO D 509 -24.97 5.99 -11.23
CA PRO D 509 -23.73 5.66 -11.91
C PRO D 509 -23.04 6.91 -12.47
N LYS D 510 -21.73 7.04 -12.27
CA LYS D 510 -20.93 8.18 -12.80
C LYS D 510 -21.30 8.47 -14.26
N HIS D 511 -21.74 7.44 -14.98
CA HIS D 511 -21.86 7.42 -16.46
C HIS D 511 -23.32 7.44 -16.89
N SER D 512 -24.28 7.51 -15.96
CA SER D 512 -25.74 7.62 -16.26
C SER D 512 -26.01 8.75 -17.27
N LEU D 513 -26.89 8.56 -18.25
CA LEU D 513 -27.22 9.70 -19.15
C LEU D 513 -27.69 10.91 -18.34
N LEU D 514 -28.57 10.69 -17.36
CA LEU D 514 -29.09 11.80 -16.53
C LEU D 514 -27.91 12.44 -15.82
N TYR D 515 -27.00 11.67 -15.22
CA TYR D 515 -25.89 12.24 -14.41
C TYR D 515 -25.04 13.18 -15.29
N GLU D 516 -24.79 12.81 -16.56
CA GLU D 516 -23.93 13.61 -17.47
C GLU D 516 -24.70 14.88 -17.88
N TYR D 517 -26.03 14.82 -18.07
CA TYR D 517 -26.85 16.02 -18.43
C TYR D 517 -26.71 17.08 -17.35
N PHE D 518 -27.07 16.74 -16.11
CA PHE D 518 -26.86 17.54 -14.88
C PHE D 518 -25.48 18.21 -14.91
N THR D 519 -24.46 17.42 -15.26
CA THR D 519 -23.02 17.80 -15.23
C THR D 519 -22.74 18.93 -16.25
N VAL D 520 -23.30 18.89 -17.47
CA VAL D 520 -23.02 19.98 -18.46
C VAL D 520 -23.83 21.22 -18.04
N TYR D 521 -25.15 21.07 -17.86
CA TYR D 521 -26.08 22.20 -17.59
C TYR D 521 -25.56 22.96 -16.35
N ASN D 522 -24.87 22.25 -15.44
CA ASN D 522 -24.35 22.94 -14.23
C ASN D 522 -23.18 23.83 -14.64
N GLU D 523 -22.30 23.32 -15.51
CA GLU D 523 -21.14 24.07 -16.06
C GLU D 523 -21.68 25.16 -16.99
N LEU D 524 -22.59 24.76 -17.90
CA LEU D 524 -23.10 25.56 -19.04
C LEU D 524 -23.98 26.71 -18.55
N THR D 525 -24.59 26.60 -17.36
CA THR D 525 -25.57 27.62 -16.88
C THR D 525 -24.82 28.86 -16.44
N LYS D 526 -23.54 28.74 -16.10
CA LYS D 526 -22.73 29.88 -15.62
C LYS D 526 -21.68 30.28 -16.66
N VAL D 527 -21.72 29.72 -17.86
CA VAL D 527 -20.99 30.33 -19.01
C VAL D 527 -21.73 31.60 -19.41
N LYS D 528 -20.94 32.62 -19.74
CA LYS D 528 -21.39 33.96 -20.21
C LYS D 528 -20.41 34.44 -21.29
N TYR D 529 -20.94 35.27 -22.20
CA TYR D 529 -20.36 35.67 -23.51
C TYR D 529 -20.46 37.20 -23.65
N VAL D 530 -19.69 37.77 -24.59
CA VAL D 530 -19.78 39.20 -25.03
C VAL D 530 -19.23 39.34 -26.46
N THR D 531 -19.91 40.15 -27.27
CA THR D 531 -19.45 40.78 -28.54
C THR D 531 -19.61 42.29 -28.37
N GLU D 532 -19.08 43.12 -29.27
CA GLU D 532 -19.25 44.59 -29.15
C GLU D 532 -20.74 44.90 -29.36
N GLY D 533 -21.21 46.01 -28.76
CA GLY D 533 -22.62 46.45 -28.80
C GLY D 533 -23.44 45.86 -27.66
N MET D 534 -22.80 45.14 -26.73
CA MET D 534 -23.41 44.54 -25.52
C MET D 534 -22.84 45.22 -24.27
N ARG D 535 -23.69 45.93 -23.51
CA ARG D 535 -23.35 46.67 -22.26
C ARG D 535 -22.43 45.81 -21.37
N LYS D 536 -22.97 44.66 -20.94
CA LYS D 536 -22.42 43.67 -19.98
C LYS D 536 -22.34 42.34 -20.71
N PRO D 537 -21.53 41.34 -20.28
CA PRO D 537 -21.73 39.94 -20.70
C PRO D 537 -23.00 39.37 -20.03
N ALA D 538 -23.81 38.63 -20.81
CA ALA D 538 -25.11 38.04 -20.39
C ALA D 538 -24.91 36.54 -20.10
N PHE D 539 -25.91 35.90 -19.49
CA PHE D 539 -26.01 34.42 -19.33
C PHE D 539 -26.37 33.80 -20.68
N LEU D 540 -26.13 32.50 -20.85
CA LEU D 540 -26.85 31.71 -21.88
C LEU D 540 -28.31 31.59 -21.40
N SER D 541 -29.27 31.59 -22.33
CA SER D 541 -30.71 31.43 -22.03
C SER D 541 -31.06 29.95 -22.16
N GLY D 542 -32.26 29.57 -21.69
CA GLY D 542 -32.80 28.21 -21.91
C GLY D 542 -32.58 27.76 -23.35
N ASP D 543 -33.27 28.42 -24.29
CA ASP D 543 -33.32 28.05 -25.74
C ASP D 543 -31.89 28.03 -26.30
N GLN D 544 -31.00 28.89 -25.78
CA GLN D 544 -29.55 28.97 -26.15
C GLN D 544 -28.81 27.70 -25.71
N LYS D 545 -28.97 27.30 -24.43
CA LYS D 545 -28.33 26.11 -23.83
C LYS D 545 -28.74 24.85 -24.61
N LYS D 546 -30.03 24.74 -24.97
CA LYS D 546 -30.57 23.55 -25.69
C LYS D 546 -29.84 23.31 -27.02
N ALA D 547 -29.81 24.31 -27.91
CA ALA D 547 -29.24 24.16 -29.28
C ALA D 547 -27.73 23.90 -29.18
N ILE D 548 -27.07 24.45 -28.15
CA ILE D 548 -25.64 24.15 -27.82
C ILE D 548 -25.56 22.68 -27.39
N VAL D 549 -26.47 22.24 -26.52
CA VAL D 549 -26.49 20.81 -26.09
C VAL D 549 -26.76 19.99 -27.35
N ASP D 550 -27.87 20.27 -28.04
CA ASP D 550 -28.40 19.50 -29.19
C ASP D 550 -27.34 19.34 -30.28
N LEU D 551 -26.63 20.44 -30.61
CA LEU D 551 -25.71 20.53 -31.78
C LEU D 551 -24.28 20.10 -31.40
N LEU D 552 -23.62 20.74 -30.43
CA LEU D 552 -22.17 20.48 -30.13
C LEU D 552 -21.99 19.29 -29.20
N PHE D 553 -22.76 19.22 -28.11
CA PHE D 553 -22.57 18.25 -27.00
C PHE D 553 -22.94 16.82 -27.45
N LYS D 554 -23.91 16.74 -28.35
CA LYS D 554 -24.39 15.44 -28.87
C LYS D 554 -23.80 15.19 -30.26
N THR D 555 -22.57 15.64 -30.48
CA THR D 555 -21.87 15.44 -31.78
C THR D 555 -20.38 15.20 -31.51
N ASN D 556 -19.85 15.84 -30.46
CA ASN D 556 -18.43 15.70 -30.05
C ASN D 556 -18.39 15.30 -28.59
N ARG D 557 -17.54 14.33 -28.25
CA ARG D 557 -17.31 13.90 -26.85
C ARG D 557 -16.92 15.14 -26.04
N LYS D 558 -15.84 15.80 -26.45
CA LYS D 558 -15.38 17.10 -25.92
C LYS D 558 -15.93 18.19 -26.83
N VAL D 559 -16.59 19.21 -26.29
CA VAL D 559 -16.81 20.50 -27.01
C VAL D 559 -15.74 21.46 -26.49
N THR D 560 -14.84 21.91 -27.38
CA THR D 560 -13.84 22.97 -27.09
C THR D 560 -14.53 24.34 -27.21
N VAL D 561 -13.99 25.31 -26.46
CA VAL D 561 -14.46 26.72 -26.39
C VAL D 561 -14.38 27.32 -27.80
N LYS D 562 -13.33 26.95 -28.55
CA LYS D 562 -13.17 27.27 -29.99
C LYS D 562 -14.46 26.83 -30.70
N GLN D 563 -14.84 25.55 -30.55
CA GLN D 563 -16.08 25.02 -31.17
C GLN D 563 -17.27 25.87 -30.72
N LEU D 564 -17.40 26.21 -29.44
CA LEU D 564 -18.56 27.01 -28.96
C LEU D 564 -18.53 28.39 -29.62
N LYS D 565 -17.34 28.98 -29.83
CA LYS D 565 -17.18 30.32 -30.49
C LYS D 565 -17.58 30.20 -31.97
N GLU D 566 -16.91 29.31 -32.70
CA GLU D 566 -17.03 29.12 -34.17
C GLU D 566 -18.33 28.39 -34.52
N ASP D 567 -18.44 27.10 -34.18
CA ASP D 567 -19.53 26.19 -34.63
C ASP D 567 -20.90 26.60 -34.02
N TYR D 568 -20.94 27.54 -33.06
CA TYR D 568 -22.21 28.10 -32.54
C TYR D 568 -22.36 29.61 -32.85
N PHE D 569 -21.61 30.51 -32.20
CA PHE D 569 -21.88 31.99 -32.19
C PHE D 569 -21.72 32.62 -33.58
N LYS D 570 -20.76 32.15 -34.40
CA LYS D 570 -20.54 32.54 -35.82
C LYS D 570 -21.68 31.98 -36.69
N LYS D 571 -21.81 30.65 -36.73
CA LYS D 571 -22.60 29.88 -37.73
C LYS D 571 -24.11 29.90 -37.41
N ILE D 572 -24.53 30.33 -36.23
CA ILE D 572 -25.98 30.47 -35.86
C ILE D 572 -26.27 31.91 -35.40
N GLU D 573 -25.39 32.50 -34.57
CA GLU D 573 -25.63 33.76 -33.82
C GLU D 573 -25.04 34.97 -34.57
N GLU D 574 -24.14 34.70 -35.54
CA GLU D 574 -23.46 35.69 -36.42
C GLU D 574 -22.82 36.80 -35.58
N PHE D 575 -21.92 36.40 -34.68
CA PHE D 575 -20.98 37.26 -33.90
C PHE D 575 -19.54 36.84 -34.24
N ASP D 576 -18.89 37.55 -35.18
CA ASP D 576 -17.60 37.13 -35.80
C ASP D 576 -16.45 37.18 -34.78
N SER D 577 -16.61 37.96 -33.71
CA SER D 577 -15.71 38.00 -32.53
C SER D 577 -16.54 37.92 -31.25
N VAL D 578 -16.42 36.80 -30.51
CA VAL D 578 -17.13 36.56 -29.21
C VAL D 578 -16.13 36.08 -28.14
N GLU D 579 -16.04 36.87 -27.07
CA GLU D 579 -15.30 36.56 -25.82
C GLU D 579 -16.28 35.97 -24.81
N ILE D 580 -15.94 34.84 -24.17
CA ILE D 580 -16.83 34.08 -23.25
C ILE D 580 -16.08 33.72 -21.97
N SER D 581 -16.74 33.84 -20.81
CA SER D 581 -16.21 33.55 -19.44
C SER D 581 -16.95 32.35 -18.82
N GLY D 582 -16.20 31.45 -18.14
CA GLY D 582 -16.77 30.38 -17.30
C GLY D 582 -16.30 28.98 -17.67
N VAL D 583 -15.71 28.83 -18.86
CA VAL D 583 -15.16 27.54 -19.41
C VAL D 583 -13.84 27.86 -20.12
N GLU D 584 -12.73 27.27 -19.69
CA GLU D 584 -11.38 27.89 -19.84
C GLU D 584 -10.61 27.37 -21.05
N ASP D 585 -10.83 26.14 -21.50
CA ASP D 585 -10.14 25.65 -22.72
C ASP D 585 -11.14 24.74 -23.48
N ARG D 586 -11.60 23.69 -22.80
CA ARG D 586 -12.74 22.82 -23.18
C ARG D 586 -13.63 22.71 -21.95
N PHE D 587 -14.89 22.29 -22.13
CA PHE D 587 -15.85 21.94 -21.06
C PHE D 587 -15.33 20.74 -20.26
N ASN D 588 -15.29 20.88 -18.93
CA ASN D 588 -14.99 19.75 -18.01
C ASN D 588 -16.03 18.64 -18.26
N ALA D 589 -17.30 19.00 -18.24
CA ALA D 589 -18.49 18.16 -18.54
C ALA D 589 -18.52 17.74 -20.02
N SER D 590 -19.18 16.63 -20.28
CA SER D 590 -19.31 15.98 -21.61
C SER D 590 -20.42 14.94 -21.51
N LEU D 591 -21.12 14.68 -22.61
CA LEU D 591 -22.12 13.57 -22.69
C LEU D 591 -21.43 12.33 -23.27
N GLY D 592 -20.30 11.91 -22.66
CA GLY D 592 -19.53 10.70 -23.01
C GLY D 592 -20.42 9.48 -23.20
N THR D 593 -21.51 9.35 -22.44
CA THR D 593 -22.39 8.15 -22.48
C THR D 593 -23.37 8.29 -23.64
N TYR D 594 -23.88 9.49 -23.91
CA TYR D 594 -24.68 9.76 -25.13
C TYR D 594 -23.93 9.30 -26.39
N HIS D 595 -22.60 9.43 -26.46
CA HIS D 595 -21.77 9.16 -27.67
C HIS D 595 -21.46 7.67 -27.76
N ASP D 596 -20.78 7.15 -26.73
CA ASP D 596 -20.53 5.70 -26.57
C ASP D 596 -21.78 4.92 -27.00
N LEU D 597 -22.96 5.31 -26.52
CA LEU D 597 -24.25 4.67 -26.91
C LEU D 597 -24.52 4.94 -28.38
N LEU D 598 -24.82 6.18 -28.79
CA LEU D 598 -25.25 6.48 -30.19
C LEU D 598 -24.29 5.84 -31.20
N LYS D 599 -22.97 5.84 -30.96
CA LYS D 599 -22.01 5.05 -31.79
C LYS D 599 -22.61 3.65 -31.95
N ILE D 600 -22.79 2.89 -30.85
CA ILE D 600 -23.15 1.43 -30.91
C ILE D 600 -24.65 1.27 -31.20
N ILE D 601 -25.54 1.97 -30.49
CA ILE D 601 -27.02 1.71 -30.57
C ILE D 601 -27.48 2.14 -31.97
N LYS D 602 -27.01 3.31 -32.45
CA LYS D 602 -27.17 3.80 -33.85
C LYS D 602 -28.61 4.32 -34.04
N ASP D 603 -29.03 5.33 -33.29
CA ASP D 603 -30.40 5.90 -33.36
C ASP D 603 -30.54 7.12 -32.42
N LYS D 604 -30.46 8.34 -32.96
CA LYS D 604 -30.59 9.61 -32.17
C LYS D 604 -32.05 9.80 -31.70
N ASP D 605 -33.01 9.42 -32.53
CA ASP D 605 -34.46 9.62 -32.27
C ASP D 605 -34.87 8.81 -31.03
N PHE D 606 -34.12 7.77 -30.70
CA PHE D 606 -34.40 6.91 -29.52
C PHE D 606 -33.76 7.51 -28.27
N LEU D 607 -32.49 7.93 -28.38
CA LEU D 607 -31.70 8.55 -27.28
C LEU D 607 -32.36 9.85 -26.79
N ASP D 608 -32.83 10.70 -27.72
CA ASP D 608 -33.36 12.06 -27.46
C ASP D 608 -34.80 11.99 -26.93
N ASN D 609 -35.48 10.85 -27.14
CA ASN D 609 -36.89 10.58 -26.76
C ASN D 609 -37.05 10.42 -25.24
N GLU D 610 -37.65 11.41 -24.57
CA GLU D 610 -37.82 11.47 -23.10
C GLU D 610 -38.69 10.28 -22.63
N GLU D 611 -39.59 9.77 -23.48
CA GLU D 611 -40.64 8.76 -23.09
C GLU D 611 -40.01 7.35 -22.94
N ASN D 612 -38.67 7.21 -23.00
CA ASN D 612 -37.97 5.90 -22.81
C ASN D 612 -36.68 6.11 -21.99
N GLU D 613 -36.75 6.99 -20.98
CA GLU D 613 -35.60 7.40 -20.12
C GLU D 613 -35.33 6.29 -19.09
N ASP D 614 -36.32 5.97 -18.25
CA ASP D 614 -36.25 4.92 -17.21
C ASP D 614 -35.40 3.74 -17.70
N ILE D 615 -35.61 3.32 -18.94
CA ILE D 615 -34.92 2.18 -19.59
C ILE D 615 -33.43 2.50 -19.74
N LEU D 616 -33.11 3.55 -20.49
CA LEU D 616 -31.70 3.94 -20.74
C LEU D 616 -30.96 4.06 -19.41
N GLU D 617 -31.63 4.52 -18.34
CA GLU D 617 -31.03 4.65 -16.98
C GLU D 617 -30.76 3.27 -16.37
N ASP D 618 -31.66 2.30 -16.60
CA ASP D 618 -31.50 0.86 -16.21
C ASP D 618 -30.50 0.11 -17.13
N ILE D 619 -30.17 0.59 -18.34
CA ILE D 619 -29.09 -0.06 -19.14
C ILE D 619 -27.74 0.38 -18.60
N VAL D 620 -27.57 1.63 -18.25
CA VAL D 620 -26.27 2.12 -17.74
C VAL D 620 -26.09 1.64 -16.29
N LEU D 621 -27.17 1.33 -15.57
CA LEU D 621 -27.08 0.82 -14.19
C LEU D 621 -26.60 -0.62 -14.27
N THR D 622 -27.19 -1.39 -15.19
CA THR D 622 -26.77 -2.77 -15.54
C THR D 622 -25.30 -2.79 -16.02
N LEU D 623 -24.91 -1.87 -16.87
CA LEU D 623 -23.50 -1.80 -17.37
C LEU D 623 -22.55 -1.35 -16.25
N THR D 624 -22.98 -0.56 -15.27
CA THR D 624 -22.08 -0.04 -14.21
C THR D 624 -21.91 -1.10 -13.12
N LEU D 625 -23.00 -1.67 -12.61
CA LEU D 625 -23.02 -2.68 -11.52
C LEU D 625 -22.12 -3.86 -11.89
N PHE D 626 -22.34 -4.43 -13.09
CA PHE D 626 -21.82 -5.76 -13.53
C PHE D 626 -20.56 -5.61 -14.38
N GLU D 627 -19.69 -6.61 -14.29
CA GLU D 627 -18.45 -6.69 -15.10
C GLU D 627 -18.43 -7.99 -15.90
N ASP D 628 -19.36 -8.92 -15.62
CA ASP D 628 -19.43 -10.28 -16.22
C ASP D 628 -20.31 -10.21 -17.48
N ARG D 629 -19.68 -9.95 -18.65
CA ARG D 629 -20.37 -9.80 -19.96
C ARG D 629 -21.54 -10.79 -20.07
N GLU D 630 -21.48 -11.96 -19.45
CA GLU D 630 -22.59 -12.95 -19.47
C GLU D 630 -23.76 -12.42 -18.64
N MET D 631 -23.52 -12.05 -17.38
CA MET D 631 -24.59 -11.59 -16.43
C MET D 631 -25.27 -10.34 -16.97
N ILE D 632 -24.51 -9.43 -17.59
CA ILE D 632 -25.02 -8.26 -18.37
C ILE D 632 -26.07 -8.81 -19.33
N GLU D 633 -25.63 -9.63 -20.28
CA GLU D 633 -26.45 -10.18 -21.38
C GLU D 633 -27.81 -10.62 -20.80
N GLU D 634 -27.79 -11.29 -19.64
CA GLU D 634 -29.00 -11.89 -18.99
C GLU D 634 -29.93 -10.79 -18.47
N ARG D 635 -29.39 -9.70 -17.94
CA ARG D 635 -30.20 -8.57 -17.43
C ARG D 635 -30.50 -7.58 -18.56
N LEU D 636 -29.80 -7.69 -19.69
CA LEU D 636 -30.00 -6.85 -20.90
C LEU D 636 -31.01 -7.50 -21.85
N LYS D 637 -31.31 -8.79 -21.68
CA LYS D 637 -32.08 -9.56 -22.70
C LYS D 637 -33.53 -9.07 -22.76
N THR D 638 -34.08 -8.56 -21.65
CA THR D 638 -35.45 -7.97 -21.51
C THR D 638 -35.67 -6.76 -22.44
N TYR D 639 -34.60 -6.13 -22.95
CA TYR D 639 -34.66 -4.99 -23.91
C TYR D 639 -34.25 -5.47 -25.31
N ALA D 640 -34.61 -6.69 -25.69
CA ALA D 640 -34.21 -7.29 -26.98
C ALA D 640 -35.29 -7.01 -28.03
N HIS D 641 -36.55 -6.85 -27.63
CA HIS D 641 -37.62 -6.27 -28.49
C HIS D 641 -37.15 -4.92 -29.04
N LEU D 642 -36.64 -4.03 -28.19
CA LEU D 642 -36.34 -2.62 -28.57
C LEU D 642 -35.11 -2.56 -29.47
N PHE D 643 -34.24 -3.58 -29.52
CA PHE D 643 -32.93 -3.46 -30.20
C PHE D 643 -32.61 -4.60 -31.20
N ASP D 644 -31.99 -4.18 -32.30
CA ASP D 644 -31.16 -4.95 -33.28
C ASP D 644 -30.30 -5.97 -32.53
N ASP D 645 -30.14 -7.17 -33.11
CA ASP D 645 -29.32 -8.26 -32.51
C ASP D 645 -27.84 -7.85 -32.58
N LYS D 646 -27.41 -7.22 -33.69
CA LYS D 646 -25.99 -6.83 -33.97
C LYS D 646 -25.48 -5.91 -32.85
N VAL D 647 -26.43 -5.28 -32.14
CA VAL D 647 -26.27 -4.13 -31.19
C VAL D 647 -26.20 -4.63 -29.73
N MET D 648 -26.90 -5.69 -29.35
CA MET D 648 -26.67 -6.40 -28.06
C MET D 648 -25.23 -6.93 -28.05
N LYS D 649 -24.73 -7.39 -29.21
CA LYS D 649 -23.31 -7.79 -29.39
C LYS D 649 -22.43 -6.65 -28.88
N GLN D 650 -22.69 -5.43 -29.33
CA GLN D 650 -21.94 -4.19 -28.97
C GLN D 650 -22.20 -3.80 -27.51
N LEU D 651 -23.46 -3.89 -27.08
CA LEU D 651 -24.00 -3.23 -25.85
C LEU D 651 -23.52 -3.98 -24.63
N LYS D 652 -23.61 -5.31 -24.71
CA LYS D 652 -23.19 -6.27 -23.67
C LYS D 652 -21.75 -5.92 -23.23
N ARG D 653 -20.91 -5.46 -24.16
CA ARG D 653 -19.46 -5.24 -23.94
C ARG D 653 -19.21 -3.82 -23.43
N ARG D 654 -20.15 -2.90 -23.67
CA ARG D 654 -20.08 -1.45 -23.34
C ARG D 654 -20.10 -1.26 -21.82
N ARG D 655 -19.14 -1.82 -21.10
CA ARG D 655 -19.13 -1.79 -19.61
C ARG D 655 -18.84 -0.37 -19.13
N TYR D 656 -19.21 -0.05 -17.90
CA TYR D 656 -18.96 1.28 -17.29
C TYR D 656 -18.59 1.11 -15.85
N THR D 657 -17.82 2.06 -15.35
CA THR D 657 -17.20 1.99 -14.02
C THR D 657 -17.15 3.39 -13.38
N GLY D 658 -17.57 3.47 -12.12
CA GLY D 658 -17.62 4.73 -11.35
C GLY D 658 -19.03 5.08 -10.92
N TRP D 659 -19.18 5.67 -9.72
CA TRP D 659 -20.46 6.19 -9.18
C TRP D 659 -20.45 7.71 -8.97
N GLY D 660 -21.62 8.33 -9.12
CA GLY D 660 -21.80 9.76 -8.84
C GLY D 660 -21.80 10.06 -7.34
N ARG D 661 -22.09 11.32 -7.00
CA ARG D 661 -22.24 11.81 -5.60
C ARG D 661 -23.71 12.15 -5.31
N LEU D 662 -24.62 11.99 -6.26
CA LEU D 662 -26.01 12.50 -6.14
C LEU D 662 -26.99 11.52 -6.76
N SER D 663 -28.23 11.53 -6.32
CA SER D 663 -29.28 10.56 -6.70
C SER D 663 -30.11 11.08 -7.88
N ARG D 664 -30.98 10.23 -8.41
CA ARG D 664 -31.99 10.60 -9.41
C ARG D 664 -33.02 11.53 -8.73
N LYS D 665 -33.49 11.16 -7.53
CA LYS D 665 -34.51 11.96 -6.81
C LYS D 665 -34.03 13.42 -6.74
N LEU D 666 -32.77 13.67 -6.34
CA LEU D 666 -32.23 15.05 -6.21
C LEU D 666 -32.17 15.73 -7.59
N ILE D 667 -31.41 15.14 -8.51
CA ILE D 667 -31.13 15.73 -9.84
C ILE D 667 -32.44 16.03 -10.57
N ASN D 668 -33.44 15.16 -10.55
CA ASN D 668 -34.58 15.28 -11.50
C ASN D 668 -35.88 14.66 -10.98
N GLY D 669 -36.03 14.47 -9.68
CA GLY D 669 -37.29 13.93 -9.13
C GLY D 669 -37.99 15.00 -8.34
N ILE D 670 -37.32 15.42 -7.28
CA ILE D 670 -37.76 16.44 -6.28
C ILE D 670 -38.06 17.74 -7.04
N ARG D 671 -39.10 18.48 -6.62
CA ARG D 671 -39.59 19.75 -7.26
C ARG D 671 -39.62 20.92 -6.26
N ASP D 672 -39.28 22.13 -6.71
CA ASP D 672 -39.61 23.40 -6.01
C ASP D 672 -41.13 23.51 -5.95
N LYS D 673 -41.68 23.83 -4.77
CA LYS D 673 -43.16 23.90 -4.58
C LYS D 673 -43.71 24.91 -5.60
N GLN D 674 -43.30 26.18 -5.51
CA GLN D 674 -43.76 27.26 -6.41
C GLN D 674 -43.75 26.76 -7.87
N SER D 675 -42.58 26.65 -8.50
CA SER D 675 -42.41 26.46 -9.97
C SER D 675 -42.78 25.03 -10.39
N GLY D 676 -42.75 24.08 -9.45
CA GLY D 676 -42.99 22.63 -9.68
C GLY D 676 -41.90 22.02 -10.55
N LYS D 677 -40.66 22.51 -10.43
CA LYS D 677 -39.57 22.23 -11.39
C LYS D 677 -38.44 21.54 -10.65
N THR D 678 -37.83 20.56 -11.31
CA THR D 678 -36.72 19.74 -10.77
C THR D 678 -35.46 20.59 -10.83
N ILE D 679 -34.46 20.33 -9.99
CA ILE D 679 -33.12 20.97 -10.08
C ILE D 679 -32.66 21.03 -11.56
N LEU D 680 -32.80 19.97 -12.35
CA LEU D 680 -32.27 19.90 -13.75
C LEU D 680 -33.12 20.80 -14.64
N ASP D 681 -34.41 20.95 -14.32
CA ASP D 681 -35.34 21.92 -14.97
C ASP D 681 -34.76 23.34 -14.87
N PHE D 682 -34.39 23.80 -13.67
CA PHE D 682 -33.75 25.13 -13.46
C PHE D 682 -32.41 25.18 -14.20
N LEU D 683 -31.62 24.11 -14.15
CA LEU D 683 -30.29 24.04 -14.83
C LEU D 683 -30.51 24.22 -16.34
N LYS D 684 -31.63 23.72 -16.86
CA LYS D 684 -31.95 23.78 -18.31
C LYS D 684 -32.46 25.17 -18.68
N SER D 685 -32.98 25.94 -17.71
CA SER D 685 -33.67 27.25 -17.94
C SER D 685 -34.03 27.90 -16.60
N ASP D 686 -33.43 29.04 -16.27
CA ASP D 686 -33.70 29.72 -14.99
C ASP D 686 -33.66 31.23 -15.25
N GLY D 687 -34.55 31.70 -16.13
CA GLY D 687 -34.67 33.11 -16.54
C GLY D 687 -33.31 33.71 -16.79
N PHE D 688 -33.00 34.79 -16.08
CA PHE D 688 -31.77 35.59 -16.24
C PHE D 688 -30.88 35.41 -14.99
N ALA D 689 -31.29 34.52 -14.08
CA ALA D 689 -30.61 34.21 -12.79
C ALA D 689 -29.57 33.09 -13.02
N ASN D 690 -29.93 32.11 -13.86
CA ASN D 690 -29.11 30.93 -14.24
C ASN D 690 -28.39 30.39 -13.01
N ARG D 691 -29.17 29.86 -12.06
CA ARG D 691 -28.69 29.38 -10.75
C ARG D 691 -28.03 28.00 -10.94
N ASN D 692 -26.82 27.85 -10.39
CA ASN D 692 -26.10 26.59 -10.07
C ASN D 692 -26.98 25.56 -9.36
N PHE D 693 -26.51 24.33 -9.35
CA PHE D 693 -26.82 23.26 -8.34
C PHE D 693 -26.64 23.81 -6.92
N ILE D 694 -25.41 24.17 -6.55
CA ILE D 694 -25.10 24.59 -5.15
C ILE D 694 -26.03 25.75 -4.76
N GLN D 695 -26.37 26.64 -5.70
CA GLN D 695 -27.26 27.81 -5.43
C GLN D 695 -28.66 27.32 -5.07
N LEU D 696 -29.34 26.66 -6.02
CA LEU D 696 -30.74 26.19 -5.90
C LEU D 696 -30.90 25.53 -4.52
N ILE D 697 -29.87 24.80 -4.10
CA ILE D 697 -29.88 23.99 -2.85
C ILE D 697 -29.87 24.91 -1.63
N HIS D 698 -29.35 26.14 -1.76
CA HIS D 698 -29.21 27.12 -0.64
C HIS D 698 -30.17 28.31 -0.79
N ASP D 699 -31.05 28.31 -1.80
CA ASP D 699 -31.92 29.45 -2.13
C ASP D 699 -33.24 29.37 -1.36
N ASP D 700 -33.49 30.32 -0.44
CA ASP D 700 -34.65 30.31 0.49
C ASP D 700 -35.95 30.57 -0.28
N SER D 701 -35.88 31.21 -1.44
CA SER D 701 -37.05 31.45 -2.34
C SER D 701 -37.53 30.12 -2.93
N LEU D 702 -36.74 29.05 -2.79
CA LEU D 702 -37.06 27.69 -3.32
C LEU D 702 -37.19 26.70 -2.17
N THR D 703 -37.84 25.55 -2.40
CA THR D 703 -38.18 24.51 -1.38
C THR D 703 -37.10 23.41 -1.27
N PHE D 704 -36.14 23.36 -2.20
CA PHE D 704 -34.99 22.42 -2.16
C PHE D 704 -34.29 22.54 -0.81
N LYS D 705 -34.04 23.77 -0.35
CA LYS D 705 -33.23 24.00 0.88
C LYS D 705 -33.83 23.27 2.10
N GLU D 706 -35.14 23.41 2.34
CA GLU D 706 -35.79 22.89 3.57
C GLU D 706 -36.08 21.39 3.36
N ASP D 707 -36.51 20.98 2.16
CA ASP D 707 -36.76 19.54 1.83
C ASP D 707 -35.51 18.67 2.06
N ILE D 708 -34.33 19.22 1.83
CA ILE D 708 -33.04 18.53 2.13
C ILE D 708 -32.83 18.55 3.64
N GLN D 709 -33.26 19.62 4.32
CA GLN D 709 -33.15 19.74 5.79
C GLN D 709 -33.99 18.64 6.45
N LYS D 710 -35.18 18.37 5.90
CA LYS D 710 -36.15 17.33 6.33
C LYS D 710 -35.51 15.94 6.22
N ALA D 711 -34.91 15.58 5.08
CA ALA D 711 -34.40 14.22 4.81
C ALA D 711 -33.14 13.92 5.62
N GLN D 712 -32.44 14.93 6.14
CA GLN D 712 -31.19 14.71 6.91
C GLN D 712 -31.50 13.90 8.19
N VAL D 713 -30.61 12.96 8.58
CA VAL D 713 -30.74 12.15 9.84
C VAL D 713 -29.53 12.47 10.74
N SER D 714 -29.56 11.97 11.99
CA SER D 714 -28.39 11.84 12.90
C SER D 714 -27.37 10.87 12.31
N SER D 719 -20.99 5.90 18.65
CA SER D 719 -19.90 5.81 19.66
C SER D 719 -18.64 6.56 19.18
N LEU D 720 -17.74 6.88 20.10
CA LEU D 720 -16.41 7.50 19.82
C LEU D 720 -15.51 6.47 19.13
N HIS D 721 -15.20 5.37 19.83
CA HIS D 721 -14.36 4.22 19.37
C HIS D 721 -14.66 3.93 17.90
N GLU D 722 -15.95 3.74 17.58
CA GLU D 722 -16.48 3.58 16.20
C GLU D 722 -16.11 4.79 15.36
N HIS D 723 -16.52 5.98 15.79
CA HIS D 723 -16.44 7.25 15.01
C HIS D 723 -15.01 7.46 14.50
N ILE D 724 -14.01 7.15 15.32
CA ILE D 724 -12.59 7.40 14.98
C ILE D 724 -12.14 6.39 13.92
N ALA D 725 -12.54 5.12 14.07
CA ALA D 725 -12.21 4.03 13.13
C ALA D 725 -12.90 4.23 11.78
N ASN D 726 -13.89 5.13 11.65
CA ASN D 726 -14.58 5.35 10.35
C ASN D 726 -13.96 6.53 9.59
N LEU D 727 -12.94 7.20 10.15
CA LEU D 727 -12.21 8.30 9.46
C LEU D 727 -11.38 7.73 8.30
N ALA D 728 -10.95 8.59 7.40
CA ALA D 728 -10.03 8.24 6.31
C ALA D 728 -8.66 8.72 6.76
N GLY D 729 -7.91 7.82 7.40
CA GLY D 729 -6.45 7.91 7.57
C GLY D 729 -5.88 6.56 7.89
N SER D 730 -4.56 6.47 7.99
CA SER D 730 -3.81 5.25 8.37
C SER D 730 -4.27 4.77 9.74
N PRO D 731 -4.62 3.48 9.92
CA PRO D 731 -4.88 2.95 11.27
C PRO D 731 -3.85 3.50 12.26
N ALA D 732 -2.57 3.62 11.88
CA ALA D 732 -1.48 4.14 12.75
C ALA D 732 -1.86 5.52 13.28
N ILE D 733 -2.37 6.45 12.46
CA ILE D 733 -2.78 7.80 12.97
C ILE D 733 -4.11 7.68 13.74
N LYS D 734 -4.97 6.75 13.33
CA LYS D 734 -6.30 6.61 13.94
C LYS D 734 -6.14 6.12 15.37
N LYS D 735 -4.96 5.67 15.76
CA LYS D 735 -4.71 5.18 17.14
C LYS D 735 -4.34 6.42 17.97
N GLY D 736 -3.29 7.15 17.56
CA GLY D 736 -2.90 8.46 18.11
C GLY D 736 -4.14 9.32 18.31
N ILE D 737 -5.01 9.38 17.31
CA ILE D 737 -6.28 10.15 17.40
C ILE D 737 -7.01 9.65 18.65
N LEU D 738 -7.49 8.40 18.65
CA LEU D 738 -8.34 7.93 19.77
C LEU D 738 -7.62 8.29 21.06
N GLN D 739 -6.35 7.90 21.15
CA GLN D 739 -5.59 7.98 22.42
C GLN D 739 -5.63 9.44 22.89
N THR D 740 -5.43 10.44 22.02
CA THR D 740 -5.34 11.86 22.49
C THR D 740 -6.67 12.23 23.15
N VAL D 741 -7.79 11.83 22.56
CA VAL D 741 -9.14 12.16 23.09
C VAL D 741 -9.17 11.64 24.51
N LYS D 742 -8.47 10.55 24.77
CA LYS D 742 -8.55 9.87 26.09
C LYS D 742 -7.66 10.60 27.09
N VAL D 743 -6.52 11.11 26.63
CA VAL D 743 -5.66 11.92 27.52
C VAL D 743 -6.48 13.19 27.82
N VAL D 744 -7.12 13.80 26.81
CA VAL D 744 -7.83 15.09 27.02
C VAL D 744 -8.94 14.84 28.04
N ASP D 745 -9.57 13.65 28.00
CA ASP D 745 -10.69 13.34 28.92
C ASP D 745 -10.16 13.20 30.34
N GLU D 746 -8.95 12.66 30.48
CA GLU D 746 -8.31 12.48 31.81
C GLU D 746 -7.83 13.83 32.33
N LEU D 747 -7.15 14.62 31.49
CA LEU D 747 -6.73 16.00 31.84
C LEU D 747 -7.93 16.80 32.35
N VAL D 748 -9.09 16.73 31.70
CA VAL D 748 -10.27 17.50 32.18
C VAL D 748 -10.58 17.06 33.61
N LYS D 749 -10.46 15.76 33.91
CA LYS D 749 -10.71 15.26 35.29
C LYS D 749 -9.63 15.80 36.25
N VAL D 750 -8.33 15.68 35.98
CA VAL D 750 -7.31 16.11 36.98
C VAL D 750 -7.57 17.59 37.29
N MET D 751 -8.09 18.32 36.32
CA MET D 751 -8.42 19.75 36.46
C MET D 751 -9.87 19.93 36.94
N GLY D 752 -10.38 18.97 37.73
CA GLY D 752 -11.63 19.12 38.51
C GLY D 752 -12.87 19.31 37.65
N ARG D 753 -12.95 18.60 36.52
CA ARG D 753 -14.08 18.64 35.56
C ARG D 753 -14.12 19.98 34.82
N HIS D 754 -13.33 20.98 35.22
CA HIS D 754 -13.27 22.31 34.54
C HIS D 754 -12.65 22.16 33.16
N LYS D 755 -13.40 22.52 32.10
CA LYS D 755 -12.94 22.38 30.69
C LYS D 755 -11.80 23.36 30.48
N PRO D 756 -10.89 23.14 29.53
CA PRO D 756 -9.83 24.09 29.29
C PRO D 756 -10.38 25.31 28.55
N GLU D 757 -9.58 26.36 28.53
CA GLU D 757 -9.85 27.59 27.75
C GLU D 757 -9.56 27.26 26.30
N ASN D 758 -8.49 26.52 26.05
CA ASN D 758 -8.09 26.09 24.69
C ASN D 758 -7.52 24.68 24.73
N ILE D 759 -7.68 23.96 23.62
CA ILE D 759 -6.85 22.79 23.26
C ILE D 759 -6.09 23.16 21.98
N VAL D 760 -4.78 23.07 22.01
CA VAL D 760 -3.97 23.31 20.78
C VAL D 760 -3.52 21.93 20.30
N ILE D 761 -4.03 21.41 19.18
CA ILE D 761 -3.56 20.10 18.63
C ILE D 761 -2.42 20.35 17.61
N GLU D 762 -1.73 19.31 17.19
CA GLU D 762 -0.99 19.29 15.90
C GLU D 762 -0.59 17.84 15.66
N MET D 763 -0.46 17.40 14.40
CA MET D 763 -0.06 16.02 14.00
C MET D 763 1.30 16.05 13.28
N ALA D 764 1.87 14.90 12.94
CA ALA D 764 3.11 14.80 12.14
C ALA D 764 2.73 14.25 10.75
N ARG D 765 3.71 14.15 9.85
CA ARG D 765 3.54 13.72 8.43
C ARG D 765 4.03 12.27 8.26
N GLN D 774 14.10 -1.95 0.30
CA GLN D 774 13.57 -2.97 -0.66
C GLN D 774 12.22 -2.51 -1.24
N LYS D 775 11.24 -2.17 -0.37
CA LYS D 775 9.84 -1.76 -0.73
C LYS D 775 9.82 -0.67 -1.80
N ASN D 776 10.16 0.59 -1.44
CA ASN D 776 10.27 1.74 -2.37
C ASN D 776 11.67 1.75 -3.02
N SER D 777 12.29 0.57 -3.21
CA SER D 777 13.53 0.30 -4.00
C SER D 777 13.24 -0.65 -5.17
N ARG D 778 12.11 -1.38 -5.16
CA ARG D 778 11.58 -2.18 -6.29
C ARG D 778 10.66 -1.31 -7.14
N GLU D 779 9.78 -0.53 -6.49
CA GLU D 779 8.89 0.47 -7.14
C GLU D 779 9.73 1.36 -8.09
N ARG D 780 10.80 1.96 -7.57
CA ARG D 780 11.69 2.92 -8.28
C ARG D 780 12.36 2.28 -9.50
N MET D 781 12.94 1.09 -9.32
CA MET D 781 13.63 0.34 -10.41
C MET D 781 12.58 -0.11 -11.41
N LYS D 782 11.39 -0.43 -10.94
CA LYS D 782 10.27 -0.86 -11.81
C LYS D 782 9.74 0.36 -12.60
N ARG D 783 9.85 1.57 -12.04
CA ARG D 783 9.41 2.83 -12.73
C ARG D 783 10.56 3.32 -13.63
N ILE D 784 11.81 3.13 -13.20
CA ILE D 784 13.04 3.46 -13.99
C ILE D 784 13.09 2.60 -15.26
N GLU D 785 12.91 1.27 -15.13
CA GLU D 785 12.91 0.34 -16.30
C GLU D 785 11.84 0.80 -17.29
N GLU D 786 10.58 0.80 -16.84
CA GLU D 786 9.38 1.02 -17.69
C GLU D 786 9.49 2.36 -18.41
N GLY D 787 10.09 3.36 -17.76
CA GLY D 787 10.26 4.72 -18.29
C GLY D 787 11.23 4.74 -19.47
N ILE D 788 12.39 4.14 -19.30
CA ILE D 788 13.47 4.12 -20.33
C ILE D 788 13.06 3.12 -21.42
N LYS D 789 12.61 1.91 -21.03
CA LYS D 789 12.03 0.88 -21.93
C LYS D 789 10.99 1.55 -22.86
N GLU D 790 10.19 2.48 -22.32
CA GLU D 790 9.21 3.28 -23.11
C GLU D 790 9.98 4.32 -23.94
N LEU D 791 11.00 4.96 -23.37
CA LEU D 791 11.77 6.00 -24.09
C LEU D 791 12.63 5.35 -25.17
N GLY D 792 12.88 4.05 -25.06
CA GLY D 792 13.89 3.35 -25.89
C GLY D 792 15.24 4.05 -25.76
N SER D 793 15.78 4.09 -24.54
CA SER D 793 17.12 4.63 -24.24
C SER D 793 18.02 3.47 -23.81
N GLN D 794 19.32 3.55 -24.15
CA GLN D 794 20.31 2.46 -23.95
C GLN D 794 21.11 2.68 -22.67
N ILE D 795 20.54 3.38 -21.68
CA ILE D 795 21.25 3.96 -20.51
C ILE D 795 21.46 2.89 -19.43
N LEU D 796 20.66 1.83 -19.43
CA LEU D 796 20.80 0.72 -18.43
C LEU D 796 21.82 -0.32 -18.94
N LYS D 797 21.95 -0.47 -20.27
CA LYS D 797 23.08 -1.16 -20.95
C LYS D 797 24.38 -0.41 -20.62
N GLU D 798 24.37 0.93 -20.72
CA GLU D 798 25.55 1.82 -20.56
C GLU D 798 25.94 2.07 -19.09
N HIS D 799 25.02 1.93 -18.13
CA HIS D 799 25.30 2.14 -16.69
C HIS D 799 24.38 1.28 -15.81
N PRO D 800 24.41 -0.07 -15.94
CA PRO D 800 23.60 -0.97 -15.12
C PRO D 800 23.60 -0.71 -13.61
N VAL D 801 22.43 -0.88 -12.94
CA VAL D 801 22.16 -0.47 -11.52
C VAL D 801 21.36 -1.56 -10.78
N GLU D 802 21.75 -1.89 -9.57
CA GLU D 802 20.90 -2.80 -8.77
C GLU D 802 19.58 -2.08 -8.52
N ASN D 803 18.86 -2.39 -7.45
CA ASN D 803 17.60 -1.67 -7.15
C ASN D 803 17.61 -1.42 -5.65
N THR D 804 18.60 -0.67 -5.20
CA THR D 804 18.81 -0.34 -3.76
C THR D 804 19.68 0.90 -3.62
N GLN D 805 20.42 1.25 -4.69
CA GLN D 805 21.23 2.50 -4.70
C GLN D 805 20.34 3.62 -5.23
N LEU D 806 19.31 3.25 -5.98
CA LEU D 806 18.30 4.26 -6.42
C LEU D 806 17.56 4.83 -5.21
N GLN D 807 18.04 4.58 -3.99
CA GLN D 807 17.58 5.30 -2.76
C GLN D 807 18.47 6.54 -2.58
N ASN D 808 19.55 6.68 -3.37
CA ASN D 808 20.42 7.89 -3.38
C ASN D 808 19.76 8.91 -4.32
N GLU D 809 19.06 9.91 -3.76
CA GLU D 809 18.07 10.74 -4.50
C GLU D 809 18.75 11.38 -5.72
N LYS D 810 20.03 11.76 -5.61
CA LYS D 810 20.88 12.26 -6.73
C LYS D 810 21.00 11.24 -7.87
N LEU D 811 21.15 9.96 -7.55
CA LEU D 811 21.31 8.91 -8.59
C LEU D 811 19.95 8.66 -9.26
N TYR D 812 18.93 8.39 -8.46
CA TYR D 812 17.54 8.09 -8.89
C TYR D 812 17.07 9.19 -9.86
N LEU D 813 17.14 10.45 -9.45
CA LEU D 813 16.76 11.64 -10.28
C LEU D 813 17.55 11.63 -11.60
N TYR D 814 18.83 11.22 -11.59
CA TYR D 814 19.71 11.14 -12.79
C TYR D 814 19.09 10.14 -13.79
N TYR D 815 18.61 9.01 -13.28
CA TYR D 815 18.00 7.92 -14.08
C TYR D 815 16.58 8.33 -14.51
N LEU D 816 15.85 9.04 -13.66
CA LEU D 816 14.48 9.53 -13.96
C LEU D 816 14.53 10.71 -14.95
N GLN D 817 15.73 11.14 -15.34
CA GLN D 817 15.94 12.27 -16.29
C GLN D 817 16.74 11.76 -17.49
N ASN D 818 16.86 10.45 -17.66
CA ASN D 818 17.62 9.85 -18.78
C ASN D 818 19.02 10.45 -18.86
N GLY D 819 19.69 10.57 -17.71
CA GLY D 819 21.07 11.07 -17.62
C GLY D 819 21.27 12.43 -18.29
N ARG D 820 20.23 13.28 -18.33
CA ARG D 820 20.26 14.65 -18.89
C ARG D 820 19.91 15.67 -17.80
N ASP D 821 20.39 16.91 -17.98
CA ASP D 821 20.07 18.08 -17.12
C ASP D 821 18.62 18.46 -17.42
N MET D 822 17.81 18.55 -16.35
CA MET D 822 16.35 18.85 -16.43
C MET D 822 16.10 20.27 -16.93
N TYR D 823 17.08 21.20 -16.84
CA TYR D 823 16.85 22.64 -17.11
C TYR D 823 17.60 23.10 -18.37
N VAL D 824 18.64 22.43 -18.86
CA VAL D 824 19.51 23.03 -19.93
C VAL D 824 19.67 22.14 -21.17
N ASP D 825 19.34 20.84 -21.15
CA ASP D 825 19.48 19.98 -22.36
C ASP D 825 20.97 19.71 -22.58
N GLN D 826 21.75 19.70 -21.50
CA GLN D 826 23.10 19.11 -21.46
C GLN D 826 22.94 17.66 -21.00
N GLU D 827 23.92 16.83 -21.34
CA GLU D 827 24.12 15.47 -20.80
C GLU D 827 24.74 15.59 -19.40
N LEU D 828 24.31 14.75 -18.46
CA LEU D 828 24.76 14.81 -17.05
C LEU D 828 25.80 13.69 -16.82
N ASP D 829 27.03 14.08 -16.47
CA ASP D 829 28.14 13.14 -16.13
C ASP D 829 27.74 12.43 -14.84
N ILE D 830 27.78 11.08 -14.83
CA ILE D 830 27.20 10.22 -13.75
C ILE D 830 28.23 10.01 -12.63
N ASN D 831 29.41 10.62 -12.72
CA ASN D 831 30.44 10.55 -11.65
C ASN D 831 30.68 11.95 -11.09
N ARG D 832 29.81 12.91 -11.42
CA ARG D 832 29.90 14.32 -10.96
C ARG D 832 28.57 14.75 -10.31
N LEU D 833 27.82 13.83 -9.72
CA LEU D 833 26.55 14.14 -9.00
C LEU D 833 26.88 14.90 -7.71
N SER D 834 28.08 14.67 -7.16
CA SER D 834 28.74 15.48 -6.10
C SER D 834 28.75 16.95 -6.54
N ASP D 835 29.24 17.23 -7.75
CA ASP D 835 29.42 18.63 -8.25
C ASP D 835 28.06 19.27 -8.61
N TYR D 836 26.92 18.56 -8.49
CA TYR D 836 25.60 18.96 -9.03
C TYR D 836 24.60 19.31 -7.92
N ASP D 837 23.49 19.99 -8.29
CA ASP D 837 22.44 20.52 -7.39
C ASP D 837 21.09 19.82 -7.59
N VAL D 838 20.31 19.75 -6.49
CA VAL D 838 18.88 19.32 -6.44
C VAL D 838 18.00 20.54 -6.17
N ASP D 839 17.54 21.18 -7.24
CA ASP D 839 16.64 22.35 -7.22
C ASP D 839 15.19 21.89 -7.00
N ALA D 840 14.49 22.53 -6.06
CA ALA D 840 13.03 22.41 -5.86
C ALA D 840 12.37 23.24 -6.96
N ILE D 841 11.34 22.69 -7.60
CA ILE D 841 10.60 23.29 -8.75
C ILE D 841 9.82 24.51 -8.23
N VAL D 842 8.76 24.28 -7.45
CA VAL D 842 8.26 25.25 -6.45
C VAL D 842 9.39 25.35 -5.43
N PRO D 843 10.05 26.51 -5.24
CA PRO D 843 11.20 26.56 -4.35
C PRO D 843 10.82 26.30 -2.88
N GLN D 844 11.83 26.13 -2.02
CA GLN D 844 11.62 25.80 -0.59
C GLN D 844 11.01 27.03 0.08
N SER D 845 11.48 28.22 -0.29
CA SER D 845 10.94 29.51 0.23
C SER D 845 9.41 29.45 0.39
N PHE D 846 8.67 28.88 -0.57
CA PHE D 846 7.18 28.91 -0.62
C PHE D 846 6.55 27.62 -0.05
N LEU D 847 7.13 26.46 -0.37
CA LEU D 847 6.48 25.13 -0.21
C LEU D 847 7.48 24.17 0.42
N LYS D 848 7.09 23.47 1.50
CA LYS D 848 7.91 22.40 2.13
C LYS D 848 7.52 21.03 1.54
N ASP D 849 7.85 20.76 0.27
CA ASP D 849 7.71 19.43 -0.38
C ASP D 849 9.12 18.91 -0.68
N ASP D 850 9.44 17.72 -0.16
CA ASP D 850 10.78 17.08 -0.30
C ASP D 850 10.65 15.82 -1.14
N SER D 851 9.45 15.55 -1.67
CA SER D 851 9.16 14.42 -2.59
C SER D 851 9.90 14.62 -3.92
N ILE D 852 9.92 13.61 -4.77
CA ILE D 852 10.58 13.64 -6.11
C ILE D 852 9.68 14.42 -7.07
N ASP D 853 8.47 14.75 -6.63
CA ASP D 853 7.42 15.44 -7.43
C ASP D 853 7.81 16.92 -7.53
N ASN D 854 8.71 17.41 -6.67
CA ASN D 854 9.11 18.84 -6.65
C ASN D 854 10.64 18.97 -6.72
N LYS D 855 11.37 17.85 -6.78
CA LYS D 855 12.84 17.83 -6.85
C LYS D 855 13.24 17.62 -8.32
N VAL D 856 14.38 18.18 -8.70
CA VAL D 856 14.91 18.14 -10.09
C VAL D 856 16.44 18.26 -10.04
N LEU D 857 17.16 17.35 -10.71
CA LEU D 857 18.65 17.37 -10.76
C LEU D 857 19.11 18.21 -11.95
N THR D 858 19.95 19.20 -11.69
CA THR D 858 20.55 20.10 -12.71
C THR D 858 22.02 20.30 -12.35
N ARG D 859 22.83 20.73 -13.33
CA ARG D 859 24.31 20.91 -13.15
C ARG D 859 24.51 22.00 -12.10
N SER D 860 23.90 23.17 -12.31
CA SER D 860 23.73 24.23 -11.28
C SER D 860 22.26 24.62 -11.18
N ASP D 861 21.78 24.96 -9.97
CA ASP D 861 20.35 25.31 -9.72
C ASP D 861 19.98 26.62 -10.44
N LYS D 862 20.97 27.46 -10.78
CA LYS D 862 20.80 28.81 -11.37
C LYS D 862 20.29 28.75 -12.82
N ASN D 863 20.22 27.54 -13.40
CA ASN D 863 19.75 27.32 -14.80
C ASN D 863 18.21 27.25 -14.81
N ARG D 864 17.56 27.32 -13.65
CA ARG D 864 16.09 27.58 -13.53
C ARG D 864 15.85 29.08 -13.76
N GLY D 865 16.86 29.90 -13.48
CA GLY D 865 16.80 31.37 -13.58
C GLY D 865 16.70 31.97 -12.19
N LYS D 866 15.60 32.66 -11.92
CA LYS D 866 15.41 33.42 -10.66
C LYS D 866 14.75 32.50 -9.61
N SER D 867 15.41 32.42 -8.45
CA SER D 867 15.00 31.75 -7.19
C SER D 867 13.54 32.03 -6.76
N ASP D 868 13.06 33.27 -6.92
CA ASP D 868 11.82 33.80 -6.29
C ASP D 868 10.54 33.48 -7.09
N ASN D 869 10.56 32.43 -7.94
CA ASN D 869 9.37 31.99 -8.72
C ASN D 869 9.64 30.57 -9.25
N VAL D 870 8.71 30.06 -10.08
CA VAL D 870 8.81 28.75 -10.80
C VAL D 870 9.90 28.89 -11.86
N PRO D 871 10.35 27.80 -12.53
CA PRO D 871 11.27 27.91 -13.66
C PRO D 871 10.86 28.96 -14.71
N SER D 872 11.86 29.69 -15.24
CA SER D 872 11.71 30.78 -16.25
C SER D 872 10.84 30.31 -17.42
N GLU D 873 10.14 31.24 -18.09
CA GLU D 873 9.45 31.01 -19.39
C GLU D 873 10.48 30.51 -20.41
N GLU D 874 11.67 31.14 -20.38
CA GLU D 874 12.91 30.76 -21.10
C GLU D 874 13.06 29.24 -21.09
N VAL D 875 13.22 28.67 -19.90
CA VAL D 875 13.42 27.22 -19.69
C VAL D 875 12.19 26.49 -20.23
N VAL D 876 11.00 26.94 -19.79
CA VAL D 876 9.70 26.23 -19.96
C VAL D 876 9.44 25.97 -21.44
N LYS D 877 9.89 26.86 -22.33
CA LYS D 877 9.69 26.74 -23.80
C LYS D 877 10.85 25.92 -24.41
N LYS D 878 12.08 26.07 -23.90
CA LYS D 878 13.26 25.30 -24.40
C LYS D 878 13.12 23.81 -24.05
N MET D 879 12.63 23.49 -22.86
CA MET D 879 12.71 22.12 -22.29
C MET D 879 11.39 21.36 -22.45
N LYS D 880 10.25 22.06 -22.53
CA LYS D 880 8.87 21.49 -22.45
C LYS D 880 8.82 20.15 -23.21
N ASN D 881 9.29 20.17 -24.46
CA ASN D 881 9.19 18.96 -25.32
C ASN D 881 9.73 17.73 -24.60
N TYR D 882 10.90 17.87 -23.97
CA TYR D 882 11.57 16.76 -23.24
C TYR D 882 10.86 16.50 -21.91
N TRP D 883 10.04 17.45 -21.43
CA TRP D 883 9.36 17.18 -20.14
C TRP D 883 8.22 16.20 -20.37
N ARG D 884 7.60 16.29 -21.55
CA ARG D 884 6.45 15.44 -21.96
C ARG D 884 6.98 14.07 -22.35
N GLN D 885 8.22 14.03 -22.82
CA GLN D 885 8.86 12.72 -23.13
C GLN D 885 8.86 11.93 -21.83
N LEU D 886 9.29 12.59 -20.75
CA LEU D 886 9.36 11.98 -19.39
C LEU D 886 7.95 11.83 -18.81
N LEU D 887 7.02 12.71 -19.19
CA LEU D 887 5.63 12.64 -18.70
C LEU D 887 4.99 11.35 -19.23
N ASN D 888 5.08 11.06 -20.53
CA ASN D 888 4.53 9.82 -21.13
C ASN D 888 5.25 8.62 -20.52
N ALA D 889 6.54 8.79 -20.24
CA ALA D 889 7.43 7.74 -19.71
C ALA D 889 7.03 7.38 -18.27
N LYS D 890 6.27 8.25 -17.59
CA LYS D 890 5.86 8.10 -16.16
C LYS D 890 7.06 8.43 -15.25
N LEU D 891 8.15 8.93 -15.85
CA LEU D 891 9.42 9.35 -15.18
C LEU D 891 9.19 10.69 -14.49
N ILE D 892 8.10 11.40 -14.84
CA ILE D 892 7.50 12.45 -13.99
C ILE D 892 5.99 12.27 -14.03
N THR D 893 5.32 12.90 -13.08
CA THR D 893 3.84 12.96 -12.95
C THR D 893 3.29 14.22 -13.65
N GLN D 894 2.01 14.17 -14.03
CA GLN D 894 1.23 15.32 -14.58
C GLN D 894 1.37 16.52 -13.61
N ARG D 895 1.37 16.25 -12.30
CA ARG D 895 1.54 17.26 -11.22
C ARG D 895 2.89 17.95 -11.37
N LYS D 896 3.98 17.17 -11.54
CA LYS D 896 5.37 17.69 -11.67
C LYS D 896 5.46 18.54 -12.92
N PHE D 897 4.97 17.98 -14.02
CA PHE D 897 4.96 18.59 -15.36
C PHE D 897 4.21 19.93 -15.35
N ASP D 898 3.05 19.99 -14.66
CA ASP D 898 2.21 21.21 -14.54
C ASP D 898 3.02 22.29 -13.80
N ASN D 899 3.62 21.94 -12.66
CA ASN D 899 4.47 22.86 -11.85
C ASN D 899 5.61 23.39 -12.74
N LEU D 900 6.40 22.49 -13.37
CA LEU D 900 7.62 22.83 -14.17
C LEU D 900 7.31 23.93 -15.21
N THR D 901 6.12 23.88 -15.79
CA THR D 901 5.71 24.72 -16.94
C THR D 901 5.02 26.03 -16.51
N LYS D 902 4.73 26.21 -15.21
CA LYS D 902 3.72 27.19 -14.71
C LYS D 902 3.99 28.61 -15.22
N ALA D 903 5.23 29.00 -15.54
CA ALA D 903 5.59 30.39 -15.95
C ALA D 903 4.85 30.75 -17.25
N GLU D 904 4.57 29.76 -18.10
CA GLU D 904 3.92 29.95 -19.42
C GLU D 904 2.42 30.27 -19.22
N ARG D 905 1.77 29.68 -18.21
CA ARG D 905 0.40 30.06 -17.76
C ARG D 905 0.53 31.14 -16.68
N GLY D 906 1.40 32.14 -16.88
CA GLY D 906 1.51 33.34 -16.01
C GLY D 906 2.61 33.23 -14.98
N GLY D 907 2.78 32.07 -14.33
CA GLY D 907 3.81 31.83 -13.30
C GLY D 907 3.22 31.88 -11.91
N LEU D 908 4.05 31.94 -10.86
CA LEU D 908 3.54 31.99 -9.46
C LEU D 908 3.12 33.43 -9.14
N SER D 909 1.80 33.68 -9.17
CA SER D 909 1.15 34.99 -8.91
C SER D 909 1.26 35.34 -7.43
N GLU D 910 1.55 36.61 -7.09
CA GLU D 910 1.72 37.10 -5.70
C GLU D 910 0.62 36.53 -4.79
N LEU D 911 -0.57 36.21 -5.33
CA LEU D 911 -1.72 35.58 -4.61
C LEU D 911 -1.42 34.11 -4.31
N ASP D 912 -0.85 33.37 -5.28
CA ASP D 912 -0.38 31.97 -5.13
C ASP D 912 0.65 31.89 -3.98
N LYS D 913 1.64 32.80 -4.02
CA LYS D 913 2.81 32.86 -3.10
C LYS D 913 2.33 33.02 -1.65
N ALA D 914 1.50 34.03 -1.39
CA ALA D 914 0.84 34.27 -0.08
C ALA D 914 0.18 32.97 0.40
N GLY D 915 -0.67 32.37 -0.43
CA GLY D 915 -1.34 31.09 -0.17
C GLY D 915 -0.37 30.02 0.27
N PHE D 916 0.85 30.01 -0.29
CA PHE D 916 1.90 29.00 0.00
C PHE D 916 2.57 29.28 1.35
N ILE D 917 2.60 30.54 1.82
CA ILE D 917 3.22 30.89 3.14
C ILE D 917 2.15 30.84 4.23
N LYS D 918 0.89 31.17 3.92
CA LYS D 918 -0.27 30.93 4.82
C LYS D 918 -0.34 29.44 5.15
N ARG D 919 -0.20 28.59 4.13
CA ARG D 919 -0.34 27.11 4.24
C ARG D 919 0.84 26.52 5.01
N GLN D 920 1.96 27.25 5.16
CA GLN D 920 3.09 26.83 6.02
C GLN D 920 2.66 26.93 7.49
N LEU D 921 1.60 27.71 7.78
CA LEU D 921 1.14 28.03 9.17
C LEU D 921 -0.24 27.43 9.48
N VAL D 922 -1.19 27.37 8.53
CA VAL D 922 -2.56 26.82 8.78
C VAL D 922 -2.70 25.39 8.20
N GLU D 923 -3.09 24.45 9.05
CA GLU D 923 -3.31 23.02 8.68
C GLU D 923 -4.52 22.87 7.76
N THR D 924 -4.31 22.30 6.57
CA THR D 924 -5.34 21.87 5.58
C THR D 924 -5.84 20.45 5.91
N ARG D 925 -4.93 19.53 6.26
CA ARG D 925 -5.14 18.06 6.25
C ARG D 925 -6.50 17.70 6.86
N GLN D 926 -7.33 16.99 6.08
CA GLN D 926 -8.75 16.71 6.39
C GLN D 926 -8.83 15.92 7.72
N ILE D 927 -7.78 15.16 8.07
CA ILE D 927 -7.74 14.26 9.26
C ILE D 927 -7.62 15.13 10.50
N THR D 928 -6.58 15.94 10.56
CA THR D 928 -6.32 16.89 11.67
C THR D 928 -7.59 17.72 11.91
N LYS D 929 -8.37 18.06 10.86
CA LYS D 929 -9.61 18.88 11.01
C LYS D 929 -10.70 18.10 11.76
N HIS D 930 -10.90 16.85 11.35
CA HIS D 930 -11.77 15.88 12.04
C HIS D 930 -11.40 15.81 13.53
N VAL D 931 -10.13 15.67 13.88
CA VAL D 931 -9.62 15.63 15.28
C VAL D 931 -10.13 16.87 16.01
N ALA D 932 -9.83 18.04 15.45
CA ALA D 932 -10.20 19.37 15.99
C ALA D 932 -11.72 19.43 16.18
N GLN D 933 -12.45 18.87 15.22
CA GLN D 933 -13.92 18.83 15.26
C GLN D 933 -14.38 17.89 16.39
N ILE D 934 -13.82 16.67 16.45
CA ILE D 934 -14.16 15.65 17.46
C ILE D 934 -14.08 16.30 18.83
N LEU D 935 -12.91 16.92 19.10
CA LEU D 935 -12.60 17.62 20.37
C LEU D 935 -13.52 18.83 20.54
N ASP D 936 -13.66 19.65 19.50
CA ASP D 936 -14.56 20.82 19.63
C ASP D 936 -15.92 20.30 20.05
N SER D 937 -16.45 19.29 19.34
CA SER D 937 -17.86 18.85 19.47
C SER D 937 -18.01 18.11 20.80
N ARG D 938 -16.90 17.66 21.36
CA ARG D 938 -16.83 16.87 22.62
C ARG D 938 -16.77 17.84 23.81
N MET D 939 -16.03 18.95 23.68
CA MET D 939 -15.91 20.00 24.73
C MET D 939 -17.17 20.91 24.78
N ASN D 940 -17.73 21.28 23.63
CA ASN D 940 -18.78 22.32 23.46
C ASN D 940 -20.14 21.67 23.18
N THR D 941 -20.94 21.49 24.24
CA THR D 941 -22.11 20.57 24.33
C THR D 941 -23.34 21.27 24.89
N LYS D 942 -23.14 22.45 25.48
CA LYS D 942 -24.19 23.30 26.08
C LYS D 942 -24.69 24.34 25.06
N TYR D 943 -25.96 24.76 25.21
CA TYR D 943 -26.71 25.76 24.40
C TYR D 943 -27.25 26.89 25.29
N ASP D 944 -27.38 28.12 24.79
CA ASP D 944 -27.90 29.26 25.60
C ASP D 944 -29.42 29.41 25.35
N GLU D 945 -30.06 30.29 26.13
CA GLU D 945 -31.52 30.67 26.07
C GLU D 945 -32.03 30.70 24.63
N ASN D 946 -31.29 31.33 23.72
CA ASN D 946 -31.69 31.58 22.30
C ASN D 946 -31.51 30.30 21.50
N ASP D 947 -30.78 29.32 22.08
CA ASP D 947 -30.65 27.91 21.63
C ASP D 947 -29.43 27.75 20.72
N LYS D 948 -28.46 28.67 20.79
CA LYS D 948 -27.24 28.60 19.94
C LYS D 948 -26.10 28.00 20.78
N LEU D 949 -25.25 27.16 20.15
CA LEU D 949 -24.11 26.46 20.80
C LEU D 949 -23.16 27.45 21.46
N ILE D 950 -23.04 27.37 22.78
CA ILE D 950 -22.05 28.14 23.59
C ILE D 950 -20.69 27.45 23.41
N ARG D 951 -19.67 28.20 22.99
CA ARG D 951 -18.28 27.70 22.77
C ARG D 951 -17.40 27.95 24.00
N GLU D 952 -17.51 27.08 25.02
CA GLU D 952 -16.61 27.15 26.20
C GLU D 952 -15.19 27.02 25.69
N VAL D 953 -14.90 26.03 24.87
CA VAL D 953 -13.50 25.62 24.59
C VAL D 953 -13.18 25.99 23.15
N LYS D 954 -11.97 26.46 22.92
CA LYS D 954 -11.51 26.84 21.58
C LYS D 954 -10.50 25.82 21.13
N VAL D 955 -10.72 25.15 19.99
CA VAL D 955 -9.73 24.12 19.51
C VAL D 955 -8.87 24.73 18.39
N ILE D 956 -7.60 24.89 18.70
CA ILE D 956 -6.62 25.66 17.90
C ILE D 956 -5.67 24.67 17.24
N THR D 957 -5.65 24.62 15.90
CA THR D 957 -4.81 23.72 15.07
C THR D 957 -3.58 24.47 14.56
N LEU D 958 -2.38 24.01 14.93
CA LEU D 958 -1.06 24.52 14.48
C LEU D 958 -0.38 23.48 13.59
N LYS D 959 0.51 23.92 12.70
CA LYS D 959 1.45 23.05 11.96
C LYS D 959 2.72 22.97 12.78
N SER D 960 3.45 21.86 12.68
CA SER D 960 4.70 21.58 13.44
C SER D 960 5.73 22.71 13.24
N LYS D 961 5.92 23.14 11.99
CA LYS D 961 6.88 24.19 11.54
C LYS D 961 6.93 25.36 12.54
N LEU D 962 5.78 25.89 12.98
CA LEU D 962 5.71 27.01 13.99
C LEU D 962 6.67 26.72 15.13
N VAL D 963 6.43 25.63 15.88
CA VAL D 963 7.17 25.36 17.14
C VAL D 963 8.63 24.98 16.80
N SER D 964 8.83 24.26 15.70
CA SER D 964 10.17 23.86 15.20
C SER D 964 11.01 25.13 15.00
N ASP D 965 10.43 26.16 14.36
CA ASP D 965 11.07 27.48 14.18
C ASP D 965 11.37 28.04 15.56
N PHE D 966 10.32 28.16 16.37
CA PHE D 966 10.36 28.80 17.71
C PHE D 966 11.55 28.24 18.50
N ARG D 967 11.74 26.92 18.48
CA ARG D 967 12.86 26.25 19.21
C ARG D 967 14.17 26.74 18.61
N LYS D 968 14.30 26.68 17.28
CA LYS D 968 15.54 27.02 16.56
C LYS D 968 15.83 28.52 16.79
N ASP D 969 14.78 29.32 17.04
CA ASP D 969 14.83 30.82 17.09
C ASP D 969 15.14 31.35 18.49
N PHE D 970 14.93 30.58 19.55
CA PHE D 970 15.19 31.05 20.94
C PHE D 970 15.92 29.97 21.71
N GLN D 971 16.68 29.16 20.95
CA GLN D 971 17.55 28.07 21.43
C GLN D 971 16.80 27.23 22.49
N PHE D 972 15.66 26.64 22.13
CA PHE D 972 14.98 25.53 22.86
C PHE D 972 15.14 24.22 22.07
N TYR D 973 16.37 23.91 21.65
CA TYR D 973 16.72 22.86 20.68
C TYR D 973 16.31 21.50 21.20
N LYS D 974 15.80 20.63 20.34
CA LYS D 974 15.53 19.23 20.72
C LYS D 974 16.59 18.35 20.08
N VAL D 975 17.19 17.47 20.89
CA VAL D 975 17.92 16.26 20.42
C VAL D 975 16.99 15.06 20.66
N ARG D 976 16.27 14.63 19.65
CA ARG D 976 15.27 13.55 19.81
C ARG D 976 15.85 12.33 20.53
N GLU D 977 17.10 12.02 20.29
CA GLU D 977 17.72 10.75 20.78
C GLU D 977 18.09 10.80 22.28
N ILE D 978 17.82 11.88 23.01
CA ILE D 978 18.24 11.97 24.44
C ILE D 978 17.25 11.20 25.31
N ASN D 979 15.94 11.32 25.02
CA ASN D 979 14.85 10.66 25.79
C ASN D 979 13.49 10.94 25.11
N ASN D 980 12.42 10.41 25.68
CA ASN D 980 11.06 10.51 25.12
C ASN D 980 10.40 11.84 25.54
N TYR D 981 11.13 12.71 26.23
CA TYR D 981 10.59 13.99 26.73
C TYR D 981 10.22 14.94 25.59
N HIS D 982 10.91 14.88 24.44
CA HIS D 982 10.71 15.93 23.41
C HIS D 982 9.22 15.98 22.99
N HIS D 983 8.49 14.87 22.97
CA HIS D 983 7.07 14.89 22.55
C HIS D 983 6.25 15.77 23.49
N ALA D 984 6.57 15.70 24.78
CA ALA D 984 5.86 16.42 25.86
C ALA D 984 6.23 17.91 25.75
N HIS D 985 7.52 18.16 25.59
CA HIS D 985 8.08 19.49 25.29
C HIS D 985 7.33 20.14 24.10
N ASP D 986 7.20 19.46 22.95
CA ASP D 986 6.49 20.05 21.78
C ASP D 986 5.05 20.33 22.17
N ALA D 987 4.39 19.44 22.91
CA ALA D 987 2.99 19.63 23.33
C ALA D 987 2.86 20.91 24.19
N TYR D 988 3.83 21.16 25.08
CA TYR D 988 3.95 22.43 25.83
C TYR D 988 4.10 23.60 24.85
N LEU D 989 5.29 23.75 24.25
CA LEU D 989 5.52 24.78 23.20
C LEU D 989 4.29 24.92 22.28
N ASN D 990 3.59 23.86 21.87
CA ASN D 990 2.38 24.04 21.03
C ASN D 990 1.31 24.74 21.86
N ALA D 991 1.22 24.51 23.16
CA ALA D 991 0.18 25.15 24.00
C ALA D 991 0.47 26.65 24.07
N VAL D 992 1.73 27.05 24.26
CA VAL D 992 2.08 28.47 24.56
C VAL D 992 2.01 29.27 23.26
N VAL D 993 2.77 28.86 22.24
CA VAL D 993 2.80 29.49 20.89
C VAL D 993 1.37 29.53 20.37
N GLY D 994 0.57 28.51 20.66
CA GLY D 994 -0.85 28.48 20.28
C GLY D 994 -1.62 29.59 20.94
N THR D 995 -1.64 29.65 22.28
CA THR D 995 -2.52 30.59 23.02
C THR D 995 -2.00 32.01 22.75
N ALA D 996 -0.70 32.24 22.90
CA ALA D 996 0.01 33.52 22.63
C ALA D 996 -0.34 34.10 21.25
N LEU D 997 -0.52 33.25 20.24
CA LEU D 997 -0.73 33.73 18.84
C LEU D 997 -2.14 34.31 18.70
N ILE D 998 -3.15 33.71 19.31
CA ILE D 998 -4.55 34.21 19.14
C ILE D 998 -4.88 35.22 20.25
N LYS D 999 -4.01 35.37 21.25
CA LYS D 999 -4.10 36.40 22.31
C LYS D 999 -3.60 37.73 21.72
N LYS D 1000 -2.62 37.67 20.81
CA LYS D 1000 -2.03 38.83 20.11
C LYS D 1000 -2.93 39.18 18.92
N TYR D 1001 -3.35 38.20 18.11
CA TYR D 1001 -4.12 38.36 16.84
C TYR D 1001 -5.44 37.60 16.92
N PRO D 1002 -6.50 38.17 17.51
CA PRO D 1002 -7.84 37.57 17.45
C PRO D 1002 -8.45 37.58 16.04
N LYS D 1003 -7.81 38.26 15.10
CA LYS D 1003 -8.19 38.20 13.66
C LYS D 1003 -7.87 36.77 13.14
N LEU D 1004 -6.93 36.04 13.74
CA LEU D 1004 -6.43 34.75 13.21
C LEU D 1004 -7.20 33.52 13.76
N GLU D 1005 -8.15 33.73 14.69
CA GLU D 1005 -9.10 32.68 15.14
C GLU D 1005 -9.91 32.17 13.95
N SER D 1006 -10.02 32.98 12.91
CA SER D 1006 -10.68 32.55 11.66
C SER D 1006 -9.96 31.31 11.15
N GLU D 1007 -8.63 31.24 11.26
CA GLU D 1007 -7.77 30.31 10.49
C GLU D 1007 -7.15 29.22 11.40
N PHE D 1008 -7.21 29.38 12.72
CA PHE D 1008 -6.58 28.45 13.70
C PHE D 1008 -7.61 27.88 14.66
N VAL D 1009 -8.68 28.59 15.00
CA VAL D 1009 -9.73 28.06 15.91
C VAL D 1009 -10.79 27.38 15.05
N TYR D 1010 -11.22 26.18 15.44
CA TYR D 1010 -12.27 25.41 14.73
C TYR D 1010 -13.63 26.03 15.04
N GLY D 1011 -14.45 26.23 14.01
CA GLY D 1011 -15.83 26.70 14.11
C GLY D 1011 -16.29 27.41 12.85
N GLY D 1030 -1.16 43.94 -4.84
CA GLY D 1030 -0.78 44.69 -3.63
C GLY D 1030 -1.43 44.12 -2.37
N LYS D 1031 -2.58 43.45 -2.58
CA LYS D 1031 -3.36 42.72 -1.54
C LYS D 1031 -2.60 41.45 -1.10
N ALA D 1032 -2.11 40.65 -2.06
CA ALA D 1032 -1.31 39.43 -1.81
C ALA D 1032 0.04 39.75 -1.13
N THR D 1033 0.77 40.80 -1.58
CA THR D 1033 2.09 41.20 -1.02
C THR D 1033 1.96 41.50 0.48
N ALA D 1034 0.87 42.16 0.88
CA ALA D 1034 0.62 42.59 2.27
C ALA D 1034 0.33 41.34 3.14
N LYS D 1035 -0.66 40.55 2.73
CA LYS D 1035 -1.00 39.25 3.36
C LYS D 1035 0.29 38.45 3.51
N TYR D 1036 1.03 38.30 2.40
CA TYR D 1036 2.31 37.56 2.32
C TYR D 1036 3.30 38.09 3.36
N PHE D 1037 3.53 39.41 3.38
CA PHE D 1037 4.40 40.11 4.36
C PHE D 1037 3.96 39.78 5.78
N PHE D 1038 2.65 39.91 6.06
CA PHE D 1038 2.03 39.70 7.40
C PHE D 1038 2.40 38.30 7.93
N TYR D 1039 2.10 37.28 7.12
CA TYR D 1039 2.29 35.84 7.44
C TYR D 1039 3.79 35.52 7.58
N SER D 1040 4.64 35.96 6.64
CA SER D 1040 6.10 35.73 6.66
C SER D 1040 6.69 36.17 8.00
N ASN D 1041 6.19 37.27 8.56
CA ASN D 1041 6.75 37.96 9.77
C ASN D 1041 5.76 37.89 10.95
N ILE D 1042 4.66 37.14 10.80
CA ILE D 1042 3.61 37.02 11.85
C ILE D 1042 4.25 36.83 13.22
N MET D 1043 5.22 35.90 13.34
CA MET D 1043 5.66 35.39 14.66
C MET D 1043 6.77 36.28 15.22
N ASN D 1044 6.75 37.57 14.88
CA ASN D 1044 7.84 38.53 15.22
C ASN D 1044 7.61 39.08 16.62
N PHE D 1045 6.35 39.22 17.03
CA PHE D 1045 5.97 39.74 18.38
C PHE D 1045 6.63 38.92 19.50
N PHE D 1046 7.31 37.82 19.17
CA PHE D 1046 8.17 37.05 20.10
C PHE D 1046 9.58 37.66 20.16
N LYS D 1047 10.09 38.23 19.05
CA LYS D 1047 11.46 38.79 18.94
C LYS D 1047 11.52 40.20 19.53
N THR D 1048 12.73 40.70 19.78
CA THR D 1048 13.02 42.06 20.30
C THR D 1048 13.52 42.97 19.17
N GLU D 1049 14.23 42.41 18.18
CA GLU D 1049 14.79 43.20 17.06
C GLU D 1049 14.42 42.55 15.73
N ILE D 1050 13.99 43.36 14.75
CA ILE D 1050 13.83 42.98 13.31
C ILE D 1050 14.26 44.17 12.44
N LYS D 1059 13.51 47.01 17.78
CA LYS D 1059 12.35 47.88 17.42
C LYS D 1059 11.26 47.71 18.52
N ARG D 1060 10.94 46.46 18.87
CA ARG D 1060 9.77 46.08 19.71
C ARG D 1060 10.22 45.94 21.16
N PRO D 1061 9.32 46.24 22.13
CA PRO D 1061 9.71 46.35 23.53
C PRO D 1061 9.61 44.97 24.20
N LEU D 1062 10.01 44.88 25.48
CA LEU D 1062 9.83 43.65 26.30
C LEU D 1062 8.34 43.28 26.27
N ILE D 1063 7.48 43.95 27.05
CA ILE D 1063 6.01 43.69 27.23
C ILE D 1063 5.26 43.83 25.89
N GLU D 1064 4.54 42.78 25.48
CA GLU D 1064 3.65 42.75 24.29
C GLU D 1064 2.19 42.69 24.73
N THR D 1065 1.30 43.39 24.01
CA THR D 1065 -0.14 43.49 24.35
C THR D 1065 -0.97 43.19 23.11
N ASN D 1066 -2.25 42.92 23.31
CA ASN D 1066 -3.30 43.10 22.28
C ASN D 1066 -3.56 44.60 22.16
N GLY D 1067 -3.53 45.13 20.93
CA GLY D 1067 -3.92 46.51 20.64
C GLY D 1067 -5.27 46.83 21.26
N GLU D 1068 -6.34 46.19 20.78
CA GLU D 1068 -7.75 46.52 21.10
C GLU D 1068 -8.07 46.29 22.59
N THR D 1069 -7.81 45.09 23.14
CA THR D 1069 -8.21 44.75 24.53
C THR D 1069 -7.11 45.17 25.50
N GLY D 1070 -5.84 45.14 25.08
CA GLY D 1070 -4.70 45.50 25.96
C GLY D 1070 -4.37 44.41 26.98
N GLU D 1071 -4.77 43.16 26.74
CA GLU D 1071 -4.24 41.92 27.39
C GLU D 1071 -2.70 41.93 27.40
N ILE D 1072 -2.05 41.05 28.16
CA ILE D 1072 -0.58 40.78 28.04
C ILE D 1072 -0.42 39.49 27.23
N VAL D 1073 0.52 39.45 26.28
CA VAL D 1073 0.72 38.24 25.43
C VAL D 1073 2.16 37.71 25.55
N TRP D 1074 3.09 38.40 26.22
CA TRP D 1074 4.51 37.96 26.28
C TRP D 1074 5.41 38.96 27.03
N ASP D 1075 5.58 38.79 28.34
CA ASP D 1075 6.62 39.49 29.14
C ASP D 1075 7.98 38.95 28.69
N LYS D 1076 8.41 39.41 27.52
CA LYS D 1076 9.60 38.93 26.79
C LYS D 1076 10.81 38.77 27.74
N GLY D 1077 10.93 39.59 28.78
CA GLY D 1077 12.02 39.48 29.76
C GLY D 1077 11.87 38.21 30.60
N ARG D 1078 10.63 37.91 31.01
CA ARG D 1078 10.32 36.93 32.09
C ARG D 1078 9.71 35.63 31.55
N ASP D 1079 9.26 35.59 30.30
CA ASP D 1079 8.36 34.51 29.80
C ASP D 1079 9.17 33.39 29.12
N PHE D 1080 10.16 33.71 28.28
CA PHE D 1080 11.18 32.75 27.79
C PHE D 1080 11.79 32.03 28.99
N ALA D 1081 12.06 32.77 30.05
CA ALA D 1081 12.58 32.24 31.33
C ALA D 1081 11.72 31.06 31.78
N THR D 1082 10.39 31.18 31.76
CA THR D 1082 9.48 30.09 32.20
C THR D 1082 9.52 28.94 31.19
N VAL D 1083 9.56 29.22 29.89
CA VAL D 1083 9.81 28.16 28.87
C VAL D 1083 11.09 27.40 29.27
N ARG D 1084 12.22 28.08 29.51
CA ARG D 1084 13.49 27.40 29.89
C ARG D 1084 13.17 26.41 31.02
N LYS D 1085 12.48 26.89 32.08
CA LYS D 1085 12.32 26.22 33.39
C LYS D 1085 11.35 25.05 33.26
N VAL D 1086 10.40 25.11 32.33
CA VAL D 1086 9.48 23.98 32.01
C VAL D 1086 10.31 22.91 31.32
N LEU D 1087 11.06 23.28 30.27
CA LEU D 1087 11.87 22.32 29.47
C LEU D 1087 12.96 21.71 30.34
N SER D 1088 13.48 22.43 31.34
CA SER D 1088 14.57 21.96 32.24
C SER D 1088 14.03 20.97 33.28
N MET D 1089 12.71 20.95 33.52
CA MET D 1089 12.06 20.04 34.51
C MET D 1089 12.44 18.59 34.20
N PRO D 1090 12.94 17.87 35.23
CA PRO D 1090 13.39 16.50 35.03
C PRO D 1090 12.21 15.54 35.15
N GLN D 1091 11.15 15.88 35.87
CA GLN D 1091 10.00 14.97 36.10
C GLN D 1091 8.91 15.22 35.05
N VAL D 1092 8.99 14.53 33.92
CA VAL D 1092 7.97 14.52 32.84
C VAL D 1092 7.31 13.15 32.81
N ASN D 1093 5.97 13.08 32.82
CA ASN D 1093 5.20 11.80 32.88
C ASN D 1093 5.27 11.04 31.55
N ILE D 1094 6.22 10.12 31.37
CA ILE D 1094 6.24 9.19 30.21
C ILE D 1094 5.46 7.93 30.58
N VAL D 1095 4.59 7.45 29.70
CA VAL D 1095 3.86 6.16 29.85
C VAL D 1095 3.94 5.41 28.54
N LYS D 1096 4.45 4.18 28.56
CA LYS D 1096 4.29 3.22 27.42
C LYS D 1096 3.03 2.44 27.66
N LYS D 1097 2.09 2.53 26.72
CA LYS D 1097 0.80 1.80 26.69
C LYS D 1097 1.05 0.31 26.86
N THR D 1098 0.55 -0.30 27.96
CA THR D 1098 0.73 -1.76 28.20
C THR D 1098 -0.21 -2.43 27.19
N GLU D 1099 0.23 -3.52 26.55
CA GLU D 1099 -0.55 -4.08 25.42
C GLU D 1099 -0.45 -5.60 25.40
N VAL D 1100 -1.58 -6.26 25.63
CA VAL D 1100 -1.82 -7.69 25.28
C VAL D 1100 -1.44 -7.85 23.82
N GLN D 1101 -0.48 -8.72 23.52
CA GLN D 1101 -0.05 -8.99 22.14
C GLN D 1101 -1.00 -10.01 21.48
N THR D 1102 -1.14 -9.81 20.18
CA THR D 1102 -2.09 -10.51 19.30
C THR D 1102 -1.35 -10.77 17.99
N GLY D 1103 -1.91 -11.63 17.16
CA GLY D 1103 -1.40 -11.87 15.80
C GLY D 1103 -1.09 -13.34 15.60
N GLY D 1104 -0.13 -13.61 14.70
CA GLY D 1104 0.42 -14.95 14.48
C GLY D 1104 0.80 -15.58 15.80
N PHE D 1105 0.47 -16.88 15.96
CA PHE D 1105 0.93 -17.76 17.06
C PHE D 1105 2.45 -17.80 17.21
N SER D 1106 3.24 -17.83 16.15
CA SER D 1106 4.69 -18.08 16.32
C SER D 1106 5.42 -17.74 15.04
N LYS D 1107 6.71 -17.99 14.96
CA LYS D 1107 7.39 -17.94 13.65
C LYS D 1107 6.65 -18.95 12.78
N GLU D 1108 6.64 -18.72 11.48
CA GLU D 1108 5.84 -19.55 10.54
C GLU D 1108 6.70 -20.71 10.02
N SER D 1109 8.03 -20.65 10.15
CA SER D 1109 8.96 -21.68 9.61
C SER D 1109 8.58 -23.07 10.13
N ILE D 1110 8.25 -24.00 9.23
CA ILE D 1110 8.01 -25.42 9.62
C ILE D 1110 9.38 -26.07 9.74
N LEU D 1111 9.91 -26.12 10.97
CA LEU D 1111 11.28 -26.63 11.30
C LEU D 1111 11.31 -28.16 11.24
N PRO D 1112 12.51 -28.73 10.99
CA PRO D 1112 12.72 -30.17 11.05
C PRO D 1112 12.57 -30.73 12.47
N LYS D 1113 12.38 -32.04 12.59
CA LYS D 1113 12.38 -32.78 13.88
C LYS D 1113 13.72 -32.57 14.59
N ARG D 1114 13.69 -32.23 15.88
CA ARG D 1114 14.83 -32.41 16.83
C ARG D 1114 14.22 -32.77 18.20
N ASN D 1115 14.99 -33.33 19.13
CA ASN D 1115 14.45 -33.64 20.49
C ASN D 1115 14.58 -32.32 21.25
N SER D 1116 13.49 -31.59 21.44
CA SER D 1116 13.57 -30.23 22.04
C SER D 1116 12.18 -29.75 22.43
N ASP D 1117 11.97 -29.48 23.71
CA ASP D 1117 10.61 -29.27 24.29
C ASP D 1117 10.04 -27.94 23.78
N LYS D 1118 10.78 -27.23 22.90
CA LYS D 1118 10.37 -25.97 22.19
C LYS D 1118 9.52 -26.19 20.93
N LEU D 1119 9.66 -27.34 20.26
CA LEU D 1119 8.94 -27.56 19.00
C LEU D 1119 7.46 -27.69 19.34
N ILE D 1120 6.61 -27.22 18.44
CA ILE D 1120 5.15 -27.13 18.67
C ILE D 1120 4.44 -27.91 17.58
N ALA D 1121 3.52 -28.79 17.99
CA ALA D 1121 2.77 -29.71 17.12
C ALA D 1121 2.01 -28.92 16.06
N ARG D 1122 2.19 -29.24 14.78
CA ARG D 1122 1.40 -28.58 13.71
C ARG D 1122 -0.03 -29.14 13.69
N LYS D 1123 -0.23 -30.38 14.13
CA LYS D 1123 -1.58 -30.99 14.32
C LYS D 1123 -1.55 -31.76 15.65
N LYS D 1124 -2.71 -32.08 16.25
CA LYS D 1124 -2.76 -32.74 17.59
C LYS D 1124 -1.77 -33.92 17.60
N ASP D 1125 -1.82 -34.76 16.57
CA ASP D 1125 -1.13 -36.08 16.59
C ASP D 1125 0.34 -35.95 16.18
N TRP D 1126 0.78 -34.85 15.58
CA TRP D 1126 2.13 -34.80 14.98
C TRP D 1126 3.17 -34.44 16.02
N ASP D 1127 3.54 -35.40 16.85
CA ASP D 1127 4.65 -35.27 17.84
C ASP D 1127 5.88 -34.76 17.11
N PRO D 1128 6.38 -33.57 17.47
CA PRO D 1128 7.37 -32.87 16.67
C PRO D 1128 8.75 -33.53 16.74
N LYS D 1129 8.96 -34.43 17.69
CA LYS D 1129 10.24 -35.17 17.77
C LYS D 1129 10.27 -36.07 16.55
N LYS D 1130 9.11 -36.35 15.96
CA LYS D 1130 8.99 -37.21 14.76
C LYS D 1130 8.75 -36.39 13.50
N TYR D 1131 8.05 -35.24 13.58
CA TYR D 1131 7.50 -34.54 12.40
C TYR D 1131 7.89 -33.06 12.25
N GLY D 1132 8.59 -32.49 13.24
CA GLY D 1132 8.93 -31.06 13.32
C GLY D 1132 7.73 -30.18 13.70
N GLY D 1133 7.96 -28.88 13.66
CA GLY D 1133 6.89 -27.94 13.98
C GLY D 1133 7.41 -26.52 14.00
N PHE D 1134 6.90 -25.81 15.00
CA PHE D 1134 7.23 -24.42 15.30
C PHE D 1134 7.92 -24.37 16.66
N ASP D 1135 8.84 -23.41 16.69
CA ASP D 1135 9.77 -23.05 17.78
C ASP D 1135 9.85 -21.52 17.87
N SER D 1136 8.94 -20.89 18.58
CA SER D 1136 9.12 -19.43 18.74
C SER D 1136 7.77 -18.74 18.84
N PRO D 1137 6.91 -19.14 19.79
CA PRO D 1137 5.64 -18.50 19.92
C PRO D 1137 5.67 -17.11 20.58
N THR D 1138 4.65 -16.31 20.27
CA THR D 1138 4.48 -15.00 20.92
C THR D 1138 3.75 -15.19 22.25
N VAL D 1139 4.26 -14.61 23.33
CA VAL D 1139 3.49 -14.51 24.60
C VAL D 1139 2.47 -13.40 24.42
N ALA D 1140 1.21 -13.76 24.60
CA ALA D 1140 0.05 -12.84 24.59
C ALA D 1140 0.09 -11.99 25.84
N TYR D 1141 0.36 -12.62 26.97
CA TYR D 1141 0.64 -11.90 28.23
C TYR D 1141 1.16 -12.85 29.31
N SER D 1142 2.08 -12.34 30.12
CA SER D 1142 2.64 -13.06 31.27
C SER D 1142 1.62 -13.00 32.41
N VAL D 1143 1.71 -13.94 33.32
CA VAL D 1143 0.77 -14.07 34.47
C VAL D 1143 1.61 -14.42 35.68
N LEU D 1144 1.31 -13.88 36.86
CA LEU D 1144 2.15 -14.14 38.04
C LEU D 1144 1.56 -15.33 38.80
N VAL D 1145 2.25 -16.44 38.80
CA VAL D 1145 1.73 -17.62 39.54
C VAL D 1145 2.35 -17.57 40.93
N VAL D 1146 1.56 -17.68 41.98
CA VAL D 1146 2.13 -18.20 43.26
C VAL D 1146 1.36 -19.49 43.61
N ALA D 1147 2.14 -20.57 43.74
CA ALA D 1147 1.65 -21.95 43.81
C ALA D 1147 2.78 -22.82 44.38
N LYS D 1148 2.67 -24.12 44.16
CA LYS D 1148 3.70 -25.11 44.54
C LYS D 1148 4.00 -26.05 43.37
N VAL D 1149 5.21 -26.59 43.34
CA VAL D 1149 5.60 -27.65 42.37
C VAL D 1149 6.06 -28.90 43.13
N GLU D 1150 5.77 -30.06 42.55
CA GLU D 1150 6.31 -31.37 43.01
C GLU D 1150 7.83 -31.29 42.83
N LYS D 1151 8.57 -32.07 43.62
CA LYS D 1151 10.05 -32.08 43.69
C LYS D 1151 10.54 -33.48 44.09
N GLY D 1152 11.38 -34.06 43.24
CA GLY D 1152 12.06 -35.34 43.50
C GLY D 1152 11.16 -36.52 43.18
N LYS D 1153 11.69 -37.73 43.47
CA LYS D 1153 10.98 -39.05 43.54
C LYS D 1153 9.74 -38.92 44.43
N SER D 1154 9.94 -38.25 45.57
CA SER D 1154 8.98 -38.02 46.68
C SER D 1154 7.68 -37.36 46.19
N LYS D 1155 7.74 -36.47 45.19
CA LYS D 1155 6.67 -35.49 44.86
C LYS D 1155 6.46 -34.55 46.06
N LYS D 1156 7.52 -34.24 46.80
CA LYS D 1156 7.45 -33.38 48.01
C LYS D 1156 7.23 -31.95 47.55
N LEU D 1157 6.07 -31.36 47.86
CA LEU D 1157 5.67 -30.02 47.35
C LEU D 1157 6.61 -28.95 47.91
N LYS D 1158 7.03 -28.03 47.02
CA LYS D 1158 7.79 -26.78 47.28
C LYS D 1158 7.03 -25.61 46.64
N SER D 1159 7.09 -24.44 47.27
CA SER D 1159 6.39 -23.19 46.91
C SER D 1159 7.19 -22.46 45.81
N VAL D 1160 6.48 -22.00 44.79
CA VAL D 1160 7.10 -21.25 43.66
C VAL D 1160 6.38 -19.90 43.53
N LYS D 1161 7.10 -18.89 43.08
CA LYS D 1161 6.53 -17.62 42.58
C LYS D 1161 7.30 -17.31 41.31
N GLU D 1162 6.67 -17.40 40.15
CA GLU D 1162 7.33 -16.97 38.89
C GLU D 1162 6.32 -16.47 37.84
N LEU D 1163 6.86 -15.86 36.79
CA LEU D 1163 6.07 -15.54 35.55
C LEU D 1163 5.90 -16.81 34.72
N LEU D 1164 4.67 -17.05 34.31
CA LEU D 1164 4.34 -17.95 33.19
C LEU D 1164 3.78 -17.07 32.07
N GLY D 1165 4.50 -17.01 30.97
CA GLY D 1165 4.00 -16.48 29.68
C GLY D 1165 2.91 -17.36 29.12
N ILE D 1166 1.73 -16.77 28.90
CA ILE D 1166 0.55 -17.38 28.22
C ILE D 1166 0.68 -17.07 26.73
N THR D 1167 0.89 -18.09 25.87
CA THR D 1167 1.10 -17.89 24.42
C THR D 1167 -0.21 -17.55 23.74
N ILE D 1168 -0.14 -16.85 22.62
CA ILE D 1168 -1.35 -16.41 21.88
C ILE D 1168 -2.21 -17.63 21.62
N MET D 1169 -1.56 -18.80 21.45
CA MET D 1169 -2.26 -20.03 21.06
C MET D 1169 -2.94 -20.58 22.31
N GLU D 1170 -2.32 -20.41 23.47
CA GLU D 1170 -2.76 -20.96 24.79
C GLU D 1170 -3.90 -20.12 25.37
N ARG D 1171 -3.94 -18.84 25.01
CA ARG D 1171 -4.64 -17.81 25.79
C ARG D 1171 -6.10 -18.18 26.00
N SER D 1172 -6.74 -18.66 24.97
CA SER D 1172 -8.21 -18.77 25.03
C SER D 1172 -8.60 -19.85 26.05
N SER D 1173 -7.82 -20.93 26.19
CA SER D 1173 -8.04 -21.99 27.21
C SER D 1173 -7.61 -21.50 28.61
N PHE D 1174 -6.47 -20.82 28.73
CA PHE D 1174 -6.04 -20.22 30.02
C PHE D 1174 -7.20 -19.42 30.62
N GLU D 1175 -7.82 -18.59 29.79
CA GLU D 1175 -8.94 -17.69 30.21
C GLU D 1175 -10.18 -18.52 30.53
N LYS D 1176 -10.42 -19.61 29.81
CA LYS D 1176 -11.63 -20.48 29.99
C LYS D 1176 -11.62 -21.07 31.39
N ASN D 1177 -10.52 -21.68 31.80
CA ASN D 1177 -10.34 -22.23 33.17
C ASN D 1177 -8.94 -21.89 33.65
N PRO D 1178 -8.75 -20.73 34.31
CA PRO D 1178 -7.43 -20.28 34.75
C PRO D 1178 -6.68 -21.36 35.55
N ILE D 1179 -7.37 -22.05 36.48
CA ILE D 1179 -6.77 -23.09 37.38
C ILE D 1179 -6.38 -24.31 36.55
N ASP D 1180 -7.34 -24.99 35.92
CA ASP D 1180 -7.11 -26.31 35.29
C ASP D 1180 -5.93 -26.22 34.31
N PHE D 1181 -5.68 -25.02 33.76
CA PHE D 1181 -4.60 -24.73 32.78
C PHE D 1181 -3.24 -24.81 33.46
N LEU D 1182 -3.11 -24.09 34.57
CA LEU D 1182 -1.86 -23.91 35.35
C LEU D 1182 -1.56 -25.19 36.11
N GLU D 1183 -2.62 -25.94 36.47
CA GLU D 1183 -2.53 -27.24 37.17
C GLU D 1183 -1.96 -28.25 36.19
N ALA D 1184 -2.51 -28.32 34.98
CA ALA D 1184 -2.02 -29.10 33.82
C ALA D 1184 -0.60 -28.68 33.42
N LYS D 1185 -0.11 -27.54 33.89
CA LYS D 1185 1.24 -27.00 33.57
C LYS D 1185 2.26 -27.48 34.63
N GLY D 1186 1.79 -27.93 35.79
CA GLY D 1186 2.65 -28.44 36.89
C GLY D 1186 2.19 -27.91 38.24
N TYR D 1187 1.66 -26.70 38.25
CA TYR D 1187 1.42 -25.91 39.48
C TYR D 1187 0.33 -26.59 40.31
N LYS D 1188 0.39 -26.41 41.63
CA LYS D 1188 -0.51 -27.03 42.64
C LYS D 1188 -0.89 -25.95 43.64
N GLU D 1189 -2.12 -25.99 44.15
CA GLU D 1189 -2.65 -25.08 45.22
C GLU D 1189 -2.43 -23.66 44.74
N VAL D 1190 -2.61 -23.46 43.44
CA VAL D 1190 -2.42 -22.14 42.77
C VAL D 1190 -3.38 -21.21 43.49
N LYS D 1191 -2.85 -20.20 44.18
CA LYS D 1191 -3.66 -19.17 44.86
C LYS D 1191 -4.27 -18.31 43.74
N LYS D 1192 -5.57 -18.52 43.50
CA LYS D 1192 -6.31 -18.06 42.31
C LYS D 1192 -6.44 -16.54 42.35
N ASP D 1193 -6.60 -16.00 43.55
CA ASP D 1193 -6.91 -14.56 43.78
C ASP D 1193 -5.60 -13.77 43.95
N LEU D 1194 -4.45 -14.34 43.59
CA LEU D 1194 -3.15 -13.63 43.52
C LEU D 1194 -2.62 -13.58 42.08
N ILE D 1195 -3.35 -14.11 41.10
CA ILE D 1195 -2.82 -14.16 39.71
C ILE D 1195 -2.91 -12.75 39.17
N ILE D 1196 -1.87 -12.24 38.51
CA ILE D 1196 -1.85 -10.85 37.97
C ILE D 1196 -1.64 -10.92 36.45
N LYS D 1197 -2.49 -10.27 35.65
CA LYS D 1197 -2.22 -10.09 34.20
C LYS D 1197 -1.07 -9.08 34.05
N LEU D 1198 -0.05 -9.42 33.30
CA LEU D 1198 1.11 -8.52 33.09
C LEU D 1198 1.36 -8.49 31.61
N PRO D 1199 0.54 -7.73 30.86
CA PRO D 1199 0.80 -7.52 29.44
C PRO D 1199 2.16 -6.86 29.20
N LYS D 1200 2.56 -6.88 27.92
CA LYS D 1200 3.90 -6.39 27.49
C LYS D 1200 3.96 -4.96 27.99
N TYR D 1201 5.09 -4.57 28.52
CA TYR D 1201 5.44 -3.18 28.93
C TYR D 1201 5.01 -2.85 30.39
N SER D 1202 4.33 -3.75 31.12
CA SER D 1202 3.97 -3.61 32.56
C SER D 1202 5.22 -3.15 33.28
N LEU D 1203 5.12 -2.06 34.02
CA LEU D 1203 6.27 -1.28 34.55
C LEU D 1203 6.57 -1.73 35.98
N PHE D 1204 7.84 -1.80 36.34
CA PHE D 1204 8.29 -2.28 37.68
C PHE D 1204 9.38 -1.38 38.24
N GLU D 1205 9.23 -0.88 39.46
CA GLU D 1205 10.33 -0.13 40.10
C GLU D 1205 11.10 -1.07 41.04
N LEU D 1206 12.44 -1.10 40.91
CA LEU D 1206 13.36 -1.98 41.70
C LEU D 1206 13.96 -1.14 42.83
N GLU D 1207 15.30 -1.06 42.89
CA GLU D 1207 16.07 -0.25 43.87
C GLU D 1207 16.59 1.00 43.15
N ASN D 1208 16.83 2.09 43.86
CA ASN D 1208 17.55 3.28 43.32
C ASN D 1208 16.72 3.93 42.21
N GLY D 1209 15.39 3.76 42.26
CA GLY D 1209 14.46 4.30 41.26
C GLY D 1209 14.77 3.74 39.88
N ARG D 1210 15.52 2.65 39.86
CA ARG D 1210 15.75 1.83 38.65
C ARG D 1210 14.43 1.12 38.33
N LYS D 1211 13.99 1.16 37.08
CA LYS D 1211 12.71 0.53 36.66
C LYS D 1211 12.95 -0.35 35.42
N ARG D 1212 12.06 -1.32 35.20
CA ARG D 1212 12.13 -2.21 34.03
C ARG D 1212 10.70 -2.47 33.56
N MET D 1213 10.54 -2.58 32.26
CA MET D 1213 9.25 -2.89 31.61
C MET D 1213 9.32 -4.36 31.23
N LEU D 1214 8.23 -5.08 31.34
CA LEU D 1214 8.16 -6.49 30.88
C LEU D 1214 8.21 -6.47 29.35
N ALA D 1215 9.05 -7.26 28.69
CA ALA D 1215 8.93 -7.52 27.23
C ALA D 1215 8.29 -8.88 27.01
N SER D 1216 8.36 -9.76 28.01
CA SER D 1216 7.93 -11.17 27.92
C SER D 1216 7.98 -11.79 29.30
N ALA D 1217 7.56 -13.05 29.40
CA ALA D 1217 7.63 -13.87 30.63
C ALA D 1217 9.08 -14.02 31.07
N GLY D 1218 10.04 -13.89 30.14
CA GLY D 1218 11.47 -14.12 30.42
C GLY D 1218 12.41 -12.95 30.12
N VAL D 1219 11.95 -11.84 29.52
CA VAL D 1219 12.83 -10.71 29.08
C VAL D 1219 12.29 -9.36 29.59
N LEU D 1220 13.17 -8.49 30.08
CA LEU D 1220 12.81 -7.13 30.59
C LEU D 1220 13.28 -6.08 29.57
N GLN D 1221 12.82 -4.83 29.74
CA GLN D 1221 13.31 -3.65 28.96
C GLN D 1221 13.77 -2.57 29.92
N LYS D 1222 14.66 -1.72 29.41
CA LYS D 1222 15.09 -0.48 30.08
C LYS D 1222 13.80 0.30 30.37
N GLY D 1223 13.56 0.69 31.63
CA GLY D 1223 12.34 1.35 32.11
C GLY D 1223 12.55 2.83 32.41
N ASN D 1224 13.80 3.28 32.56
CA ASN D 1224 14.10 4.67 33.00
C ASN D 1224 14.39 5.55 31.78
N GLU D 1225 14.04 6.83 31.92
CA GLU D 1225 14.35 8.00 31.06
C GLU D 1225 15.50 8.75 31.68
N LEU D 1226 16.49 9.12 30.87
CA LEU D 1226 17.65 9.95 31.30
C LEU D 1226 17.35 11.42 31.01
N ALA D 1227 17.22 12.20 32.09
CA ALA D 1227 16.82 13.62 32.06
C ALA D 1227 18.07 14.51 32.06
N LEU D 1228 18.84 14.49 30.98
CA LEU D 1228 19.93 15.46 30.74
C LEU D 1228 19.42 16.90 30.89
N PRO D 1229 20.16 17.75 31.65
CA PRO D 1229 19.93 19.19 31.71
C PRO D 1229 19.92 19.89 30.35
N SER D 1230 18.99 20.85 30.20
CA SER D 1230 18.89 21.86 29.11
C SER D 1230 20.28 22.22 28.53
N LYS D 1231 21.16 22.72 29.40
CA LYS D 1231 22.45 23.32 28.99
C LYS D 1231 23.26 22.31 28.15
N TYR D 1232 23.24 21.03 28.50
CA TYR D 1232 23.99 19.99 27.75
C TYR D 1232 23.27 19.67 26.43
N VAL D 1233 21.94 19.60 26.46
CA VAL D 1233 21.10 19.39 25.24
C VAL D 1233 21.58 20.35 24.16
N ASN D 1234 21.59 21.65 24.47
CA ASN D 1234 21.80 22.70 23.44
C ASN D 1234 23.26 22.62 22.95
N PHE D 1235 24.19 22.35 23.86
CA PHE D 1235 25.62 22.20 23.52
C PHE D 1235 25.82 21.05 22.52
N LEU D 1236 25.09 19.95 22.72
CA LEU D 1236 25.11 18.77 21.82
C LEU D 1236 24.47 19.11 20.47
N TYR D 1237 23.48 20.00 20.47
CA TYR D 1237 22.75 20.47 19.26
C TYR D 1237 23.73 21.22 18.37
N LEU D 1238 24.30 22.28 18.94
CA LEU D 1238 25.19 23.23 18.24
C LEU D 1238 26.47 22.50 17.83
N ALA D 1239 27.03 21.66 18.70
CA ALA D 1239 28.22 20.83 18.43
C ALA D 1239 27.95 19.91 17.23
N SER D 1240 26.92 19.06 17.30
CA SER D 1240 26.56 18.07 16.25
C SER D 1240 26.58 18.76 14.88
N HIS D 1241 25.90 19.91 14.74
CA HIS D 1241 25.96 20.69 13.49
C HIS D 1241 26.62 22.04 13.75
N TYR D 1242 27.96 22.10 13.63
CA TYR D 1242 28.74 23.35 13.39
C TYR D 1242 28.39 23.90 11.98
N GLU D 1243 28.09 23.03 11.00
CA GLU D 1243 27.41 23.42 9.72
C GLU D 1243 26.00 23.99 10.03
N LYS D 1244 25.89 25.31 10.28
CA LYS D 1244 24.67 26.00 10.80
C LYS D 1244 24.27 27.13 9.84
N PRO D 1249 24.89 33.55 10.32
CA PRO D 1249 25.46 34.84 9.88
C PRO D 1249 26.57 35.38 10.81
N GLU D 1250 26.31 36.47 11.55
CA GLU D 1250 27.20 37.07 12.59
C GLU D 1250 26.90 36.39 13.93
N ASP D 1251 25.76 35.68 14.04
CA ASP D 1251 25.31 34.85 15.19
C ASP D 1251 26.03 33.50 15.22
N ASN D 1252 26.57 33.03 14.09
CA ASN D 1252 27.32 31.74 13.96
C ASN D 1252 28.72 31.87 14.61
N GLU D 1253 29.21 33.08 14.87
CA GLU D 1253 30.39 33.33 15.75
C GLU D 1253 29.95 33.00 17.19
N GLN D 1254 28.89 33.66 17.69
CA GLN D 1254 28.43 33.57 19.11
C GLN D 1254 27.97 32.14 19.39
N LYS D 1255 27.26 31.49 18.45
CA LYS D 1255 26.79 30.07 18.57
C LYS D 1255 27.98 29.11 18.43
N GLN D 1256 28.90 29.36 17.47
CA GLN D 1256 30.04 28.46 17.13
C GLN D 1256 31.10 28.52 18.24
N LEU D 1257 31.14 29.60 19.03
CA LEU D 1257 32.21 29.88 20.04
C LEU D 1257 31.87 29.19 21.36
N PHE D 1258 30.65 29.42 21.89
CA PHE D 1258 29.91 28.65 22.94
C PHE D 1258 30.37 27.20 22.98
N VAL D 1259 30.37 26.58 21.80
CA VAL D 1259 30.84 25.18 21.59
C VAL D 1259 32.29 25.09 22.05
N GLU D 1260 33.21 25.82 21.39
CA GLU D 1260 34.66 25.69 21.68
C GLU D 1260 34.93 26.13 23.14
N GLN D 1261 34.16 27.10 23.66
CA GLN D 1261 34.20 27.55 25.08
C GLN D 1261 34.02 26.32 25.99
N HIS D 1262 32.91 25.59 25.80
CA HIS D 1262 32.42 24.50 26.70
C HIS D 1262 32.83 23.11 26.19
N LYS D 1263 34.11 22.92 25.80
CA LYS D 1263 34.66 21.61 25.34
C LYS D 1263 34.52 20.64 26.48
N HIS D 1264 34.49 21.13 27.72
CA HIS D 1264 34.43 20.32 28.97
C HIS D 1264 32.98 19.95 29.31
N TYR D 1265 31.99 20.40 28.52
CA TYR D 1265 30.60 19.89 28.61
C TYR D 1265 30.59 18.41 28.21
N LEU D 1266 31.59 17.93 27.45
CA LEU D 1266 31.75 16.51 27.00
C LEU D 1266 31.96 15.63 28.22
N ASP D 1267 33.08 15.79 28.92
CA ASP D 1267 33.37 15.00 30.13
C ASP D 1267 32.12 15.02 31.02
N GLU D 1268 31.49 16.19 31.20
CA GLU D 1268 30.35 16.37 32.15
C GLU D 1268 29.13 15.58 31.67
N ILE D 1269 28.97 15.46 30.35
CA ILE D 1269 27.87 14.71 29.67
C ILE D 1269 28.15 13.20 29.78
N ILE D 1270 29.39 12.79 29.53
CA ILE D 1270 29.82 11.38 29.67
C ILE D 1270 29.58 10.93 31.11
N GLU D 1271 29.96 11.75 32.09
CA GLU D 1271 29.79 11.40 33.52
C GLU D 1271 28.29 11.21 33.81
N GLN D 1272 27.41 11.96 33.14
CA GLN D 1272 25.95 11.95 33.44
C GLN D 1272 25.26 10.71 32.88
N ILE D 1273 25.77 10.17 31.75
CA ILE D 1273 25.46 8.82 31.18
C ILE D 1273 25.99 7.77 32.18
N SER D 1274 27.21 7.95 32.68
CA SER D 1274 27.84 6.98 33.59
C SER D 1274 27.03 6.86 34.88
N GLU D 1275 26.70 7.97 35.54
CA GLU D 1275 26.01 7.91 36.86
C GLU D 1275 24.71 7.16 36.63
N PHE D 1276 24.02 7.51 35.54
CA PHE D 1276 22.76 6.90 35.07
C PHE D 1276 22.98 5.42 34.79
N SER D 1277 23.85 5.10 33.84
CA SER D 1277 24.02 3.70 33.36
C SER D 1277 24.48 2.78 34.50
N LYS D 1278 25.34 3.27 35.39
CA LYS D 1278 25.84 2.55 36.60
C LYS D 1278 24.66 2.30 37.54
N ARG D 1279 23.69 3.19 37.56
CA ARG D 1279 22.62 3.08 38.56
C ARG D 1279 21.46 2.24 38.04
N VAL D 1280 21.08 2.33 36.77
CA VAL D 1280 19.78 1.77 36.28
C VAL D 1280 19.99 0.79 35.12
N ILE D 1281 20.94 1.04 34.23
CA ILE D 1281 21.24 0.17 33.06
C ILE D 1281 21.81 -1.18 33.53
N LEU D 1282 22.94 -1.12 34.22
CA LEU D 1282 23.66 -2.24 34.87
C LEU D 1282 24.31 -3.09 33.77
N ALA D 1283 24.96 -2.42 32.82
CA ALA D 1283 25.73 -3.03 31.71
C ALA D 1283 27.21 -2.69 31.90
N ASP D 1284 27.89 -3.49 32.72
CA ASP D 1284 29.21 -3.15 33.29
C ASP D 1284 30.23 -3.23 32.17
N ALA D 1285 30.12 -4.22 31.29
CA ALA D 1285 31.07 -4.42 30.18
C ALA D 1285 30.87 -3.29 29.17
N ASN D 1286 29.63 -2.97 28.84
CA ASN D 1286 29.34 -2.00 27.76
C ASN D 1286 29.76 -0.59 28.22
N LEU D 1287 29.49 -0.20 29.47
CA LEU D 1287 29.95 1.11 29.97
C LEU D 1287 31.49 1.19 29.88
N ASP D 1288 32.21 0.13 30.23
CA ASP D 1288 33.70 0.08 30.11
C ASP D 1288 34.12 0.34 28.66
N LYS D 1289 33.38 -0.19 27.69
CA LYS D 1289 33.75 -0.07 26.25
C LYS D 1289 33.46 1.36 25.78
N VAL D 1290 32.33 1.95 26.15
CA VAL D 1290 32.01 3.36 25.76
C VAL D 1290 33.04 4.30 26.42
N LEU D 1291 33.39 4.05 27.69
CA LEU D 1291 34.31 4.92 28.48
C LEU D 1291 35.63 4.95 27.74
N SER D 1292 36.19 3.78 27.43
CA SER D 1292 37.50 3.67 26.74
C SER D 1292 37.39 4.34 25.36
N ALA D 1293 36.49 3.86 24.49
CA ALA D 1293 36.18 4.42 23.16
C ALA D 1293 36.21 5.96 23.22
N TYR D 1294 35.52 6.56 24.20
CA TYR D 1294 35.41 8.03 24.37
C TYR D 1294 36.79 8.63 24.62
N ASN D 1295 37.47 8.16 25.66
CA ASN D 1295 38.80 8.66 26.08
C ASN D 1295 39.78 8.45 24.91
N LYS D 1296 39.54 7.45 24.05
CA LYS D 1296 40.47 7.10 22.95
C LYS D 1296 40.25 8.09 21.79
N HIS D 1297 39.13 8.80 21.73
CA HIS D 1297 38.78 9.65 20.56
C HIS D 1297 38.71 11.13 20.96
N ARG D 1298 39.41 11.54 22.03
CA ARG D 1298 39.30 12.90 22.63
C ARG D 1298 40.04 13.95 21.82
N ASP D 1299 41.01 13.56 20.99
CA ASP D 1299 41.84 14.51 20.19
C ASP D 1299 41.12 14.84 18.87
N LYS D 1300 39.90 14.32 18.67
CA LYS D 1300 39.06 14.52 17.45
C LYS D 1300 38.20 15.79 17.58
N PRO D 1301 37.60 16.31 16.49
CA PRO D 1301 36.80 17.53 16.55
C PRO D 1301 35.64 17.46 17.56
N ILE D 1302 35.19 18.61 18.04
CA ILE D 1302 34.07 18.74 19.02
C ILE D 1302 32.77 18.30 18.33
N ARG D 1303 32.66 18.52 17.00
CA ARG D 1303 31.55 18.10 16.10
C ARG D 1303 31.46 16.58 16.08
N GLU D 1304 32.57 15.89 15.78
CA GLU D 1304 32.65 14.42 15.62
C GLU D 1304 32.41 13.73 16.97
N GLN D 1305 32.66 14.38 18.10
CA GLN D 1305 32.49 13.77 19.43
C GLN D 1305 31.04 13.94 19.88
N ALA D 1306 30.36 15.02 19.48
CA ALA D 1306 28.93 15.27 19.76
C ALA D 1306 28.04 14.35 18.91
N GLU D 1307 28.41 14.08 17.65
CA GLU D 1307 27.65 13.17 16.72
C GLU D 1307 27.54 11.80 17.39
N ASN D 1308 28.56 11.44 18.17
CA ASN D 1308 28.79 10.07 18.69
C ASN D 1308 28.38 9.97 20.16
N ILE D 1309 28.41 11.07 20.93
CA ILE D 1309 27.68 11.11 22.23
C ILE D 1309 26.21 10.82 21.90
N ILE D 1310 25.65 11.59 20.99
CA ILE D 1310 24.28 11.41 20.45
C ILE D 1310 24.02 9.94 20.15
N HIS D 1311 25.03 9.11 19.84
CA HIS D 1311 24.83 7.65 19.62
C HIS D 1311 24.66 6.94 20.96
N LEU D 1312 25.42 7.33 22.00
CA LEU D 1312 25.51 6.59 23.30
C LEU D 1312 24.16 6.53 23.99
N PHE D 1313 23.28 7.48 23.71
CA PHE D 1313 21.99 7.59 24.42
C PHE D 1313 21.16 6.34 24.14
N THR D 1314 21.54 5.54 23.14
CA THR D 1314 20.90 4.23 22.91
C THR D 1314 21.27 3.38 24.13
N LEU D 1315 22.48 3.52 24.65
CA LEU D 1315 22.79 2.74 25.86
C LEU D 1315 21.65 2.98 26.85
N THR D 1316 21.23 4.23 26.98
CA THR D 1316 20.42 4.74 28.12
C THR D 1316 18.93 4.85 27.75
N ASN D 1317 18.58 4.82 26.46
CA ASN D 1317 17.20 4.97 25.93
C ASN D 1317 16.24 4.02 26.67
N LEU D 1318 15.07 4.52 27.11
CA LEU D 1318 13.91 3.67 27.49
C LEU D 1318 13.67 2.70 26.35
N GLY D 1319 13.33 1.43 26.65
CA GLY D 1319 12.99 0.42 25.64
C GLY D 1319 13.91 -0.79 25.67
N ALA D 1320 13.78 -1.66 24.66
CA ALA D 1320 14.63 -2.85 24.49
C ALA D 1320 16.05 -2.38 24.23
N PRO D 1321 17.07 -3.02 24.82
CA PRO D 1321 18.45 -2.75 24.43
C PRO D 1321 18.65 -2.96 22.94
N ALA D 1322 19.62 -2.26 22.35
CA ALA D 1322 19.95 -2.27 20.92
C ALA D 1322 21.40 -1.85 20.72
N ALA D 1323 22.04 -2.31 19.65
CA ALA D 1323 23.45 -2.02 19.35
C ALA D 1323 23.60 -0.56 18.87
N PHE D 1324 24.83 -0.06 18.97
CA PHE D 1324 25.20 1.27 18.43
C PHE D 1324 26.72 1.34 18.41
N LYS D 1325 27.28 2.17 17.52
CA LYS D 1325 28.73 2.46 17.47
C LYS D 1325 29.00 3.80 18.16
N TYR D 1326 30.04 3.83 18.99
CA TYR D 1326 30.81 5.05 19.30
C TYR D 1326 31.99 5.06 18.31
N PHE D 1327 32.01 5.99 17.36
CA PHE D 1327 32.93 6.00 16.20
C PHE D 1327 32.96 4.58 15.59
N ASP D 1328 34.11 3.91 15.62
CA ASP D 1328 34.34 2.66 14.86
C ASP D 1328 34.27 1.44 15.78
N THR D 1329 33.98 1.64 17.05
CA THR D 1329 33.69 0.56 18.05
C THR D 1329 32.16 0.37 18.14
N THR D 1330 31.62 -0.80 17.80
CA THR D 1330 30.20 -1.15 18.08
C THR D 1330 30.12 -1.68 19.50
N ILE D 1331 28.98 -1.49 20.16
CA ILE D 1331 28.68 -2.02 21.53
C ILE D 1331 27.38 -2.79 21.45
N ASP D 1332 27.48 -4.07 21.12
CA ASP D 1332 26.30 -4.96 21.00
C ASP D 1332 25.51 -4.93 22.31
N ARG D 1333 24.23 -5.19 22.19
CA ARG D 1333 23.17 -4.87 23.19
C ARG D 1333 23.30 -5.77 24.41
N LYS D 1334 23.36 -5.22 25.61
CA LYS D 1334 23.35 -6.01 26.87
C LYS D 1334 21.88 -6.22 27.27
N ARG D 1335 21.39 -7.44 27.12
CA ARG D 1335 19.95 -7.78 27.25
C ARG D 1335 19.64 -8.24 28.66
N TYR D 1336 18.37 -8.10 29.05
CA TYR D 1336 17.83 -8.52 30.37
C TYR D 1336 17.08 -9.83 30.15
N THR D 1337 17.68 -10.95 30.59
CA THR D 1337 17.32 -12.33 30.17
C THR D 1337 16.68 -13.10 31.34
N SER D 1338 16.18 -12.44 32.37
CA SER D 1338 15.35 -13.07 33.43
C SER D 1338 14.35 -12.06 33.98
N THR D 1339 13.20 -12.50 34.45
CA THR D 1339 12.20 -11.60 35.09
C THR D 1339 12.21 -11.79 36.61
N LYS D 1340 13.17 -12.53 37.14
CA LYS D 1340 13.02 -12.96 38.53
C LYS D 1340 13.02 -11.68 39.36
N GLU D 1341 13.92 -10.73 39.12
CA GLU D 1341 14.01 -9.57 40.04
C GLU D 1341 12.63 -8.94 40.22
N VAL D 1342 11.79 -8.81 39.19
CA VAL D 1342 10.52 -8.01 39.32
C VAL D 1342 9.59 -8.73 40.29
N LEU D 1343 9.78 -10.02 40.53
CA LEU D 1343 8.81 -10.75 41.37
C LEU D 1343 8.83 -10.22 42.80
N ASP D 1344 9.85 -9.47 43.20
CA ASP D 1344 9.93 -8.88 44.56
C ASP D 1344 10.00 -7.37 44.45
N ALA D 1345 9.73 -6.83 43.28
CA ALA D 1345 9.79 -5.37 42.98
C ALA D 1345 8.45 -4.68 43.25
N THR D 1346 8.34 -3.43 42.83
CA THR D 1346 7.07 -2.69 42.85
C THR D 1346 6.52 -2.65 41.43
N LEU D 1347 5.36 -3.27 41.21
CA LEU D 1347 4.56 -3.13 39.96
C LEU D 1347 3.90 -1.77 40.07
N ILE D 1348 4.09 -0.92 39.06
CA ILE D 1348 3.43 0.41 39.02
C ILE D 1348 2.40 0.36 37.91
N HIS D 1349 1.11 0.45 38.26
CA HIS D 1349 -0.01 0.54 37.31
C HIS D 1349 -0.26 2.01 37.06
N GLN D 1350 -0.06 2.51 35.84
CA GLN D 1350 -0.18 3.96 35.54
C GLN D 1350 -1.50 4.25 34.81
N SER D 1351 -2.12 5.39 35.07
CA SER D 1351 -3.20 5.95 34.21
C SER D 1351 -2.56 6.42 32.89
N ILE D 1352 -3.36 6.93 31.98
CA ILE D 1352 -2.86 7.16 30.60
C ILE D 1352 -1.92 8.36 30.59
N THR D 1353 -2.20 9.36 31.43
CA THR D 1353 -1.31 10.51 31.68
C THR D 1353 -0.15 10.07 32.59
N GLY D 1354 -0.36 9.06 33.40
CA GLY D 1354 0.63 8.62 34.38
C GLY D 1354 0.53 9.39 35.68
N LEU D 1355 -0.48 10.25 35.82
CA LEU D 1355 -0.66 11.08 37.02
C LEU D 1355 -1.28 10.23 38.13
N TYR D 1356 -2.23 9.36 37.78
CA TYR D 1356 -2.85 8.44 38.77
C TYR D 1356 -2.11 7.11 38.73
N GLU D 1357 -1.64 6.64 39.89
CA GLU D 1357 -0.85 5.40 40.04
C GLU D 1357 -1.47 4.52 41.12
N THR D 1358 -1.65 3.23 40.83
CA THR D 1358 -1.67 2.15 41.85
C THR D 1358 -0.31 1.46 41.85
N ARG D 1359 0.32 1.35 43.03
CA ARG D 1359 1.63 0.71 43.27
C ARG D 1359 1.46 -0.56 44.11
N ILE D 1360 1.88 -1.70 43.56
CA ILE D 1360 1.86 -3.00 44.26
C ILE D 1360 3.30 -3.40 44.57
N ASP D 1361 3.55 -3.83 45.80
CA ASP D 1361 4.77 -4.55 46.25
C ASP D 1361 4.53 -6.06 46.05
N LEU D 1362 5.30 -6.71 45.19
CA LEU D 1362 5.16 -8.15 44.93
C LEU D 1362 5.87 -8.93 46.04
N SER D 1363 6.71 -8.24 46.81
CA SER D 1363 7.37 -8.79 48.02
C SER D 1363 6.31 -9.17 49.05
N GLN D 1364 5.14 -8.57 49.01
CA GLN D 1364 4.03 -8.87 49.96
C GLN D 1364 3.09 -9.98 49.45
N LEU D 1365 3.33 -10.66 48.31
CA LEU D 1365 2.34 -11.64 47.75
C LEU D 1365 2.81 -13.09 47.91
N GLY D 1366 4.11 -13.36 47.74
CA GLY D 1366 4.64 -14.74 47.55
C GLY D 1366 4.63 -15.62 48.79
N GLY D 1367 3.43 -16.02 49.25
CA GLY D 1367 3.21 -16.88 50.44
C GLY D 1367 3.86 -16.33 51.69
P PO4 E . 13.10 8.24 35.54
O1 PO4 E . 14.37 8.32 36.37
O2 PO4 E . 11.87 8.17 36.45
O3 PO4 E . 13.16 7.02 34.65
O4 PO4 E . 13.04 9.49 34.67
P PO4 F . -12.97 -34.64 -27.86
O1 PO4 F . -12.87 -36.11 -27.42
O2 PO4 F . -14.11 -33.94 -27.12
O3 PO4 F . -11.64 -33.94 -27.56
O4 PO4 F . -13.23 -34.58 -29.36
P PO4 G . 29.54 26.19 32.88
O1 PO4 G . 29.93 26.02 34.35
O2 PO4 G . 30.64 25.64 31.98
O3 PO4 G . 29.32 27.68 32.58
O4 PO4 G . 28.25 25.43 32.62
P PO4 H . -3.77 -52.30 3.82
O1 PO4 H . -3.18 -52.30 5.22
O2 PO4 H . -4.99 -51.38 3.78
O3 PO4 H . -4.22 -53.71 3.45
O4 PO4 H . -2.70 -51.81 2.84
P PO4 I . 17.59 19.97 12.52
O1 PO4 I . 16.60 18.95 13.09
O2 PO4 I . 18.39 20.59 13.65
O3 PO4 I . 18.54 19.25 11.55
O4 PO4 I . 16.82 21.05 11.79
#